data_2BMV
# 
_entry.id   2BMV 
# 
_audit_conform.dict_name       mmcif_pdbx.dic 
_audit_conform.dict_version    5.382 
_audit_conform.dict_location   http://mmcif.pdb.org/dictionaries/ascii/mmcif_pdbx.dic 
# 
loop_
_database_2.database_id 
_database_2.database_code 
_database_2.pdbx_database_accession 
_database_2.pdbx_DOI 
PDB   2BMV         pdb_00002bmv 10.2210/pdb2bmv/pdb 
PDBE  EBI-23360    ?            ?                   
WWPDB D_1290023360 ?            ?                   
# 
_pdbx_database_status.status_code                     REL 
_pdbx_database_status.entry_id                        2BMV 
_pdbx_database_status.deposit_site                    PDBE 
_pdbx_database_status.process_site                    PDBE 
_pdbx_database_status.SG_entry                        . 
_pdbx_database_status.recvd_initial_deposition_date   2005-03-16 
_pdbx_database_status.pdb_format_compatible           Y 
_pdbx_database_status.status_code_sf                  REL 
_pdbx_database_status.status_code_mr                  ? 
_pdbx_database_status.status_code_cs                  ? 
_pdbx_database_status.methods_development_category    ? 
_pdbx_database_status.status_code_nmr_data            ? 
# 
loop_
_audit_author.name 
_audit_author.pdbx_ordinal 
_audit_author.identifier_ORCID 
'Martinez-Julvez, M.' 1 ? 
'Hermoso, J.A.'       2 ? 
'Sancho, J.'          3 ? 
'Perez-Dorado, I.'    4 ? 
'Cremades, N.'        5 ? 
'Bueno, M.'           6 ? 
# 
loop_
_citation.id 
_citation.title 
_citation.journal_abbrev 
_citation.journal_volume 
_citation.page_first 
_citation.page_last 
_citation.year 
_citation.journal_id_ASTM 
_citation.country 
_citation.journal_id_ISSN 
_citation.journal_id_CSD 
_citation.book_publisher 
_citation.pdbx_database_id_PubMed 
_citation.pdbx_database_id_DOI 
primary 
'Common Conformational Changes in Flavodoxins Induced by Fmn and Anion Binding: The Structure of Helicobacter Pylori Apoflavodoxin.' 
Proteins      69  581 ? 2007 PSFGEY US 0887-3585 0867 ? 17623845 10.1002/PROT.21410        
1       'Towards a Nwe Therapeutic Target: Helicobacter Pylori Flavodoxin' Biophys.Chem. 115 267 ? 2005 BICIAZ NE 0301-4622 0829 ? 
15752617 10.1016/J.BPC.2004.12.045 
# 
loop_
_citation_author.citation_id 
_citation_author.name 
_citation_author.ordinal 
_citation_author.identifier_ORCID 
primary 'Martinez-Julvez, M.' 1  ? 
primary 'Cremades, N.'        2  ? 
primary 'Bueno, M.'           3  ? 
primary 'Perez-Dorado, I.'    4  ? 
primary 'Maya, C.'            5  ? 
primary 'Cuesta-Lopez, S.'    6  ? 
primary 'Prada, D.'           7  ? 
primary 'Falo, F.'            8  ? 
primary 'Hermoso, J.A.'       9  ? 
primary 'Sancho, J.'          10 ? 
1       'Cremades, N.'        11 ? 
1       'Buen, M.'            12 ? 
1       'Toja, M.'            13 ? 
1       'Sancho, J.'          14 ? 
# 
_cell.entry_id           2BMV 
_cell.length_a           36.610 
_cell.length_b           45.712 
_cell.length_c           86.652 
_cell.angle_alpha        90.00 
_cell.angle_beta         90.00 
_cell.angle_gamma        90.00 
_cell.Z_PDB              4 
_cell.pdbx_unique_axis   ? 
# 
_symmetry.entry_id                         2BMV 
_symmetry.space_group_name_H-M             'P 21 21 21' 
_symmetry.pdbx_full_space_group_name_H-M   ? 
_symmetry.cell_setting                     ? 
_symmetry.Int_Tables_number                19 
# 
loop_
_entity.id 
_entity.type 
_entity.src_method 
_entity.pdbx_description 
_entity.formula_weight 
_entity.pdbx_number_of_molecules 
_entity.pdbx_ec 
_entity.pdbx_mutation 
_entity.pdbx_fragment 
_entity.details 
1 polymer     man FLAVODOXIN     17512.309 1   ? ? ? ? 
2 non-polymer syn BENZAMIDINE    120.152   1   ? ? ? ? 
3 non-polymer syn 'CHLORIDE ION' 35.453    1   ? ? ? ? 
4 water       nat water          18.015    111 ? ? ? ? 
# 
_entity_poly.entity_id                      1 
_entity_poly.type                           'polypeptide(L)' 
_entity_poly.nstd_linkage                   no 
_entity_poly.nstd_monomer                   no 
_entity_poly.pdbx_seq_one_letter_code       
;MGKIGIFFGTDSGNAEAIAEKISKAIGNAEVVDVAKASKEQFNSFTKVILVAPTAGAGDLQTDWEDFLGTLEASDFANKT
IGLVGLGDQDTYSETFAEGIFHIYEKAKAGKVVGQTSTDGYHFEASKAVEGGKFVGLVIDEDNQDDLTDERISKWVEQVK
GSFA
;
_entity_poly.pdbx_seq_one_letter_code_can   
;MGKIGIFFGTDSGNAEAIAEKISKAIGNAEVVDVAKASKEQFNSFTKVILVAPTAGAGDLQTDWEDFLGTLEASDFANKT
IGLVGLGDQDTYSETFAEGIFHIYEKAKAGKVVGQTSTDGYHFEASKAVEGGKFVGLVIDEDNQDDLTDERISKWVEQVK
GSFA
;
_entity_poly.pdbx_strand_id                 A 
_entity_poly.pdbx_target_identifier         ? 
# 
loop_
_entity_poly_seq.entity_id 
_entity_poly_seq.num 
_entity_poly_seq.mon_id 
_entity_poly_seq.hetero 
1 1   MET n 
1 2   GLY n 
1 3   LYS n 
1 4   ILE n 
1 5   GLY n 
1 6   ILE n 
1 7   PHE n 
1 8   PHE n 
1 9   GLY n 
1 10  THR n 
1 11  ASP n 
1 12  SER n 
1 13  GLY n 
1 14  ASN n 
1 15  ALA n 
1 16  GLU n 
1 17  ALA n 
1 18  ILE n 
1 19  ALA n 
1 20  GLU n 
1 21  LYS n 
1 22  ILE n 
1 23  SER n 
1 24  LYS n 
1 25  ALA n 
1 26  ILE n 
1 27  GLY n 
1 28  ASN n 
1 29  ALA n 
1 30  GLU n 
1 31  VAL n 
1 32  VAL n 
1 33  ASP n 
1 34  VAL n 
1 35  ALA n 
1 36  LYS n 
1 37  ALA n 
1 38  SER n 
1 39  LYS n 
1 40  GLU n 
1 41  GLN n 
1 42  PHE n 
1 43  ASN n 
1 44  SER n 
1 45  PHE n 
1 46  THR n 
1 47  LYS n 
1 48  VAL n 
1 49  ILE n 
1 50  LEU n 
1 51  VAL n 
1 52  ALA n 
1 53  PRO n 
1 54  THR n 
1 55  ALA n 
1 56  GLY n 
1 57  ALA n 
1 58  GLY n 
1 59  ASP n 
1 60  LEU n 
1 61  GLN n 
1 62  THR n 
1 63  ASP n 
1 64  TRP n 
1 65  GLU n 
1 66  ASP n 
1 67  PHE n 
1 68  LEU n 
1 69  GLY n 
1 70  THR n 
1 71  LEU n 
1 72  GLU n 
1 73  ALA n 
1 74  SER n 
1 75  ASP n 
1 76  PHE n 
1 77  ALA n 
1 78  ASN n 
1 79  LYS n 
1 80  THR n 
1 81  ILE n 
1 82  GLY n 
1 83  LEU n 
1 84  VAL n 
1 85  GLY n 
1 86  LEU n 
1 87  GLY n 
1 88  ASP n 
1 89  GLN n 
1 90  ASP n 
1 91  THR n 
1 92  TYR n 
1 93  SER n 
1 94  GLU n 
1 95  THR n 
1 96  PHE n 
1 97  ALA n 
1 98  GLU n 
1 99  GLY n 
1 100 ILE n 
1 101 PHE n 
1 102 HIS n 
1 103 ILE n 
1 104 TYR n 
1 105 GLU n 
1 106 LYS n 
1 107 ALA n 
1 108 LYS n 
1 109 ALA n 
1 110 GLY n 
1 111 LYS n 
1 112 VAL n 
1 113 VAL n 
1 114 GLY n 
1 115 GLN n 
1 116 THR n 
1 117 SER n 
1 118 THR n 
1 119 ASP n 
1 120 GLY n 
1 121 TYR n 
1 122 HIS n 
1 123 PHE n 
1 124 GLU n 
1 125 ALA n 
1 126 SER n 
1 127 LYS n 
1 128 ALA n 
1 129 VAL n 
1 130 GLU n 
1 131 GLY n 
1 132 GLY n 
1 133 LYS n 
1 134 PHE n 
1 135 VAL n 
1 136 GLY n 
1 137 LEU n 
1 138 VAL n 
1 139 ILE n 
1 140 ASP n 
1 141 GLU n 
1 142 ASP n 
1 143 ASN n 
1 144 GLN n 
1 145 ASP n 
1 146 ASP n 
1 147 LEU n 
1 148 THR n 
1 149 ASP n 
1 150 GLU n 
1 151 ARG n 
1 152 ILE n 
1 153 SER n 
1 154 LYS n 
1 155 TRP n 
1 156 VAL n 
1 157 GLU n 
1 158 GLN n 
1 159 VAL n 
1 160 LYS n 
1 161 GLY n 
1 162 SER n 
1 163 PHE n 
1 164 ALA n 
# 
_entity_src_gen.entity_id                          1 
_entity_src_gen.pdbx_src_id                        1 
_entity_src_gen.pdbx_alt_source_flag               sample 
_entity_src_gen.pdbx_seq_type                      ? 
_entity_src_gen.pdbx_beg_seq_num                   ? 
_entity_src_gen.pdbx_end_seq_num                   ? 
_entity_src_gen.gene_src_common_name               ? 
_entity_src_gen.gene_src_genus                     ? 
_entity_src_gen.pdbx_gene_src_gene                 ? 
_entity_src_gen.gene_src_species                   ? 
_entity_src_gen.gene_src_strain                    ? 
_entity_src_gen.gene_src_tissue                    ? 
_entity_src_gen.gene_src_tissue_fraction           ? 
_entity_src_gen.gene_src_details                   ? 
_entity_src_gen.pdbx_gene_src_fragment             ? 
_entity_src_gen.pdbx_gene_src_scientific_name      'HELICOBACTER PYLORI' 
_entity_src_gen.pdbx_gene_src_ncbi_taxonomy_id     210 
_entity_src_gen.pdbx_gene_src_variant              ? 
_entity_src_gen.pdbx_gene_src_cell_line            ? 
_entity_src_gen.pdbx_gene_src_atcc                 ? 
_entity_src_gen.pdbx_gene_src_organ                ? 
_entity_src_gen.pdbx_gene_src_organelle            ? 
_entity_src_gen.pdbx_gene_src_cell                 ? 
_entity_src_gen.pdbx_gene_src_cellular_location    ? 
_entity_src_gen.host_org_common_name               ? 
_entity_src_gen.pdbx_host_org_scientific_name      'ESCHERICHIA COLI' 
_entity_src_gen.pdbx_host_org_ncbi_taxonomy_id     562 
_entity_src_gen.host_org_genus                     ? 
_entity_src_gen.pdbx_host_org_gene                 ? 
_entity_src_gen.pdbx_host_org_organ                ? 
_entity_src_gen.host_org_species                   ? 
_entity_src_gen.pdbx_host_org_tissue               ? 
_entity_src_gen.pdbx_host_org_tissue_fraction      ? 
_entity_src_gen.pdbx_host_org_strain               ? 
_entity_src_gen.pdbx_host_org_variant              ? 
_entity_src_gen.pdbx_host_org_cell_line            ? 
_entity_src_gen.pdbx_host_org_atcc                 ? 
_entity_src_gen.pdbx_host_org_culture_collection   ? 
_entity_src_gen.pdbx_host_org_cell                 ? 
_entity_src_gen.pdbx_host_org_organelle            ? 
_entity_src_gen.pdbx_host_org_cellular_location    ? 
_entity_src_gen.pdbx_host_org_vector_type          PLASMID 
_entity_src_gen.pdbx_host_org_vector               ? 
_entity_src_gen.host_org_details                   ? 
_entity_src_gen.expression_system_id               ? 
_entity_src_gen.plasmid_name                       PET28A 
_entity_src_gen.plasmid_details                    ? 
_entity_src_gen.pdbx_description                   
'THE GENE THAT WAS EXPRESSED TO OBTAIN THE PROTEIN WAS ISOLATED FROM A PATIENT INFECTED WITH H.PYLORI SP.' 
# 
_struct_ref.id                         1 
_struct_ref.db_name                    UNP 
_struct_ref.db_code                    FLAV_HELPY 
_struct_ref.entity_id                  1 
_struct_ref.pdbx_seq_one_letter_code   ? 
_struct_ref.pdbx_align_begin           ? 
_struct_ref.pdbx_db_accession          O25776 
_struct_ref.pdbx_db_isoform            ? 
# 
_struct_ref_seq.align_id                      1 
_struct_ref_seq.ref_id                        1 
_struct_ref_seq.pdbx_PDB_id_code              2BMV 
_struct_ref_seq.pdbx_strand_id                A 
_struct_ref_seq.seq_align_beg                 1 
_struct_ref_seq.pdbx_seq_align_beg_ins_code   ? 
_struct_ref_seq.seq_align_end                 164 
_struct_ref_seq.pdbx_seq_align_end_ins_code   ? 
_struct_ref_seq.pdbx_db_accession             O25776 
_struct_ref_seq.db_align_beg                  1 
_struct_ref_seq.pdbx_db_align_beg_ins_code    ? 
_struct_ref_seq.db_align_end                  164 
_struct_ref_seq.pdbx_db_align_end_ins_code    ? 
_struct_ref_seq.pdbx_auth_seq_align_beg       1 
_struct_ref_seq.pdbx_auth_seq_align_end       164 
# 
loop_
_struct_ref_seq_dif.align_id 
_struct_ref_seq_dif.pdbx_pdb_id_code 
_struct_ref_seq_dif.mon_id 
_struct_ref_seq_dif.pdbx_pdb_strand_id 
_struct_ref_seq_dif.seq_num 
_struct_ref_seq_dif.pdbx_pdb_ins_code 
_struct_ref_seq_dif.pdbx_seq_db_name 
_struct_ref_seq_dif.pdbx_seq_db_accession_code 
_struct_ref_seq_dif.db_mon_id 
_struct_ref_seq_dif.pdbx_seq_db_seq_num 
_struct_ref_seq_dif.details 
_struct_ref_seq_dif.pdbx_auth_seq_num 
_struct_ref_seq_dif.pdbx_ordinal 
1 2BMV ASN A 78  ? UNP O25776 THR 78  conflict 78  1 
1 2BMV SER A 117 ? UNP O25776 PRO 117 conflict 117 2 
# 
loop_
_chem_comp.id 
_chem_comp.type 
_chem_comp.mon_nstd_flag 
_chem_comp.name 
_chem_comp.pdbx_synonyms 
_chem_comp.formula 
_chem_comp.formula_weight 
ALA 'L-peptide linking' y ALANINE         ? 'C3 H7 N O2'     89.093  
ARG 'L-peptide linking' y ARGININE        ? 'C6 H15 N4 O2 1' 175.209 
ASN 'L-peptide linking' y ASPARAGINE      ? 'C4 H8 N2 O3'    132.118 
ASP 'L-peptide linking' y 'ASPARTIC ACID' ? 'C4 H7 N O4'     133.103 
BEN non-polymer         . BENZAMIDINE     ? 'C7 H8 N2'       120.152 
CL  non-polymer         . 'CHLORIDE ION'  ? 'Cl -1'          35.453  
GLN 'L-peptide linking' y GLUTAMINE       ? 'C5 H10 N2 O3'   146.144 
GLU 'L-peptide linking' y 'GLUTAMIC ACID' ? 'C5 H9 N O4'     147.129 
GLY 'peptide linking'   y GLYCINE         ? 'C2 H5 N O2'     75.067  
HIS 'L-peptide linking' y HISTIDINE       ? 'C6 H10 N3 O2 1' 156.162 
HOH non-polymer         . WATER           ? 'H2 O'           18.015  
ILE 'L-peptide linking' y ISOLEUCINE      ? 'C6 H13 N O2'    131.173 
LEU 'L-peptide linking' y LEUCINE         ? 'C6 H13 N O2'    131.173 
LYS 'L-peptide linking' y LYSINE          ? 'C6 H15 N2 O2 1' 147.195 
MET 'L-peptide linking' y METHIONINE      ? 'C5 H11 N O2 S'  149.211 
PHE 'L-peptide linking' y PHENYLALANINE   ? 'C9 H11 N O2'    165.189 
PRO 'L-peptide linking' y PROLINE         ? 'C5 H9 N O2'     115.130 
SER 'L-peptide linking' y SERINE          ? 'C3 H7 N O3'     105.093 
THR 'L-peptide linking' y THREONINE       ? 'C4 H9 N O3'     119.119 
TRP 'L-peptide linking' y TRYPTOPHAN      ? 'C11 H12 N2 O2'  204.225 
TYR 'L-peptide linking' y TYROSINE        ? 'C9 H11 N O3'    181.189 
VAL 'L-peptide linking' y VALINE          ? 'C5 H11 N O2'    117.146 
# 
_exptl.entry_id          2BMV 
_exptl.method            'X-RAY DIFFRACTION' 
_exptl.crystals_number   1 
# 
_exptl_crystal.id                    1 
_exptl_crystal.density_meas          ? 
_exptl_crystal.density_Matthews      2.13 
_exptl_crystal.density_percent_sol   42.3 
_exptl_crystal.description           ? 
# 
_exptl_crystal_grow.crystal_id      1 
_exptl_crystal_grow.method          ? 
_exptl_crystal_grow.temp            ? 
_exptl_crystal_grow.temp_details    ? 
_exptl_crystal_grow.pH              7.50 
_exptl_crystal_grow.pdbx_pH_range   ? 
_exptl_crystal_grow.pdbx_details    'pH 7.50' 
# 
_diffrn.id                     1 
_diffrn.ambient_temp           100.0 
_diffrn.ambient_temp_details   ? 
_diffrn.crystal_id             1 
# 
_diffrn_detector.diffrn_id              1 
_diffrn_detector.detector               CCD 
_diffrn_detector.type                   BRUCKER-NONIUS 
_diffrn_detector.pdbx_collection_date   2004-10-25 
_diffrn_detector.details                'MONTEL MIRRORS' 
# 
_diffrn_radiation.diffrn_id                        1 
_diffrn_radiation.wavelength_id                    1 
_diffrn_radiation.pdbx_monochromatic_or_laue_m_l   M 
_diffrn_radiation.monochromator                    'NI FILTER' 
_diffrn_radiation.pdbx_diffrn_protocol             'SINGLE WAVELENGTH' 
_diffrn_radiation.pdbx_scattering_type             x-ray 
# 
_diffrn_radiation_wavelength.id           1 
_diffrn_radiation_wavelength.wavelength   1.5418 
_diffrn_radiation_wavelength.wt           1.0 
# 
_diffrn_source.diffrn_id                   1 
_diffrn_source.source                      'ROTATING ANODE' 
_diffrn_source.type                        'ROTATING ANODE' 
_diffrn_source.pdbx_synchrotron_site       ? 
_diffrn_source.pdbx_synchrotron_beamline   ? 
_diffrn_source.pdbx_wavelength             1.5418 
_diffrn_source.pdbx_wavelength_list        ? 
# 
_reflns.pdbx_diffrn_id               1 
_reflns.pdbx_ordinal                 1 
_reflns.entry_id                     2BMV 
_reflns.observed_criterion_sigma_I   ? 
_reflns.observed_criterion_sigma_F   ? 
_reflns.d_resolution_low             20.300 
_reflns.d_resolution_high            2.040 
_reflns.number_obs                   9402 
_reflns.number_all                   ? 
_reflns.percent_possible_obs         98.9 
_reflns.pdbx_Rmerge_I_obs            0.17000 
_reflns.pdbx_Rsym_value              0.17000 
_reflns.pdbx_netI_over_sigmaI        11.8000 
_reflns.B_iso_Wilson_estimate        ? 
_reflns.pdbx_redundancy              5.100 
_reflns.pdbx_CC_half                 ? 
_reflns.pdbx_Rpim_I_all              ? 
_reflns.pdbx_Rrim_I_all              ? 
# 
_reflns_shell.pdbx_diffrn_id         1 
_reflns_shell.pdbx_ordinal           1 
_reflns_shell.d_res_high             2.11 
_reflns_shell.d_res_low              2.18 
_reflns_shell.percent_possible_all   90.4 
_reflns_shell.Rmerge_I_obs           0.56000 
_reflns_shell.pdbx_Rsym_value        0.56000 
_reflns_shell.meanI_over_sigI_obs    1.300 
_reflns_shell.pdbx_redundancy        1.80 
_reflns_shell.number_measured_obs    ? 
_reflns_shell.number_unique_all      ? 
_reflns_shell.number_unique_obs      ? 
_reflns_shell.pdbx_CC_half           ? 
_reflns_shell.pdbx_Rpim_I_all        ? 
_reflns_shell.pdbx_Rrim_I_all        ? 
# 
_refine.pdbx_refine_id                           'X-RAY DIFFRACTION' 
_refine.entry_id                                 2BMV 
_refine.pdbx_diffrn_id                           1 
_refine.pdbx_TLS_residual_ADP_flag               'LIKELY RESIDUAL' 
_refine.ls_number_reflns_obs                     8016 
_refine.ls_number_reflns_all                     ? 
_refine.pdbx_ls_sigma_I                          ? 
_refine.pdbx_ls_sigma_F                          ? 
_refine.pdbx_data_cutoff_high_absF               ? 
_refine.pdbx_data_cutoff_low_absF                ? 
_refine.pdbx_data_cutoff_high_rms_absF           ? 
_refine.ls_d_res_low                             9.00 
_refine.ls_d_res_high                            2.11 
_refine.ls_percent_reflns_obs                    100.0 
_refine.ls_R_factor_obs                          0.206 
_refine.ls_R_factor_all                          ? 
_refine.ls_R_factor_R_work                       0.200 
_refine.ls_R_factor_R_free                       0.288 
_refine.ls_R_factor_R_free_error                 ? 
_refine.ls_R_factor_R_free_error_details         ? 
_refine.ls_percent_reflns_R_free                 7.200 
_refine.ls_number_reflns_R_free                  625 
_refine.ls_number_parameters                     ? 
_refine.ls_number_restraints                     ? 
_refine.occupancy_min                            ? 
_refine.occupancy_max                            ? 
_refine.correlation_coeff_Fo_to_Fc               0.937 
_refine.correlation_coeff_Fo_to_Fc_free          0.875 
_refine.B_iso_mean                               19.55 
_refine.aniso_B[1][1]                            -0.49000 
_refine.aniso_B[2][2]                            0.09000 
_refine.aniso_B[3][3]                            0.40000 
_refine.aniso_B[1][2]                            0.00000 
_refine.aniso_B[1][3]                            0.00000 
_refine.aniso_B[2][3]                            0.00000 
_refine.solvent_model_details                    ? 
_refine.solvent_model_param_ksol                 ? 
_refine.solvent_model_param_bsol                 ? 
_refine.pdbx_solvent_vdw_probe_radii             ? 
_refine.pdbx_solvent_ion_probe_radii             ? 
_refine.pdbx_solvent_shrinkage_radii             ? 
_refine.pdbx_ls_cross_valid_method               THROUGHOUT 
_refine.details                                  'HYDROGENS HAVE BEEN ADDED IN THE RIDING POSITIONS.' 
_refine.pdbx_starting_model                      'PDB ENTRY 1FUE' 
_refine.pdbx_method_to_determine_struct          'MOLECULAR REPLACEMENT' 
_refine.pdbx_isotropic_thermal_model             ? 
_refine.pdbx_stereochemistry_target_values       'MAXIMUM LIKELIHOOD' 
_refine.pdbx_stereochem_target_val_spec_case     ? 
_refine.pdbx_R_Free_selection_details            RANDOM 
_refine.pdbx_overall_ESU_R                       0.311 
_refine.pdbx_overall_ESU_R_Free                  0.256 
_refine.overall_SU_ML                            0.184 
_refine.pdbx_overall_phase_error                 ? 
_refine.overall_SU_B                             7.122 
_refine.overall_SU_R_Cruickshank_DPI             ? 
_refine.pdbx_overall_SU_R_free_Cruickshank_DPI   ? 
_refine.pdbx_overall_SU_R_Blow_DPI               ? 
_refine.pdbx_overall_SU_R_free_Blow_DPI          ? 
# 
_refine_hist.pdbx_refine_id                   'X-RAY DIFFRACTION' 
_refine_hist.cycle_id                         LAST 
_refine_hist.pdbx_number_atoms_protein        1228 
_refine_hist.pdbx_number_atoms_nucleic_acid   0 
_refine_hist.pdbx_number_atoms_ligand         10 
_refine_hist.number_atoms_solvent             111 
_refine_hist.number_atoms_total               1349 
_refine_hist.d_res_high                       2.11 
_refine_hist.d_res_low                        9.00 
# 
loop_
_refine_ls_restr.type 
_refine_ls_restr.dev_ideal 
_refine_ls_restr.dev_ideal_target 
_refine_ls_restr.weight 
_refine_ls_restr.number 
_refine_ls_restr.pdbx_refine_id 
_refine_ls_restr.pdbx_restraint_function 
r_bond_refined_d             0.014 0.021 ? 1256 'X-RAY DIFFRACTION' ? 
r_bond_other_d               0.002 0.020 ? 1095 'X-RAY DIFFRACTION' ? 
r_angle_refined_deg          1.464 1.942 ? 1693 'X-RAY DIFFRACTION' ? 
r_angle_other_deg            0.829 3.000 ? 2561 'X-RAY DIFFRACTION' ? 
r_dihedral_angle_1_deg       6.729 5.000 ? 162  'X-RAY DIFFRACTION' ? 
r_dihedral_angle_2_deg       ?     ?     ? ?    'X-RAY DIFFRACTION' ? 
r_dihedral_angle_3_deg       ?     ?     ? ?    'X-RAY DIFFRACTION' ? 
r_dihedral_angle_4_deg       ?     ?     ? ?    'X-RAY DIFFRACTION' ? 
r_chiral_restr               0.087 0.200 ? 187  'X-RAY DIFFRACTION' ? 
r_gen_planes_refined         0.005 0.020 ? 1440 'X-RAY DIFFRACTION' ? 
r_gen_planes_other           0.002 0.020 ? 252  'X-RAY DIFFRACTION' ? 
r_nbd_refined                0.218 0.200 ? 284  'X-RAY DIFFRACTION' ? 
r_nbd_other                  0.249 0.200 ? 1244 'X-RAY DIFFRACTION' ? 
r_nbtor_refined              ?     ?     ? ?    'X-RAY DIFFRACTION' ? 
r_nbtor_other                0.088 0.200 ? 716  'X-RAY DIFFRACTION' ? 
r_xyhbond_nbd_refined        0.192 0.200 ? 84   'X-RAY DIFFRACTION' ? 
r_xyhbond_nbd_other          ?     ?     ? ?    'X-RAY DIFFRACTION' ? 
r_metal_ion_refined          ?     ?     ? ?    'X-RAY DIFFRACTION' ? 
r_metal_ion_other            ?     ?     ? ?    'X-RAY DIFFRACTION' ? 
r_symmetry_vdw_refined       0.251 0.200 ? 13   'X-RAY DIFFRACTION' ? 
r_symmetry_vdw_other         0.216 0.200 ? 33   'X-RAY DIFFRACTION' ? 
r_symmetry_hbond_refined     0.233 0.200 ? 10   'X-RAY DIFFRACTION' ? 
r_symmetry_hbond_other       ?     ?     ? ?    'X-RAY DIFFRACTION' ? 
r_symmetry_metal_ion_refined ?     ?     ? ?    'X-RAY DIFFRACTION' ? 
r_symmetry_metal_ion_other   ?     ?     ? ?    'X-RAY DIFFRACTION' ? 
r_mcbond_it                  0.639 1.500 ? 799  'X-RAY DIFFRACTION' ? 
r_mcbond_other               ?     ?     ? ?    'X-RAY DIFFRACTION' ? 
r_mcangle_it                 1.177 2.000 ? 1266 'X-RAY DIFFRACTION' ? 
r_mcangle_other              ?     ?     ? ?    'X-RAY DIFFRACTION' ? 
r_scbond_it                  1.977 3.000 ? 457  'X-RAY DIFFRACTION' ? 
r_scbond_other               ?     ?     ? ?    'X-RAY DIFFRACTION' ? 
r_scangle_it                 3.077 4.500 ? 427  'X-RAY DIFFRACTION' ? 
r_scangle_other              ?     ?     ? ?    'X-RAY DIFFRACTION' ? 
r_long_range_B_refined       ?     ?     ? ?    'X-RAY DIFFRACTION' ? 
r_long_range_B_other         ?     ?     ? ?    'X-RAY DIFFRACTION' ? 
r_rigid_bond_restr           ?     ?     ? ?    'X-RAY DIFFRACTION' ? 
r_sphericity_free            ?     ?     ? ?    'X-RAY DIFFRACTION' ? 
r_sphericity_bonded          ?     ?     ? ?    'X-RAY DIFFRACTION' ? 
# 
_refine_ls_shell.pdbx_refine_id                   'X-RAY DIFFRACTION' 
_refine_ls_shell.pdbx_total_number_of_bins_used   20 
_refine_ls_shell.d_res_high                       2.11 
_refine_ls_shell.d_res_low                        2.16 
_refine_ls_shell.number_reflns_R_work             520 
_refine_ls_shell.R_factor_R_work                  0.2590 
_refine_ls_shell.percent_reflns_obs               ? 
_refine_ls_shell.R_factor_R_free                  0.3510 
_refine_ls_shell.R_factor_R_free_error            ? 
_refine_ls_shell.percent_reflns_R_free            ? 
_refine_ls_shell.number_reflns_R_free             43 
_refine_ls_shell.number_reflns_all                ? 
_refine_ls_shell.R_factor_all                     ? 
_refine_ls_shell.R_factor_obs                     ? 
_refine_ls_shell.number_reflns_obs                ? 
# 
_struct.entry_id                  2BMV 
_struct.title                     'Apoflavodoxin from Helicobacter pylori' 
_struct.pdbx_model_details        ? 
_struct.pdbx_CASP_flag            ? 
_struct.pdbx_model_type_details   ? 
# 
_struct_keywords.entry_id        2BMV 
_struct_keywords.pdbx_keywords   'ELECTRON TRANSPORT' 
_struct_keywords.text            'ELECTRON TRANSPORT, FLAVOPROTEIN, HELICOBACTER PYLORI, FMN, TRANSPORT PROTEIN' 
# 
loop_
_struct_asym.id 
_struct_asym.pdbx_blank_PDB_chainid_flag 
_struct_asym.pdbx_modified 
_struct_asym.entity_id 
_struct_asym.details 
A N N 1 ? 
B N N 2 ? 
C N N 3 ? 
D N N 4 ? 
# 
loop_
_struct_conf.conf_type_id 
_struct_conf.id 
_struct_conf.pdbx_PDB_helix_id 
_struct_conf.beg_label_comp_id 
_struct_conf.beg_label_asym_id 
_struct_conf.beg_label_seq_id 
_struct_conf.pdbx_beg_PDB_ins_code 
_struct_conf.end_label_comp_id 
_struct_conf.end_label_asym_id 
_struct_conf.end_label_seq_id 
_struct_conf.pdbx_end_PDB_ins_code 
_struct_conf.beg_auth_comp_id 
_struct_conf.beg_auth_asym_id 
_struct_conf.beg_auth_seq_id 
_struct_conf.end_auth_comp_id 
_struct_conf.end_auth_asym_id 
_struct_conf.end_auth_seq_id 
_struct_conf.pdbx_PDB_helix_class 
_struct_conf.details 
_struct_conf.pdbx_PDB_helix_length 
HELX_P HELX_P1 1 GLY A 13  ? GLY A 27  ? GLY A 13  GLY A 27  1 ? 15 
HELX_P HELX_P2 2 ALA A 35  ? ALA A 37  ? ALA A 35  ALA A 37  5 ? 3  
HELX_P HELX_P3 3 SER A 38  ? ASN A 43  ? SER A 38  ASN A 43  1 ? 6  
HELX_P HELX_P4 4 GLN A 61  ? GLY A 69  ? GLN A 61  GLY A 69  1 ? 9  
HELX_P HELX_P5 5 ALA A 73  ? ASN A 78  ? ALA A 73  ASN A 78  1 ? 6  
HELX_P HELX_P6 6 GLU A 98  ? LYS A 108 ? GLU A 98  LYS A 108 1 ? 11 
HELX_P HELX_P7 7 GLN A 144 ? ASP A 146 ? GLN A 144 ASP A 146 5 ? 3  
HELX_P HELX_P8 8 LEU A 147 ? LYS A 160 ? LEU A 147 LYS A 160 1 ? 14 
# 
_struct_conf_type.id          HELX_P 
_struct_conf_type.criteria    ? 
_struct_conf_type.reference   ? 
# 
loop_
_struct_sheet.id 
_struct_sheet.type 
_struct_sheet.number_strands 
_struct_sheet.details 
AA ? 4 ? 
AB ? 4 ? 
AC ? 3 ? 
# 
loop_
_struct_sheet_order.sheet_id 
_struct_sheet_order.range_id_1 
_struct_sheet_order.range_id_2 
_struct_sheet_order.offset 
_struct_sheet_order.sense 
AA 1 2 ? parallel      
AA 2 3 ? parallel      
AA 3 4 ? parallel      
AB 1 2 ? parallel      
AB 2 3 ? parallel      
AB 3 4 ? anti-parallel 
AC 1 2 ? anti-parallel 
AC 2 3 ? anti-parallel 
# 
loop_
_struct_sheet_range.sheet_id 
_struct_sheet_range.id 
_struct_sheet_range.beg_label_comp_id 
_struct_sheet_range.beg_label_asym_id 
_struct_sheet_range.beg_label_seq_id 
_struct_sheet_range.pdbx_beg_PDB_ins_code 
_struct_sheet_range.end_label_comp_id 
_struct_sheet_range.end_label_asym_id 
_struct_sheet_range.end_label_seq_id 
_struct_sheet_range.pdbx_end_PDB_ins_code 
_struct_sheet_range.beg_auth_comp_id 
_struct_sheet_range.beg_auth_asym_id 
_struct_sheet_range.beg_auth_seq_id 
_struct_sheet_range.end_auth_comp_id 
_struct_sheet_range.end_auth_asym_id 
_struct_sheet_range.end_auth_seq_id 
AA 1 ALA A 29  ? ASP A 33  ? ALA A 29  ASP A 33  
AA 2 ILE A 4   ? PHE A 8   ? ILE A 4   PHE A 8   
AA 3 LYS A 47  ? ALA A 55  ? LYS A 47  ALA A 55  
AA 4 THR A 80  ? LEU A 86  ? THR A 80  LEU A 86  
AB 1 ALA A 29  ? ASP A 33  ? ALA A 29  ASP A 33  
AB 2 ILE A 4   ? PHE A 8   ? ILE A 4   PHE A 8   
AB 3 LYS A 47  ? ALA A 55  ? LYS A 47  ALA A 55  
AB 4 ASP A 59  ? LEU A 60  ? ASP A 59  LEU A 60  
AC 1 THR A 116 ? SER A 117 ? THR A 116 SER A 117 
AC 2 LYS A 133 ? PHE A 134 ? LYS A 133 PHE A 134 
AC 3 VAL A 129 ? GLU A 130 ? VAL A 129 GLU A 130 
# 
loop_
_pdbx_struct_sheet_hbond.sheet_id 
_pdbx_struct_sheet_hbond.range_id_1 
_pdbx_struct_sheet_hbond.range_id_2 
_pdbx_struct_sheet_hbond.range_1_label_atom_id 
_pdbx_struct_sheet_hbond.range_1_label_comp_id 
_pdbx_struct_sheet_hbond.range_1_label_asym_id 
_pdbx_struct_sheet_hbond.range_1_label_seq_id 
_pdbx_struct_sheet_hbond.range_1_PDB_ins_code 
_pdbx_struct_sheet_hbond.range_1_auth_atom_id 
_pdbx_struct_sheet_hbond.range_1_auth_comp_id 
_pdbx_struct_sheet_hbond.range_1_auth_asym_id 
_pdbx_struct_sheet_hbond.range_1_auth_seq_id 
_pdbx_struct_sheet_hbond.range_2_label_atom_id 
_pdbx_struct_sheet_hbond.range_2_label_comp_id 
_pdbx_struct_sheet_hbond.range_2_label_asym_id 
_pdbx_struct_sheet_hbond.range_2_label_seq_id 
_pdbx_struct_sheet_hbond.range_2_PDB_ins_code 
_pdbx_struct_sheet_hbond.range_2_auth_atom_id 
_pdbx_struct_sheet_hbond.range_2_auth_comp_id 
_pdbx_struct_sheet_hbond.range_2_auth_asym_id 
_pdbx_struct_sheet_hbond.range_2_auth_seq_id 
AA 1 2 N GLU A 30  ? N GLU A 30  O ILE A 4   ? O ILE A 4   
AA 2 3 N GLY A 5   ? N GLY A 5   O LYS A 47  ? O LYS A 47  
AA 3 4 N VAL A 48  ? N VAL A 48  O THR A 80  ? O THR A 80  
AB 1 2 N GLU A 30  ? N GLU A 30  O ILE A 4   ? O ILE A 4   
AB 2 3 N GLY A 5   ? N GLY A 5   O LYS A 47  ? O LYS A 47  
AB 3 4 N ALA A 55  ? N ALA A 55  O ASP A 59  ? O ASP A 59  
AC 1 2 N THR A 116 ? N THR A 116 O PHE A 134 ? O PHE A 134 
AC 2 3 N LYS A 133 ? N LYS A 133 O GLU A 130 ? O GLU A 130 
# 
loop_
_struct_site.id 
_struct_site.pdbx_evidence_code 
_struct_site.pdbx_auth_asym_id 
_struct_site.pdbx_auth_comp_id 
_struct_site.pdbx_auth_seq_id 
_struct_site.pdbx_auth_ins_code 
_struct_site.pdbx_num_residues 
_struct_site.details 
AC1 Software ? ? ? ? 5 'BINDING SITE FOR RESIDUE CL A1166'  
AC2 Software ? ? ? ? 7 'BINDING SITE FOR RESIDUE BEN A1165' 
# 
loop_
_struct_site_gen.id 
_struct_site_gen.site_id 
_struct_site_gen.pdbx_num_res 
_struct_site_gen.label_comp_id 
_struct_site_gen.label_asym_id 
_struct_site_gen.label_seq_id 
_struct_site_gen.pdbx_auth_ins_code 
_struct_site_gen.auth_comp_id 
_struct_site_gen.auth_asym_id 
_struct_site_gen.auth_seq_id 
_struct_site_gen.label_atom_id 
_struct_site_gen.label_alt_id 
_struct_site_gen.symmetry 
_struct_site_gen.details 
1  AC1 5 THR A 10 ? THR A 10   . ? 1_555 ? 
2  AC1 5 SER A 12 ? SER A 12   . ? 1_555 ? 
3  AC1 5 ALA A 15 ? ALA A 15   . ? 1_555 ? 
4  AC1 5 PRO A 53 ? PRO A 53   . ? 1_555 ? 
5  AC1 5 HOH D .  ? HOH A 2005 . ? 1_555 ? 
6  AC2 7 GLY A 2  ? GLY A 2    . ? 1_555 ? 
7  AC2 7 GLU A 30 ? GLU A 30   . ? 1_555 ? 
8  AC2 7 VAL A 34 ? VAL A 34   . ? 1_555 ? 
9  AC2 7 ALA A 37 ? ALA A 37   . ? 1_555 ? 
10 AC2 7 ASP A 66 ? ASP A 66   . ? 1_555 ? 
11 AC2 7 THR A 70 ? THR A 70   . ? 1_555 ? 
12 AC2 7 HOH D .  ? HOH A 2111 . ? 1_555 ? 
# 
_atom_sites.entry_id                    2BMV 
_atom_sites.fract_transf_matrix[1][1]   0.00513595 
_atom_sites.fract_transf_matrix[1][2]   0.02616893 
_atom_sites.fract_transf_matrix[1][3]   -0.00590919 
_atom_sites.fract_transf_matrix[2][1]   0.00371216 
_atom_sites.fract_transf_matrix[2][2]   -0.00543923 
_atom_sites.fract_transf_matrix[2][3]   -0.02086131 
_atom_sites.fract_transf_matrix[3][1]   -0.01116373 
_atom_sites.fract_transf_matrix[3][2]   0.00164555 
_atom_sites.fract_transf_matrix[3][3]   -0.00241557 
_atom_sites.fract_transf_vector[1]      0.163155 
_atom_sites.fract_transf_vector[2]      0.479067 
_atom_sites.fract_transf_vector[3]      0.386962 
# 
loop_
_atom_type.symbol 
C  
CL 
N  
O  
# 
loop_
_atom_site.group_PDB 
_atom_site.id 
_atom_site.type_symbol 
_atom_site.label_atom_id 
_atom_site.label_alt_id 
_atom_site.label_comp_id 
_atom_site.label_asym_id 
_atom_site.label_entity_id 
_atom_site.label_seq_id 
_atom_site.pdbx_PDB_ins_code 
_atom_site.Cartn_x 
_atom_site.Cartn_y 
_atom_site.Cartn_z 
_atom_site.occupancy 
_atom_site.B_iso_or_equiv 
_atom_site.pdbx_formal_charge 
_atom_site.auth_seq_id 
_atom_site.auth_comp_id 
_atom_site.auth_asym_id 
_atom_site.auth_atom_id 
_atom_site.pdbx_PDB_model_num 
ATOM   1    N  N   . GLY A 1 2   ? 2.184   12.333  -13.634 1.00 32.18 ? 2    GLY A N   1 
ATOM   2    C  CA  . GLY A 1 2   ? 2.864   11.975  -14.922 1.00 31.69 ? 2    GLY A CA  1 
ATOM   3    C  C   . GLY A 1 2   ? 3.053   10.474  -15.030 1.00 31.44 ? 2    GLY A C   1 
ATOM   4    O  O   . GLY A 1 2   ? 2.357   9.835   -15.802 1.00 32.88 ? 2    GLY A O   1 
ATOM   5    N  N   . LYS A 1 3   ? 3.931   9.899   -14.202 1.00 29.89 ? 3    LYS A N   1 
ATOM   6    C  CA  . LYS A 1 3   ? 4.492   8.586   -14.477 1.00 28.34 ? 3    LYS A CA  1 
ATOM   7    C  C   . LYS A 1 3   ? 4.570   7.623   -13.268 1.00 26.61 ? 3    LYS A C   1 
ATOM   8    O  O   . LYS A 1 3   ? 4.692   6.424   -13.486 1.00 26.38 ? 3    LYS A O   1 
ATOM   9    C  CB  . LYS A 1 3   ? 5.852   8.759   -15.193 1.00 28.72 ? 3    LYS A CB  1 
ATOM   10   C  CG  . LYS A 1 3   ? 7.102   8.192   -14.485 1.00 30.26 ? 3    LYS A CG  1 
ATOM   11   C  CD  . LYS A 1 3   ? 8.423   8.685   -15.094 1.00 31.88 ? 3    LYS A CD  1 
ATOM   12   C  CE  . LYS A 1 3   ? 8.571   8.414   -16.607 1.00 33.35 ? 3    LYS A CE  1 
ATOM   13   N  NZ  . LYS A 1 3   ? 7.884   7.161   -17.082 1.00 34.01 ? 3    LYS A NZ  1 
ATOM   14   N  N   . ILE A 1 4   ? 4.494   8.110   -12.023 1.00 24.81 ? 4    ILE A N   1 
ATOM   15   C  CA  . ILE A 1 4   ? 4.161   7.218   -10.895 1.00 23.53 ? 4    ILE A CA  1 
ATOM   16   C  C   . ILE A 1 4   ? 2.644   7.011   -10.824 1.00 22.06 ? 4    ILE A C   1 
ATOM   17   O  O   . ILE A 1 4   ? 1.890   7.961   -10.731 1.00 22.04 ? 4    ILE A O   1 
ATOM   18   C  CB  . ILE A 1 4   ? 4.673   7.747   -9.541  1.00 23.48 ? 4    ILE A CB  1 
ATOM   19   C  CG1 . ILE A 1 4   ? 6.189   7.948   -9.545  1.00 23.19 ? 4    ILE A CG1 1 
ATOM   20   C  CG2 . ILE A 1 4   ? 4.349   6.759   -8.426  1.00 24.25 ? 4    ILE A CG2 1 
ATOM   21   C  CD1 . ILE A 1 4   ? 6.714   8.674   -8.288  1.00 21.77 ? 4    ILE A CD1 1 
ATOM   22   N  N   . GLY A 1 5   ? 2.197   5.765   -10.865 1.00 20.09 ? 5    GLY A N   1 
ATOM   23   C  CA  . GLY A 1 5   ? 0.782   5.457   -10.689 1.00 19.45 ? 5    GLY A CA  1 
ATOM   24   C  C   . GLY A 1 5   ? 0.443   5.032   -9.259  1.00 18.75 ? 5    GLY A C   1 
ATOM   25   O  O   . GLY A 1 5   ? 0.924   4.011   -8.766  1.00 18.48 ? 5    GLY A O   1 
ATOM   26   N  N   . ILE A 1 6   ? -0.399  5.816   -8.604  1.00 17.40 ? 6    ILE A N   1 
ATOM   27   C  CA  . ILE A 1 6   ? -0.788  5.562   -7.219  1.00 17.65 ? 6    ILE A CA  1 
ATOM   28   C  C   . ILE A 1 6   ? -2.248  5.092   -7.253  1.00 17.45 ? 6    ILE A C   1 
ATOM   29   O  O   . ILE A 1 6   ? -3.175  5.872   -7.530  1.00 17.36 ? 6    ILE A O   1 
ATOM   30   C  CB  . ILE A 1 6   ? -0.569  6.808   -6.344  1.00 17.21 ? 6    ILE A CB  1 
ATOM   31   C  CG1 . ILE A 1 6   ? 0.885   7.318   -6.521  1.00 17.96 ? 6    ILE A CG1 1 
ATOM   32   C  CG2 . ILE A 1 6   ? -0.862  6.500   -4.888  1.00 17.59 ? 6    ILE A CG2 1 
ATOM   33   C  CD1 . ILE A 1 6   ? 1.237   8.628   -5.794  1.00 17.73 ? 6    ILE A CD1 1 
ATOM   34   N  N   . PHE A 1 7   ? -2.385  3.778   -7.064  1.00 17.16 ? 7    PHE A N   1 
ATOM   35   C  CA  . PHE A 1 7   ? -3.644  3.043   -7.077  1.00 16.21 ? 7    PHE A CA  1 
ATOM   36   C  C   . PHE A 1 7   ? -4.182  2.853   -5.678  1.00 15.46 ? 7    PHE A C   1 
ATOM   37   O  O   . PHE A 1 7   ? -3.512  2.289   -4.846  1.00 14.93 ? 7    PHE A O   1 
ATOM   38   C  CB  . PHE A 1 7   ? -3.409  1.676   -7.710  1.00 15.89 ? 7    PHE A CB  1 
ATOM   39   C  CG  . PHE A 1 7   ? -3.143  1.760   -9.167  1.00 15.13 ? 7    PHE A CG  1 
ATOM   40   C  CD1 . PHE A 1 7   ? -1.847  1.893   -9.655  1.00 17.91 ? 7    PHE A CD1 1 
ATOM   41   C  CD2 . PHE A 1 7   ? -4.192  1.815   -10.061 1.00 15.82 ? 7    PHE A CD2 1 
ATOM   42   C  CE1 . PHE A 1 7   ? -1.611  2.005   -11.053 1.00 18.27 ? 7    PHE A CE1 1 
ATOM   43   C  CE2 . PHE A 1 7   ? -3.962  1.914   -11.433 1.00 16.68 ? 7    PHE A CE2 1 
ATOM   44   C  CZ  . PHE A 1 7   ? -2.676  2.012   -11.925 1.00 19.03 ? 7    PHE A CZ  1 
ATOM   45   N  N   . PHE A 1 8   ? -5.401  3.344   -5.439  1.00 14.90 ? 8    PHE A N   1 
ATOM   46   C  CA  . PHE A 1 8   ? -6.064  3.174   -4.181  1.00 14.94 ? 8    PHE A CA  1 
ATOM   47   C  C   . PHE A 1 8   ? -7.412  2.474   -4.358  1.00 15.14 ? 8    PHE A C   1 
ATOM   48   O  O   . PHE A 1 8   ? -8.003  2.498   -5.419  1.00 15.10 ? 8    PHE A O   1 
ATOM   49   C  CB  . PHE A 1 8   ? -6.295  4.524   -3.487  1.00 14.21 ? 8    PHE A CB  1 
ATOM   50   C  CG  . PHE A 1 8   ? -7.431  5.321   -4.082  1.00 13.98 ? 8    PHE A CG  1 
ATOM   51   C  CD1 . PHE A 1 8   ? -8.738  5.128   -3.651  1.00 15.85 ? 8    PHE A CD1 1 
ATOM   52   C  CD2 . PHE A 1 8   ? -7.189  6.251   -5.092  1.00 15.31 ? 8    PHE A CD2 1 
ATOM   53   C  CE1 . PHE A 1 8   ? -9.789  5.848   -4.220  1.00 14.87 ? 8    PHE A CE1 1 
ATOM   54   C  CE2 . PHE A 1 8   ? -8.250  6.983   -5.662  1.00 15.50 ? 8    PHE A CE2 1 
ATOM   55   C  CZ  . PHE A 1 8   ? -9.528  6.786   -5.230  1.00 13.50 ? 8    PHE A CZ  1 
ATOM   56   N  N   . GLY A 1 9   ? -7.850  1.869   -3.266  1.00 15.09 ? 9    GLY A N   1 
ATOM   57   C  CA  . GLY A 1 9   ? -9.160  1.284   -3.102  1.00 15.50 ? 9    GLY A CA  1 
ATOM   58   C  C   . GLY A 1 9   ? -9.581  1.656   -1.694  1.00 14.90 ? 9    GLY A C   1 
ATOM   59   O  O   . GLY A 1 9   ? -8.754  1.696   -0.797  1.00 15.29 ? 9    GLY A O   1 
ATOM   60   N  N   . THR A 1 10  ? -10.851 1.976   -1.501  1.00 15.12 ? 10   THR A N   1 
ATOM   61   C  CA  . THR A 1 10  ? -11.315 2.450   -0.216  1.00 14.88 ? 10   THR A CA  1 
ATOM   62   C  C   . THR A 1 10  ? -12.822 2.261   -0.023  1.00 16.17 ? 10   THR A C   1 
ATOM   63   O  O   . THR A 1 10  ? -13.570 2.388   -0.947  1.00 15.09 ? 10   THR A O   1 
ATOM   64   C  CB  . THR A 1 10  ? -10.928 3.936   -0.073  1.00 14.45 ? 10   THR A CB  1 
ATOM   65   O  OG1 . THR A 1 10  ? -11.244 4.372   1.250   1.00 12.34 ? 10   THR A OG1 1 
ATOM   66   C  CG2 . THR A 1 10  ? -11.732 4.821   -1.012  1.00 14.20 ? 10   THR A CG2 1 
ATOM   67   N  N   . ASP A 1 11  ? -13.220 1.884   1.191   1.00 17.27 ? 11   ASP A N   1 
ATOM   68   C  CA  . ASP A 1 11  ? -14.612 1.946   1.640   1.00 18.57 ? 11   ASP A CA  1 
ATOM   69   C  C   . ASP A 1 11  ? -14.923 3.230   2.428   1.00 18.46 ? 11   ASP A C   1 
ATOM   70   O  O   . ASP A 1 11  ? -16.033 3.679   2.393   1.00 18.97 ? 11   ASP A O   1 
ATOM   71   C  CB  . ASP A 1 11  ? -14.916 0.785   2.581   1.00 18.77 ? 11   ASP A CB  1 
ATOM   72   C  CG  . ASP A 1 11  ? -14.945 -0.531  1.891   1.00 19.78 ? 11   ASP A CG  1 
ATOM   73   O  OD1 . ASP A 1 11  ? -15.423 -0.613  0.729   1.00 18.86 ? 11   ASP A OD1 1 
ATOM   74   O  OD2 . ASP A 1 11  ? -14.507 -1.545  2.491   1.00 22.64 ? 11   ASP A OD2 1 
ATOM   75   N  N   . SER A 1 12  ? -13.939 3.791   3.141   1.00 18.92 ? 12   SER A N   1 
ATOM   76   C  CA  . SER A 1 12  ? -14.162 4.922   4.074   1.00 18.59 ? 12   SER A CA  1 
ATOM   77   C  C   . SER A 1 12  ? -13.717 6.255   3.507   1.00 18.12 ? 12   SER A C   1 
ATOM   78   O  O   . SER A 1 12  ? -14.155 7.313   3.990   1.00 19.12 ? 12   SER A O   1 
ATOM   79   C  CB  . SER A 1 12  ? -13.414 4.692   5.390   1.00 18.79 ? 12   SER A CB  1 
ATOM   80   O  OG  . SER A 1 12  ? -12.030 5.039   5.282   1.00 19.85 ? 12   SER A OG  1 
ATOM   81   N  N   . GLY A 1 13  ? -12.883 6.198   2.470   1.00 16.82 ? 13   GLY A N   1 
ATOM   82   C  CA  . GLY A 1 13  ? -12.242 7.369   1.896   1.00 16.10 ? 13   GLY A CA  1 
ATOM   83   C  C   . GLY A 1 13  ? -10.845 7.695   2.379   1.00 15.49 ? 13   GLY A C   1 
ATOM   84   O  O   . GLY A 1 13  ? -10.157 8.494   1.745   1.00 14.87 ? 13   GLY A O   1 
ATOM   85   N  N   . ASN A 1 14  ? -10.419 7.092   3.490   1.00 14.95 ? 14   ASN A N   1 
ATOM   86   C  CA  . ASN A 1 14  ? -9.105  7.378   4.068   1.00 15.06 ? 14   ASN A CA  1 
ATOM   87   C  C   . ASN A 1 14  ? -7.942  6.926   3.171   1.00 14.97 ? 14   ASN A C   1 
ATOM   88   O  O   . ASN A 1 14  ? -6.909  7.583   3.123   1.00 14.73 ? 14   ASN A O   1 
ATOM   89   C  CB  . ASN A 1 14  ? -8.954  6.717   5.446   1.00 15.63 ? 14   ASN A CB  1 
ATOM   90   C  CG  . ASN A 1 14  ? -9.654  7.499   6.583   1.00 16.02 ? 14   ASN A CG  1 
ATOM   91   O  OD1 . ASN A 1 14  ? -9.925  6.936   7.652   1.00 18.70 ? 14   ASN A OD1 1 
ATOM   92   N  ND2 . ASN A 1 14  ? -9.931  8.781   6.361   1.00 14.24 ? 14   ASN A ND2 1 
ATOM   93   N  N   . ALA A 1 15  ? -8.109  5.846   2.426   1.00 14.11 ? 15   ALA A N   1 
ATOM   94   C  CA  . ALA A 1 15  ? -7.046  5.414   1.513   1.00 14.91 ? 15   ALA A CA  1 
ATOM   95   C  C   . ALA A 1 15  ? -6.833  6.391   0.319   1.00 14.76 ? 15   ALA A C   1 
ATOM   96   O  O   . ALA A 1 15  ? -5.692  6.561   -0.158  1.00 15.37 ? 15   ALA A O   1 
ATOM   97   C  CB  . ALA A 1 15  ? -7.292  3.999   1.010   1.00 14.12 ? 15   ALA A CB  1 
ATOM   98   N  N   . GLU A 1 16  ? -7.903  7.024   -0.135  1.00 14.40 ? 16   GLU A N   1 
ATOM   99   C  CA  . GLU A 1 16  ? -7.800  8.019   -1.217  1.00 15.29 ? 16   GLU A CA  1 
ATOM   100  C  C   . GLU A 1 16  ? -7.047  9.240   -0.723  1.00 15.34 ? 16   GLU A C   1 
ATOM   101  O  O   . GLU A 1 16  ? -6.127  9.720   -1.382  1.00 15.69 ? 16   GLU A O   1 
ATOM   102  C  CB  . GLU A 1 16  ? -9.185  8.441   -1.720  1.00 14.54 ? 16   GLU A CB  1 
ATOM   103  C  CG  . GLU A 1 16  ? -9.131  9.481   -2.826  1.00 13.88 ? 16   GLU A CG  1 
ATOM   104  C  CD  . GLU A 1 16  ? -10.434 9.699   -3.572  1.00 14.30 ? 16   GLU A CD  1 
ATOM   105  O  OE1 . GLU A 1 16  ? -11.483 9.173   -3.181  1.00 14.75 ? 16   GLU A OE1 1 
ATOM   106  O  OE2 . GLU A 1 16  ? -10.393 10.435  -4.565  1.00 14.26 ? 16   GLU A OE2 1 
ATOM   107  N  N   . ALA A 1 17  ? -7.421  9.698   0.471   1.00 15.77 ? 17   ALA A N   1 
ATOM   108  C  CA  . ALA A 1 17  ? -6.814  10.865  1.087   1.00 15.50 ? 17   ALA A CA  1 
ATOM   109  C  C   . ALA A 1 17  ? -5.349  10.574  1.388   1.00 15.16 ? 17   ALA A C   1 
ATOM   110  O  O   . ALA A 1 17  ? -4.520  11.467  1.248   1.00 15.23 ? 17   ALA A O   1 
ATOM   111  C  CB  . ALA A 1 17  ? -7.571  11.272  2.350   1.00 15.23 ? 17   ALA A CB  1 
ATOM   112  N  N   . ILE A 1 18  ? -5.020  9.327   1.731   1.00 14.67 ? 18   ILE A N   1 
ATOM   113  C  CA  . ILE A 1 18  ? -3.604  8.948   1.917   1.00 15.52 ? 18   ILE A CA  1 
ATOM   114  C  C   . ILE A 1 18  ? -2.835  8.963   0.567   1.00 16.43 ? 18   ILE A C   1 
ATOM   115  O  O   . ILE A 1 18  ? -1.712  9.464   0.484   1.00 16.36 ? 18   ILE A O   1 
ATOM   116  C  CB  . ILE A 1 18  ? -3.445  7.553   2.572   1.00 15.53 ? 18   ILE A CB  1 
ATOM   117  C  CG1 . ILE A 1 18  ? -4.068  7.518   3.982   1.00 15.86 ? 18   ILE A CG1 1 
ATOM   118  C  CG2 . ILE A 1 18  ? -1.969  7.116   2.604   1.00 13.34 ? 18   ILE A CG2 1 
ATOM   119  C  CD1 . ILE A 1 18  ? -3.386  8.327   4.985   1.00 15.43 ? 18   ILE A CD1 1 
ATOM   120  N  N   . ALA A 1 19  ? -3.464  8.419   -0.463  1.00 16.46 ? 19   ALA A N   1 
ATOM   121  C  CA  . ALA A 1 19  ? -2.891  8.414   -1.794  1.00 17.46 ? 19   ALA A CA  1 
ATOM   122  C  C   . ALA A 1 19  ? -2.538  9.810   -2.251  1.00 18.04 ? 19   ALA A C   1 
ATOM   123  O  O   . ALA A 1 19  ? -1.510  9.960   -2.891  1.00 18.34 ? 19   ALA A O   1 
ATOM   124  C  CB  . ALA A 1 19  ? -3.831  7.805   -2.762  1.00 17.28 ? 19   ALA A CB  1 
ATOM   125  N  N   . GLU A 1 20  ? -3.414  10.789  -1.981  1.00 17.98 ? 20   GLU A N   1 
ATOM   126  C  CA  . GLU A 1 20  ? -3.222  12.148  -2.457  1.00 18.69 ? 20   GLU A CA  1 
ATOM   127  C  C   . GLU A 1 20  ? -2.092  12.814  -1.702  1.00 18.99 ? 20   GLU A C   1 
ATOM   128  O  O   . GLU A 1 20  ? -1.340  13.561  -2.301  1.00 18.82 ? 20   GLU A O   1 
ATOM   129  C  CB  . GLU A 1 20  ? -4.490  13.021  -2.298  1.00 19.33 ? 20   GLU A CB  1 
ATOM   130  C  CG  . GLU A 1 20  ? -5.641  12.620  -3.205  1.00 20.67 ? 20   GLU A CG  1 
ATOM   131  C  CD  . GLU A 1 20  ? -5.409  12.909  -4.670  1.00 21.94 ? 20   GLU A CD  1 
ATOM   132  O  OE1 . GLU A 1 20  ? -6.265  12.478  -5.480  1.00 22.68 ? 20   GLU A OE1 1 
ATOM   133  O  OE2 . GLU A 1 20  ? -4.402  13.577  -5.013  1.00 23.83 ? 20   GLU A OE2 1 
ATOM   134  N  N   . LYS A 1 21  ? -2.016  12.574  -0.391  1.00 18.65 ? 21   LYS A N   1 
ATOM   135  C  CA  . LYS A 1 21  ? -0.936  13.093  0.442   1.00 19.62 ? 21   LYS A CA  1 
ATOM   136  C  C   . LYS A 1 21  ? 0.412   12.593  -0.071  1.00 18.95 ? 21   LYS A C   1 
ATOM   137  O  O   . LYS A 1 21  ? 1.336   13.377  -0.233  1.00 18.00 ? 21   LYS A O   1 
ATOM   138  C  CB  . LYS A 1 21  ? -1.141  12.704  1.914   1.00 20.35 ? 21   LYS A CB  1 
ATOM   139  C  CG  . LYS A 1 21  ? -2.272  13.496  2.611   1.00 22.50 ? 21   LYS A CG  1 
ATOM   140  C  CD  . LYS A 1 21  ? -2.647  12.879  3.989   1.00 24.99 ? 21   LYS A CD  1 
ATOM   141  C  CE  . LYS A 1 21  ? -3.119  13.914  5.008   1.00 27.25 ? 21   LYS A CE  1 
ATOM   142  N  NZ  . LYS A 1 21  ? -3.118  13.333  6.388   1.00 27.61 ? 21   LYS A NZ  1 
ATOM   143  N  N   . ILE A 1 22  ? 0.474   11.309  -0.402  1.00 18.01 ? 22   ILE A N   1 
ATOM   144  C  CA  . ILE A 1 22  ? 1.676   10.702  -0.961  1.00 18.04 ? 22   ILE A CA  1 
ATOM   145  C  C   . ILE A 1 22  ? 2.010   11.326  -2.310  1.00 17.97 ? 22   ILE A C   1 
ATOM   146  O  O   . ILE A 1 22  ? 3.142   11.697  -2.564  1.00 18.49 ? 22   ILE A O   1 
ATOM   147  C  CB  . ILE A 1 22  ? 1.491   9.193   -1.166  1.00 17.89 ? 22   ILE A CB  1 
ATOM   148  C  CG1 . ILE A 1 22  ? 1.358   8.503   0.173   1.00 17.63 ? 22   ILE A CG1 1 
ATOM   149  C  CG2 . ILE A 1 22  ? 2.683   8.603   -1.905  1.00 15.88 ? 22   ILE A CG2 1 
ATOM   150  C  CD1 . ILE A 1 22  ? 1.105   7.022   0.034   1.00 20.15 ? 22   ILE A CD1 1 
ATOM   151  N  N   . SER A 1 23  ? 1.007   11.435  -3.159  1.00 18.08 ? 23   SER A N   1 
ATOM   152  C  CA  . SER A 1 23  ? 1.157   12.064  -4.453  1.00 17.91 ? 23   SER A CA  1 
ATOM   153  C  C   . SER A 1 23  ? 1.738   13.493  -4.366  1.00 17.39 ? 23   SER A C   1 
ATOM   154  O  O   . SER A 1 23  ? 2.599   13.864  -5.174  1.00 17.99 ? 23   SER A O   1 
ATOM   155  C  CB  . SER A 1 23  ? -0.188  12.073  -5.200  1.00 17.59 ? 23   SER A CB  1 
ATOM   156  O  OG  . SER A 1 23  ? -0.060  12.748  -6.451  1.00 17.14 ? 23   SER A OG  1 
ATOM   157  N  N   . LYS A 1 24  ? 1.287   14.288  -3.405  1.00 18.21 ? 24   LYS A N   1 
ATOM   158  C  CA  . LYS A 1 24  ? 1.783   15.686  -3.251  1.00 19.25 ? 24   LYS A CA  1 
ATOM   159  C  C   . LYS A 1 24  ? 3.217   15.706  -2.763  1.00 18.68 ? 24   LYS A C   1 
ATOM   160  O  O   . LYS A 1 24  ? 4.027   16.530  -3.183  1.00 17.22 ? 24   LYS A O   1 
ATOM   161  C  CB  . LYS A 1 24  ? 0.920   16.498  -2.279  1.00 20.32 ? 24   LYS A CB  1 
ATOM   162  C  CG  . LYS A 1 24  ? -0.526  16.686  -2.735  1.00 24.62 ? 24   LYS A CG  1 
ATOM   163  C  CD  . LYS A 1 24  ? -0.750  18.072  -3.350  1.00 30.15 ? 24   LYS A CD  1 
ATOM   164  C  CE  . LYS A 1 24  ? -2.109  18.123  -4.068  1.00 32.61 ? 24   LYS A CE  1 
ATOM   165  N  NZ  . LYS A 1 24  ? -2.063  17.555  -5.481  1.00 34.52 ? 24   LYS A NZ  1 
ATOM   166  N  N   . ALA A 1 25  ? 3.505   14.777  -1.862  1.00 19.41 ? 25   ALA A N   1 
ATOM   167  C  CA  . ALA A 1 25  ? 4.845   14.573  -1.333  1.00 20.06 ? 25   ALA A CA  1 
ATOM   168  C  C   . ALA A 1 25  ? 5.871   14.181  -2.426  1.00 20.21 ? 25   ALA A C   1 
ATOM   169  O  O   . ALA A 1 25  ? 6.846   14.890  -2.599  1.00 20.75 ? 25   ALA A O   1 
ATOM   170  C  CB  . ALA A 1 25  ? 4.818   13.552  -0.214  1.00 19.67 ? 25   ALA A CB  1 
ATOM   171  N  N   . ILE A 1 26  ? 5.626   13.104  -3.178  1.00 20.52 ? 26   ILE A N   1 
ATOM   172  C  CA  . ILE A 1 26  ? 6.635   12.516  -4.087  1.00 19.76 ? 26   ILE A CA  1 
ATOM   173  C  C   . ILE A 1 26  ? 6.722   13.245  -5.415  1.00 20.39 ? 26   ILE A C   1 
ATOM   174  O  O   . ILE A 1 26  ? 7.819   13.413  -5.944  1.00 20.20 ? 26   ILE A O   1 
ATOM   175  C  CB  . ILE A 1 26  ? 6.366   10.998  -4.303  1.00 19.89 ? 26   ILE A CB  1 
ATOM   176  C  CG1 . ILE A 1 26  ? 7.605   10.274  -4.833  1.00 20.94 ? 26   ILE A CG1 1 
ATOM   177  C  CG2 . ILE A 1 26  ? 5.184   10.728  -5.233  1.00 18.05 ? 26   ILE A CG2 1 
ATOM   178  C  CD1 . ILE A 1 26  ? 7.502   8.757   -4.692  1.00 19.99 ? 26   ILE A CD1 1 
ATOM   179  N  N   . GLY A 1 27  ? 5.582   13.723  -5.915  1.00 20.78 ? 27   GLY A N   1 
ATOM   180  C  CA  . GLY A 1 27  ? 5.499   14.410  -7.210  1.00 21.06 ? 27   GLY A CA  1 
ATOM   181  C  C   . GLY A 1 27  ? 5.372   13.414  -8.365  1.00 21.09 ? 27   GLY A C   1 
ATOM   182  O  O   . GLY A 1 27  ? 5.543   12.207  -8.148  1.00 21.64 ? 27   GLY A O   1 
ATOM   183  N  N   . ASN A 1 28  ? 5.049   13.927  -9.556  1.00 21.05 ? 28   ASN A N   1 
ATOM   184  C  CA  . ASN A 1 28  ? 5.046   13.185  -10.831 1.00 21.38 ? 28   ASN A CA  1 
ATOM   185  C  C   . ASN A 1 28  ? 4.186   11.919  -10.799 1.00 20.78 ? 28   ASN A C   1 
ATOM   186  O  O   . ASN A 1 28  ? 4.556   10.888  -11.347 1.00 21.33 ? 28   ASN A O   1 
ATOM   187  C  CB  . ASN A 1 28  ? 6.497   12.865  -11.261 1.00 22.59 ? 28   ASN A CB  1 
ATOM   188  C  CG  . ASN A 1 28  ? 6.602   12.236  -12.678 1.00 22.74 ? 28   ASN A CG  1 
ATOM   189  O  OD1 . ASN A 1 28  ? 7.351   11.274  -12.883 1.00 27.50 ? 28   ASN A OD1 1 
ATOM   190  N  ND2 . ASN A 1 28  ? 5.882   12.792  -13.641 1.00 25.00 ? 28   ASN A ND2 1 
ATOM   191  N  N   . ALA A 1 29  ? 3.043   11.999  -10.132 1.00 19.35 ? 29   ALA A N   1 
ATOM   192  C  CA  . ALA A 1 29  ? 2.220   10.829  -9.906  1.00 18.63 ? 29   ALA A CA  1 
ATOM   193  C  C   . ALA A 1 29  ? 0.828   11.105  -10.425 1.00 17.82 ? 29   ALA A C   1 
ATOM   194  O  O   . ALA A 1 29  ? 0.460   12.239  -10.635 1.00 15.10 ? 29   ALA A O   1 
ATOM   195  C  CB  . ALA A 1 29  ? 2.155   10.471  -8.438  1.00 18.20 ? 29   ALA A CB  1 
ATOM   196  N  N   . GLU A 1 30  ? 0.098   10.016  -10.635 1.00 17.70 ? 30   GLU A N   1 
ATOM   197  C  CA  . GLU A 1 30  ? -1.306  10.025  -10.953 1.00 17.53 ? 30   GLU A CA  1 
ATOM   198  C  C   . GLU A 1 30  ? -2.005  9.147   -9.919  1.00 16.94 ? 30   GLU A C   1 
ATOM   199  O  O   . GLU A 1 30  ? -1.566  8.037   -9.667  1.00 16.53 ? 30   GLU A O   1 
ATOM   200  C  CB  . GLU A 1 30  ? -1.531  9.391   -12.322 1.00 17.43 ? 30   GLU A CB  1 
ATOM   201  C  CG  . GLU A 1 30  ? -0.835  10.100  -13.450 1.00 18.05 ? 30   GLU A CG  1 
ATOM   202  C  CD  . GLU A 1 30  ? -1.384  11.485  -13.663 1.00 19.68 ? 30   GLU A CD  1 
ATOM   203  O  OE1 . GLU A 1 30  ? -2.471  11.815  -13.101 1.00 20.64 ? 30   GLU A OE1 1 
ATOM   204  O  OE2 . GLU A 1 30  ? -0.714  12.223  -14.399 1.00 19.22 ? 30   GLU A OE2 1 
ATOM   205  N  N   . VAL A 1 31  ? -3.140  9.612   -9.413  1.00 16.51 ? 31   VAL A N   1 
ATOM   206  C  CA  . VAL A 1 31  ? -3.899  8.874   -8.417  1.00 16.65 ? 31   VAL A CA  1 
ATOM   207  C  C   . VAL A 1 31  ? -5.139  8.263   -9.067  1.00 15.90 ? 31   VAL A C   1 
ATOM   208  O  O   . VAL A 1 31  ? -5.960  8.983   -9.613  1.00 15.62 ? 31   VAL A O   1 
ATOM   209  C  CB  . VAL A 1 31  ? -4.334  9.793   -7.248  1.00 17.14 ? 31   VAL A CB  1 
ATOM   210  C  CG1 . VAL A 1 31  ? -5.126  9.002   -6.247  1.00 18.67 ? 31   VAL A CG1 1 
ATOM   211  C  CG2 . VAL A 1 31  ? -3.114  10.469  -6.591  1.00 16.25 ? 31   VAL A CG2 1 
ATOM   212  N  N   . VAL A 1 32  ? -5.303  6.951   -8.925  1.00 15.55 ? 32   VAL A N   1 
ATOM   213  C  CA  . VAL A 1 32  ? -6.286  6.203   -9.672  1.00 14.79 ? 32   VAL A CA  1 
ATOM   214  C  C   . VAL A 1 32  ? -7.032  5.223   -8.758  1.00 14.61 ? 32   VAL A C   1 
ATOM   215  O  O   . VAL A 1 32  ? -6.443  4.546   -7.947  1.00 13.01 ? 32   VAL A O   1 
ATOM   216  C  CB  . VAL A 1 32  ? -5.605  5.464   -10.856 1.00 15.51 ? 32   VAL A CB  1 
ATOM   217  C  CG1 . VAL A 1 32  ? -6.634  4.930   -11.850 1.00 16.99 ? 32   VAL A CG1 1 
ATOM   218  C  CG2 . VAL A 1 32  ? -4.627  6.368   -11.576 1.00 14.55 ? 32   VAL A CG2 1 
ATOM   219  N  N   . ASP A 1 33  ? -8.360  5.220   -8.865  1.00 14.91 ? 33   ASP A N   1 
ATOM   220  C  CA  . ASP A 1 33  ? -9.237  4.384   -8.057  1.00 15.70 ? 33   ASP A CA  1 
ATOM   221  C  C   . ASP A 1 33  ? -9.230  3.031   -8.772  1.00 16.31 ? 33   ASP A C   1 
ATOM   222  O  O   . ASP A 1 33  ? -9.531  2.968   -9.963  1.00 15.13 ? 33   ASP A O   1 
ATOM   223  C  CB  . ASP A 1 33  ? -10.639 5.025   -8.044  1.00 15.67 ? 33   ASP A CB  1 
ATOM   224  C  CG  . ASP A 1 33  ? -11.635 4.356   -7.113  1.00 15.70 ? 33   ASP A CG  1 
ATOM   225  O  OD1 . ASP A 1 33  ? -11.426 3.263   -6.545  1.00 17.97 ? 33   ASP A OD1 1 
ATOM   226  O  OD2 . ASP A 1 33  ? -12.741 4.880   -6.931  1.00 18.63 ? 33   ASP A OD2 1 
ATOM   227  N  N   . VAL A 1 34  ? -8.832  1.977   -8.060  1.00 16.67 ? 34   VAL A N   1 
ATOM   228  C  CA  . VAL A 1 34  ? -8.815  0.635   -8.635  1.00 17.28 ? 34   VAL A CA  1 
ATOM   229  C  C   . VAL A 1 34  ? -10.204 0.171   -9.061  1.00 18.12 ? 34   VAL A C   1 
ATOM   230  O  O   . VAL A 1 34  ? -10.304 -0.690  -9.948  1.00 19.93 ? 34   VAL A O   1 
ATOM   231  C  CB  . VAL A 1 34  ? -8.172  -0.428  -7.704  1.00 17.64 ? 34   VAL A CB  1 
ATOM   232  C  CG1 . VAL A 1 34  ? -6.724  -0.082  -7.408  1.00 17.40 ? 34   VAL A CG1 1 
ATOM   233  C  CG2 . VAL A 1 34  ? -8.957  -0.603  -6.424  1.00 16.55 ? 34   VAL A CG2 1 
ATOM   234  N  N   . ALA A 1 35  ? -11.261 0.735   -8.467  1.00 18.38 ? 35   ALA A N   1 
ATOM   235  C  CA  . ALA A 1 35  ? -12.646 0.469   -8.887  1.00 18.82 ? 35   ALA A CA  1 
ATOM   236  C  C   . ALA A 1 35  ? -12.897 0.860   -10.337 1.00 20.21 ? 35   ALA A C   1 
ATOM   237  O  O   . ALA A 1 35  ? -13.750 0.271   -10.981 1.00 20.41 ? 35   ALA A O   1 
ATOM   238  C  CB  . ALA A 1 35  ? -13.664 1.180   -7.986  1.00 18.29 ? 35   ALA A CB  1 
ATOM   239  N  N   . LYS A 1 36  ? -12.150 1.843   -10.839 1.00 21.91 ? 36   LYS A N   1 
ATOM   240  C  CA  . LYS A 1 36  ? -12.348 2.396   -12.182 1.00 22.84 ? 36   LYS A CA  1 
ATOM   241  C  C   . LYS A 1 36  ? -11.176 2.116   -13.115 1.00 23.31 ? 36   LYS A C   1 
ATOM   242  O  O   . LYS A 1 36  ? -11.114 2.669   -14.240 1.00 23.37 ? 36   LYS A O   1 
ATOM   243  C  CB  . LYS A 1 36  ? -12.646 3.903   -12.074 1.00 22.98 ? 36   LYS A CB  1 
ATOM   244  C  CG  . LYS A 1 36  ? -13.993 4.144   -11.337 1.00 25.77 ? 36   LYS A CG  1 
ATOM   245  C  CD  . LYS A 1 36  ? -14.443 5.583   -11.306 1.00 29.19 ? 36   LYS A CD  1 
ATOM   246  C  CE  . LYS A 1 36  ? -15.417 5.869   -10.135 1.00 31.30 ? 36   LYS A CE  1 
ATOM   247  N  NZ  . LYS A 1 36  ? -14.759 6.727   -9.066  1.00 32.95 ? 36   LYS A NZ  1 
ATOM   248  N  N   . ALA A 1 37  ? -10.282 1.227   -12.671 1.00 23.25 ? 37   ALA A N   1 
ATOM   249  C  CA  . ALA A 1 37  ? -9.054  0.924   -13.401 1.00 23.50 ? 37   ALA A CA  1 
ATOM   250  C  C   . ALA A 1 37  ? -9.024  -0.520  -13.916 1.00 23.88 ? 37   ALA A C   1 
ATOM   251  O  O   . ALA A 1 37  ? -9.800  -1.383  -13.493 1.00 23.92 ? 37   ALA A O   1 
ATOM   252  C  CB  . ALA A 1 37  ? -7.822  1.215   -12.548 1.00 22.98 ? 37   ALA A CB  1 
ATOM   253  N  N   . SER A 1 38  ? -8.113  -0.748  -14.849 1.00 24.39 ? 38   SER A N   1 
ATOM   254  C  CA  . SER A 1 38  ? -7.959  -2.030  -15.525 1.00 25.00 ? 38   SER A CA  1 
ATOM   255  C  C   . SER A 1 38  ? -6.502  -2.459  -15.548 1.00 24.94 ? 38   SER A C   1 
ATOM   256  O  O   . SER A 1 38  ? -5.602  -1.664  -15.235 1.00 24.00 ? 38   SER A O   1 
ATOM   257  C  CB  . SER A 1 38  ? -8.471  -1.905  -16.958 1.00 25.11 ? 38   SER A CB  1 
ATOM   258  O  OG  . SER A 1 38  ? -7.929  -0.733  -17.557 1.00 26.96 ? 38   SER A OG  1 
ATOM   259  N  N   . LYS A 1 39  ? -6.295  -3.725  -15.921 1.00 25.19 ? 39   LYS A N   1 
ATOM   260  C  CA  . LYS A 1 39  ? -4.969  -4.297  -16.168 1.00 25.67 ? 39   LYS A CA  1 
ATOM   261  C  C   . LYS A 1 39  ? -4.198  -3.390  -17.119 1.00 25.86 ? 39   LYS A C   1 
ATOM   262  O  O   . LYS A 1 39  ? -3.022  -3.137  -16.926 1.00 25.97 ? 39   LYS A O   1 
ATOM   263  C  CB  . LYS A 1 39  ? -5.110  -5.695  -16.779 1.00 25.15 ? 39   LYS A CB  1 
ATOM   264  C  CG  . LYS A 1 39  ? -3.801  -6.384  -17.175 1.00 25.55 ? 39   LYS A CG  1 
ATOM   265  C  CD  . LYS A 1 39  ? -4.036  -7.822  -17.694 1.00 26.24 ? 39   LYS A CD  1 
ATOM   266  C  CE  . LYS A 1 39  ? -5.068  -7.874  -18.837 1.00 27.78 ? 39   LYS A CE  1 
ATOM   267  N  NZ  . LYS A 1 39  ? -5.036  -9.188  -19.610 1.00 28.75 ? 39   LYS A NZ  1 
ATOM   268  N  N   . GLU A 1 40  ? -4.911  -2.897  -18.124 1.00 26.42 ? 40   GLU A N   1 
ATOM   269  C  CA  . GLU A 1 40  ? -4.422  -1.907  -19.088 1.00 26.90 ? 40   GLU A CA  1 
ATOM   270  C  C   . GLU A 1 40  ? -3.835  -0.670  -18.394 1.00 25.83 ? 40   GLU A C   1 
ATOM   271  O  O   . GLU A 1 40  ? -2.696  -0.320  -18.592 1.00 25.72 ? 40   GLU A O   1 
ATOM   272  C  CB  . GLU A 1 40  ? -5.575  -1.524  -20.041 1.00 27.13 ? 40   GLU A CB  1 
ATOM   273  C  CG  . GLU A 1 40  ? -5.893  -2.569  -21.131 1.00 29.35 ? 40   GLU A CG  1 
ATOM   274  C  CD  . GLU A 1 40  ? -6.528  -3.899  -20.641 1.00 31.40 ? 40   GLU A CD  1 
ATOM   275  O  OE1 . GLU A 1 40  ? -7.442  -3.889  -19.769 1.00 27.89 ? 40   GLU A OE1 1 
ATOM   276  O  OE2 . GLU A 1 40  ? -6.118  -4.972  -21.167 1.00 32.92 ? 40   GLU A OE2 1 
ATOM   277  N  N   . GLN A 1 41  ? -4.624  -0.049  -17.542 1.00 25.82 ? 41   GLN A N   1 
ATOM   278  C  CA  . GLN A 1 41  ? -4.189  1.089   -16.756 1.00 25.89 ? 41   GLN A CA  1 
ATOM   279  C  C   . GLN A 1 41  ? -2.959  0.808   -15.885 1.00 25.44 ? 41   GLN A C   1 
ATOM   280  O  O   . GLN A 1 41  ? -2.064  1.634   -15.796 1.00 26.21 ? 41   GLN A O   1 
ATOM   281  C  CB  . GLN A 1 41  ? -5.326  1.457   -15.825 1.00 26.58 ? 41   GLN A CB  1 
ATOM   282  C  CG  . GLN A 1 41  ? -5.089  2.678   -15.034 1.00 28.46 ? 41   GLN A CG  1 
ATOM   283  C  CD  . GLN A 1 41  ? -5.705  3.863   -15.677 1.00 31.07 ? 41   GLN A CD  1 
ATOM   284  O  OE1 . GLN A 1 41  ? -6.530  3.718   -16.590 1.00 35.42 ? 41   GLN A OE1 1 
ATOM   285  N  NE2 . GLN A 1 41  ? -5.332  5.052   -15.208 1.00 32.44 ? 41   GLN A NE2 1 
ATOM   286  N  N   . PHE A 1 42  ? -2.948  -0.342  -15.208 1.00 24.68 ? 42   PHE A N   1 
ATOM   287  C  CA  . PHE A 1 42  ? -1.843  -0.741  -14.339 1.00 24.13 ? 42   PHE A CA  1 
ATOM   288  C  C   . PHE A 1 42  ? -0.540  -0.748  -15.117 1.00 23.74 ? 42   PHE A C   1 
ATOM   289  O  O   . PHE A 1 42  ? 0.492   -0.274  -14.639 1.00 22.91 ? 42   PHE A O   1 
ATOM   290  C  CB  . PHE A 1 42  ? -2.085  -2.138  -13.768 1.00 23.50 ? 42   PHE A CB  1 
ATOM   291  C  CG  . PHE A 1 42  ? -1.255  -2.464  -12.534 1.00 22.12 ? 42   PHE A CG  1 
ATOM   292  C  CD1 . PHE A 1 42  ? -1.278  -1.653  -11.429 1.00 19.79 ? 42   PHE A CD1 1 
ATOM   293  C  CD2 . PHE A 1 42  ? -0.476  -3.606  -12.479 1.00 19.81 ? 42   PHE A CD2 1 
ATOM   294  C  CE1 . PHE A 1 42  ? -0.539  -1.977  -10.268 1.00 18.69 ? 42   PHE A CE1 1 
ATOM   295  C  CE2 . PHE A 1 42  ? 0.254   -3.922  -11.338 1.00 17.38 ? 42   PHE A CE2 1 
ATOM   296  C  CZ  . PHE A 1 42  ? 0.223   -3.109  -10.233 1.00 16.60 ? 42   PHE A CZ  1 
ATOM   297  N  N   . ASN A 1 43  ? -0.614  -1.290  -16.327 1.00 24.45 ? 43   ASN A N   1 
ATOM   298  C  CA  . ASN A 1 43  ? 0.548   -1.488  -17.185 1.00 24.78 ? 43   ASN A CA  1 
ATOM   299  C  C   . ASN A 1 43  ? 0.933   -0.236  -17.987 1.00 24.22 ? 43   ASN A C   1 
ATOM   300  O  O   . ASN A 1 43  ? 1.862   -0.268  -18.766 1.00 24.46 ? 43   ASN A O   1 
ATOM   301  C  CB  . ASN A 1 43  ? 0.334   -2.737  -18.058 1.00 25.04 ? 43   ASN A CB  1 
ATOM   302  C  CG  . ASN A 1 43  ? 0.237   -4.015  -17.212 1.00 26.90 ? 43   ASN A CG  1 
ATOM   303  O  OD1 . ASN A 1 43  ? 0.681   -4.009  -16.061 1.00 29.81 ? 43   ASN A OD1 1 
ATOM   304  N  ND2 . ASN A 1 43  ? -0.349  -5.111  -17.770 1.00 24.03 ? 43   ASN A ND2 1 
ATOM   305  N  N   . SER A 1 44  ? 0.251   0.881   -17.740 1.00 24.17 ? 44   SER A N   1 
ATOM   306  C  CA  . SER A 1 44  ? 0.627   2.182   -18.310 1.00 23.90 ? 44   SER A CA  1 
ATOM   307  C  C   . SER A 1 44  ? 1.560   2.951   -17.376 1.00 23.53 ? 44   SER A C   1 
ATOM   308  O  O   . SER A 1 44  ? 1.851   4.126   -17.607 1.00 23.98 ? 44   SER A O   1 
ATOM   309  C  CB  . SER A 1 44  ? -0.616  3.025   -18.542 1.00 24.06 ? 44   SER A CB  1 
ATOM   310  O  OG  . SER A 1 44  ? -1.020  3.683   -17.342 1.00 24.69 ? 44   SER A OG  1 
ATOM   311  N  N   . PHE A 1 45  ? 1.979   2.297   -16.293 1.00 22.89 ? 45   PHE A N   1 
ATOM   312  C  CA  . PHE A 1 45  ? 3.033   2.797   -15.417 1.00 22.05 ? 45   PHE A CA  1 
ATOM   313  C  C   . PHE A 1 45  ? 4.116   1.731   -15.247 1.00 21.76 ? 45   PHE A C   1 
ATOM   314  O  O   . PHE A 1 45  ? 3.838   0.535   -15.298 1.00 22.01 ? 45   PHE A O   1 
ATOM   315  C  CB  . PHE A 1 45  ? 2.456   3.163   -14.041 1.00 22.04 ? 45   PHE A CB  1 
ATOM   316  C  CG  . PHE A 1 45  ? 1.258   4.075   -14.097 1.00 19.68 ? 45   PHE A CG  1 
ATOM   317  C  CD1 . PHE A 1 45  ? -0.020  3.550   -14.253 1.00 18.78 ? 45   PHE A CD1 1 
ATOM   318  C  CD2 . PHE A 1 45  ? 1.406   5.447   -13.968 1.00 17.29 ? 45   PHE A CD2 1 
ATOM   319  C  CE1 . PHE A 1 45  ? -1.147  4.386   -14.300 1.00 17.13 ? 45   PHE A CE1 1 
ATOM   320  C  CE2 . PHE A 1 45  ? 0.296   6.295   -14.015 1.00 19.08 ? 45   PHE A CE2 1 
ATOM   321  C  CZ  . PHE A 1 45  ? -1.002  5.748   -14.201 1.00 17.91 ? 45   PHE A CZ  1 
ATOM   322  N  N   . THR A 1 46  ? 5.357   2.163   -15.053 1.00 21.73 ? 46   THR A N   1 
ATOM   323  C  CA  . THR A 1 46  ? 6.453   1.240   -14.708 1.00 21.96 ? 46   THR A CA  1 
ATOM   324  C  C   . THR A 1 46  ? 6.779   1.253   -13.201 1.00 21.27 ? 46   THR A C   1 
ATOM   325  O  O   . THR A 1 46  ? 7.485   0.347   -12.688 1.00 22.27 ? 46   THR A O   1 
ATOM   326  C  CB  . THR A 1 46  ? 7.708   1.561   -15.506 1.00 22.09 ? 46   THR A CB  1 
ATOM   327  O  OG1 . THR A 1 46  ? 8.213   2.843   -15.123 1.00 22.06 ? 46   THR A OG1 1 
ATOM   328  C  CG2 . THR A 1 46  ? 7.398   1.710   -17.006 1.00 23.65 ? 46   THR A CG2 1 
ATOM   329  N  N   . LYS A 1 47  ? 6.274   2.260   -12.500 1.00 19.74 ? 47   LYS A N   1 
ATOM   330  C  CA  . LYS A 1 47  ? 6.538   2.437   -11.054 1.00 19.71 ? 47   LYS A CA  1 
ATOM   331  C  C   . LYS A 1 47  ? 5.205   2.694   -10.359 1.00 18.29 ? 47   LYS A C   1 
ATOM   332  O  O   . LYS A 1 47  ? 4.413   3.494   -10.823 1.00 17.38 ? 47   LYS A O   1 
ATOM   333  C  CB  . LYS A 1 47  ? 7.514   3.590   -10.779 1.00 20.21 ? 47   LYS A CB  1 
ATOM   334  C  CG  . LYS A 1 47  ? 8.799   3.624   -11.683 1.00 22.06 ? 47   LYS A CG  1 
ATOM   335  C  CD  . LYS A 1 47  ? 10.115  3.402   -10.893 1.00 24.30 ? 47   LYS A CD  1 
ATOM   336  C  CE  . LYS A 1 47  ? 11.300  4.270   -11.377 1.00 25.51 ? 47   LYS A CE  1 
ATOM   337  N  NZ  . LYS A 1 47  ? 12.228  3.629   -12.369 1.00 27.54 ? 47   LYS A NZ  1 
ATOM   338  N  N   . VAL A 1 48  ? 4.911   1.984   -9.285  1.00 17.24 ? 48   VAL A N   1 
ATOM   339  C  CA  . VAL A 1 48  ? 3.623   2.182   -8.639  1.00 16.04 ? 48   VAL A CA  1 
ATOM   340  C  C   . VAL A 1 48  ? 3.691   2.158   -7.135  1.00 16.28 ? 48   VAL A C   1 
ATOM   341  O  O   . VAL A 1 48  ? 4.585   1.547   -6.542  1.00 15.51 ? 48   VAL A O   1 
ATOM   342  C  CB  . VAL A 1 48  ? 2.560   1.142   -9.122  1.00 16.35 ? 48   VAL A CB  1 
ATOM   343  C  CG1 . VAL A 1 48  ? 2.287   1.317   -10.574 1.00 16.76 ? 48   VAL A CG1 1 
ATOM   344  C  CG2 . VAL A 1 48  ? 2.939   -0.316  -8.790  1.00 12.95 ? 48   VAL A CG2 1 
ATOM   345  N  N   . ILE A 1 49  ? 2.727   2.856   -6.527  1.00 16.24 ? 49   ILE A N   1 
ATOM   346  C  CA  . ILE A 1 49  ? 2.488   2.816   -5.087  1.00 15.04 ? 49   ILE A CA  1 
ATOM   347  C  C   . ILE A 1 49  ? 1.047   2.335   -4.906  1.00 14.42 ? 49   ILE A C   1 
ATOM   348  O  O   . ILE A 1 49  ? 0.116   2.905   -5.461  1.00 14.47 ? 49   ILE A O   1 
ATOM   349  C  CB  . ILE A 1 49  ? 2.694   4.194   -4.450  1.00 15.24 ? 49   ILE A CB  1 
ATOM   350  C  CG1 . ILE A 1 49  ? 4.154   4.639   -4.551  1.00 16.35 ? 49   ILE A CG1 1 
ATOM   351  C  CG2 . ILE A 1 49  ? 2.218   4.205   -3.034  1.00 14.16 ? 49   ILE A CG2 1 
ATOM   352  C  CD1 . ILE A 1 49  ? 4.288   6.131   -4.422  1.00 16.64 ? 49   ILE A CD1 1 
ATOM   353  N  N   . LEU A 1 50  ? 0.890   1.286   -4.121  1.00 15.30 ? 50   LEU A N   1 
ATOM   354  C  CA  . LEU A 1 50  ? -0.364  0.531   -3.977  1.00 16.65 ? 50   LEU A CA  1 
ATOM   355  C  C   . LEU A 1 50  ? -0.887  0.772   -2.570  1.00 16.54 ? 50   LEU A C   1 
ATOM   356  O  O   . LEU A 1 50  ? -0.232  0.391   -1.586  1.00 17.67 ? 50   LEU A O   1 
ATOM   357  C  CB  . LEU A 1 50  ? -0.066  -0.953  -4.197  1.00 17.87 ? 50   LEU A CB  1 
ATOM   358  C  CG  . LEU A 1 50  ? -0.135  -1.539  -5.616  1.00 18.64 ? 50   LEU A CG  1 
ATOM   359  C  CD1 . LEU A 1 50  ? 0.049   -0.470  -6.688  1.00 19.14 ? 50   LEU A CD1 1 
ATOM   360  C  CD2 . LEU A 1 50  ? 0.785   -2.727  -5.860  1.00 17.86 ? 50   LEU A CD2 1 
ATOM   361  N  N   . VAL A 1 51  ? -2.015  1.468   -2.482  1.00 15.55 ? 51   VAL A N   1 
ATOM   362  C  CA  . VAL A 1 51  ? -2.607  1.870   -1.214  1.00 16.04 ? 51   VAL A CA  1 
ATOM   363  C  C   . VAL A 1 51  ? -3.941  1.141   -0.981  1.00 16.46 ? 51   VAL A C   1 
ATOM   364  O  O   . VAL A 1 51  ? -4.972  1.407   -1.621  1.00 16.33 ? 51   VAL A O   1 
ATOM   365  C  CB  . VAL A 1 51  ? -2.853  3.397   -1.159  1.00 15.70 ? 51   VAL A CB  1 
ATOM   366  C  CG1 . VAL A 1 51  ? -3.209  3.817   0.240   1.00 15.28 ? 51   VAL A CG1 1 
ATOM   367  C  CG2 . VAL A 1 51  ? -1.622  4.174   -1.674  1.00 13.56 ? 51   VAL A CG2 1 
ATOM   368  N  N   . ALA A 1 52  ? -3.919  0.239   -0.021  1.00 17.37 ? 52   ALA A N   1 
ATOM   369  C  CA  . ALA A 1 52  ? -5.019  -0.675  0.163   1.00 18.31 ? 52   ALA A CA  1 
ATOM   370  C  C   . ALA A 1 52  ? -5.315  -0.825  1.653   1.00 19.01 ? 52   ALA A C   1 
ATOM   371  O  O   . ALA A 1 52  ? -4.423  -1.249  2.435   1.00 21.00 ? 52   ALA A O   1 
ATOM   372  C  CB  . ALA A 1 52  ? -4.630  -2.031  -0.446  1.00 18.49 ? 52   ALA A CB  1 
ATOM   373  N  N   . PRO A 1 53  ? -6.532  -0.514  2.069   1.00 18.73 ? 53   PRO A N   1 
ATOM   374  C  CA  . PRO A 1 53  ? -6.915  -0.759  3.441   1.00 18.90 ? 53   PRO A CA  1 
ATOM   375  C  C   . PRO A 1 53  ? -7.272  -2.230  3.614   1.00 18.30 ? 53   PRO A C   1 
ATOM   376  O  O   . PRO A 1 53  ? -7.488  -2.957  2.648   1.00 17.65 ? 53   PRO A O   1 
ATOM   377  C  CB  . PRO A 1 53  ? -8.110  0.176   3.642   1.00 18.81 ? 53   PRO A CB  1 
ATOM   378  C  CG  . PRO A 1 53  ? -8.755  0.240   2.278   1.00 19.57 ? 53   PRO A CG  1 
ATOM   379  C  CD  . PRO A 1 53  ? -7.640  0.070   1.304   1.00 19.84 ? 53   PRO A CD  1 
ATOM   380  N  N   . THR A 1 54  ? -7.257  -2.661  4.865   1.00 18.45 ? 54   THR A N   1 
ATOM   381  C  CA  . THR A 1 54  ? -7.627  -4.018  5.257   1.00 18.11 ? 54   THR A CA  1 
ATOM   382  C  C   . THR A 1 54  ? -9.063  -3.950  5.617   1.00 18.53 ? 54   THR A C   1 
ATOM   383  O  O   . THR A 1 54  ? -9.460  -3.005  6.259   1.00 19.15 ? 54   THR A O   1 
ATOM   384  C  CB  . THR A 1 54  ? -6.882  -4.406  6.488   1.00 17.59 ? 54   THR A CB  1 
ATOM   385  O  OG1 . THR A 1 54  ? -5.475  -4.404  6.196   1.00 15.72 ? 54   THR A OG1 1 
ATOM   386  C  CG2 . THR A 1 54  ? -7.256  -5.849  6.964   1.00 15.77 ? 54   THR A CG2 1 
ATOM   387  N  N   . ALA A 1 55  ? -9.818  -4.959  5.208   1.00 18.60 ? 55   ALA A N   1 
ATOM   388  C  CA  . ALA A 1 55  ? -11.216 -5.088  5.507   1.00 18.55 ? 55   ALA A CA  1 
ATOM   389  C  C   . ALA A 1 55  ? -11.435 -6.303  6.436   1.00 18.65 ? 55   ALA A C   1 
ATOM   390  O  O   . ALA A 1 55  ? -10.931 -7.400  6.156   1.00 18.66 ? 55   ALA A O   1 
ATOM   391  C  CB  . ALA A 1 55  ? -11.969 -5.265  4.232   1.00 18.80 ? 55   ALA A CB  1 
ATOM   392  N  N   . GLY A 1 56  ? -12.146 -6.079  7.549   1.00 18.59 ? 56   GLY A N   1 
ATOM   393  C  CA  . GLY A 1 56  ? -12.424 -7.122  8.521   1.00 17.98 ? 56   GLY A CA  1 
ATOM   394  C  C   . GLY A 1 56  ? -11.146 -7.690  9.121   1.00 17.98 ? 56   GLY A C   1 
ATOM   395  O  O   . GLY A 1 56  ? -10.205 -6.955  9.433   1.00 16.81 ? 56   GLY A O   1 
ATOM   396  N  N   . ALA A 1 57  ? -11.106 -9.013  9.245   1.00 17.67 ? 57   ALA A N   1 
ATOM   397  C  CA  . ALA A 1 57  ? -9.966  -9.694  9.840   1.00 17.77 ? 57   ALA A CA  1 
ATOM   398  C  C   . ALA A 1 57  ? -8.983  -10.106 8.767   1.00 18.07 ? 57   ALA A C   1 
ATOM   399  O  O   . ALA A 1 57  ? -8.902  -11.276 8.430   1.00 17.84 ? 57   ALA A O   1 
ATOM   400  C  CB  . ALA A 1 57  ? -10.418 -10.915 10.632  1.00 17.76 ? 57   ALA A CB  1 
ATOM   401  N  N   . GLY A 1 58  ? -8.275  -9.125  8.209   1.00 18.38 ? 58   GLY A N   1 
ATOM   402  C  CA  . GLY A 1 58  ? -7.163  -9.367  7.306   1.00 18.59 ? 58   GLY A CA  1 
ATOM   403  C  C   . GLY A 1 58  ? -7.459  -9.460  5.818   1.00 18.57 ? 58   GLY A C   1 
ATOM   404  O  O   . GLY A 1 58  ? -6.524  -9.642  5.040   1.00 19.54 ? 58   GLY A O   1 
ATOM   405  N  N   . ASP A 1 59  ? -8.732  -9.375  5.418   1.00 18.52 ? 59   ASP A N   1 
ATOM   406  C  CA  . ASP A 1 59  ? -9.080  -9.275  3.989   1.00 17.41 ? 59   ASP A CA  1 
ATOM   407  C  C   . ASP A 1 59  ? -8.680  -7.933  3.381   1.00 16.77 ? 59   ASP A C   1 
ATOM   408  O  O   . ASP A 1 59  ? -8.447  -6.940  4.066   1.00 14.85 ? 59   ASP A O   1 
ATOM   409  C  CB  . ASP A 1 59  ? -10.586 -9.468  3.754   1.00 18.50 ? 59   ASP A CB  1 
ATOM   410  C  CG  . ASP A 1 59  ? -11.036 -10.881 3.993   1.00 20.02 ? 59   ASP A CG  1 
ATOM   411  O  OD1 . ASP A 1 59  ? -10.215 -11.682 4.469   1.00 24.23 ? 59   ASP A OD1 1 
ATOM   412  O  OD2 . ASP A 1 59  ? -12.196 -11.282 3.730   1.00 25.56 ? 59   ASP A OD2 1 
ATOM   413  N  N   . LEU A 1 60  ? -8.559  -7.955  2.061   1.00 16.07 ? 60   LEU A N   1 
ATOM   414  C  CA  . LEU A 1 60  ? -8.270  -6.782  1.283   1.00 16.11 ? 60   LEU A CA  1 
ATOM   415  C  C   . LEU A 1 60  ? -9.595  -6.081  0.996   1.00 15.85 ? 60   LEU A C   1 
ATOM   416  O  O   . LEU A 1 60  ? -10.615 -6.738  0.765   1.00 14.42 ? 60   LEU A O   1 
ATOM   417  C  CB  . LEU A 1 60  ? -7.567  -7.248  0.006   1.00 16.74 ? 60   LEU A CB  1 
ATOM   418  C  CG  . LEU A 1 60  ? -6.990  -6.289  -0.988  1.00 16.37 ? 60   LEU A CG  1 
ATOM   419  C  CD1 . LEU A 1 60  ? -5.837  -5.453  -0.439  1.00 19.06 ? 60   LEU A CD1 1 
ATOM   420  C  CD2 . LEU A 1 60  ? -6.525  -7.111  -2.195  1.00 16.34 ? 60   LEU A CD2 1 
ATOM   421  N  N   . GLN A 1 61  ? -9.606  -4.748  1.057   1.00 16.46 ? 61   GLN A N   1 
ATOM   422  C  CA  . GLN A 1 61  ? -10.783 -3.987  0.571   1.00 17.03 ? 61   GLN A CA  1 
ATOM   423  C  C   . GLN A 1 61  ? -11.313 -4.516  -0.765  1.00 17.54 ? 61   GLN A C   1 
ATOM   424  O  O   . GLN A 1 61  ? -10.548 -4.858  -1.628  1.00 18.22 ? 61   GLN A O   1 
ATOM   425  C  CB  . GLN A 1 61  ? -10.472 -2.501  0.429   1.00 16.39 ? 61   GLN A CB  1 
ATOM   426  C  CG  . GLN A 1 61  ? -11.719 -1.640  0.242   1.00 15.32 ? 61   GLN A CG  1 
ATOM   427  C  CD  . GLN A 1 61  ? -11.996 -1.291  -1.196  1.00 10.24 ? 61   GLN A CD  1 
ATOM   428  O  OE1 . GLN A 1 61  ? -11.134 -1.504  -2.065  1.00 13.63 ? 61   GLN A OE1 1 
ATOM   429  N  NE2 . GLN A 1 61  ? -13.193 -0.772  -1.469  1.00 10.89 ? 61   GLN A NE2 1 
ATOM   430  N  N   . THR A 1 62  ? -12.634 -4.560  -0.924  1.00 18.66 ? 62   THR A N   1 
ATOM   431  C  CA  . THR A 1 62  ? -13.287 -5.329  -1.988  1.00 19.95 ? 62   THR A CA  1 
ATOM   432  C  C   . THR A 1 62  ? -12.883 -4.919  -3.420  1.00 19.48 ? 62   THR A C   1 
ATOM   433  O  O   . THR A 1 62  ? -12.603 -5.775  -4.252  1.00 18.70 ? 62   THR A O   1 
ATOM   434  C  CB  . THR A 1 62  ? -14.813 -5.204  -1.814  1.00 20.08 ? 62   THR A CB  1 
ATOM   435  O  OG1 . THR A 1 62  ? -15.149 -5.566  -0.472  1.00 25.72 ? 62   THR A OG1 1 
ATOM   436  C  CG2 . THR A 1 62  ? -15.550 -6.196  -2.626  1.00 20.99 ? 62   THR A CG2 1 
ATOM   437  N  N   . ASP A 1 63  ? -12.879 -3.611  -3.695  1.00 18.84 ? 63   ASP A N   1 
ATOM   438  C  CA  . ASP A 1 63  ? -12.426 -3.103  -4.991  1.00 18.35 ? 63   ASP A CA  1 
ATOM   439  C  C   . ASP A 1 63  ? -10.998 -3.584  -5.312  1.00 18.72 ? 63   ASP A C   1 
ATOM   440  O  O   . ASP A 1 63  ? -10.710 -4.049  -6.424  1.00 18.56 ? 63   ASP A O   1 
ATOM   441  C  CB  . ASP A 1 63  ? -12.491 -1.574  -5.017  1.00 18.05 ? 63   ASP A CB  1 
ATOM   442  C  CG  . ASP A 1 63  ? -13.910 -1.043  -4.854  1.00 18.93 ? 63   ASP A CG  1 
ATOM   443  O  OD1 . ASP A 1 63  ? -14.806 -1.565  -5.563  1.00 21.44 ? 63   ASP A OD1 1 
ATOM   444  O  OD2 . ASP A 1 63  ? -14.214 -0.106  -4.063  1.00 15.29 ? 63   ASP A OD2 1 
ATOM   445  N  N   . TRP A 1 64  ? -10.109 -3.471  -4.329  1.00 18.43 ? 64   TRP A N   1 
ATOM   446  C  CA  . TRP A 1 64  ? -8.753  -3.979  -4.475  1.00 18.55 ? 64   TRP A CA  1 
ATOM   447  C  C   . TRP A 1 64  ? -8.745  -5.491  -4.760  1.00 18.62 ? 64   TRP A C   1 
ATOM   448  O  O   . TRP A 1 64  ? -8.051  -5.964  -5.655  1.00 17.64 ? 64   TRP A O   1 
ATOM   449  C  CB  . TRP A 1 64  ? -7.889  -3.632  -3.240  1.00 18.71 ? 64   TRP A CB  1 
ATOM   450  C  CG  . TRP A 1 64  ? -6.801  -2.649  -3.575  1.00 17.54 ? 64   TRP A CG  1 
ATOM   451  C  CD1 . TRP A 1 64  ? -6.642  -1.400  -3.061  1.00 16.19 ? 64   TRP A CD1 1 
ATOM   452  C  CD2 . TRP A 1 64  ? -5.774  -2.814  -4.545  1.00 18.13 ? 64   TRP A CD2 1 
ATOM   453  N  NE1 . TRP A 1 64  ? -5.567  -0.780  -3.641  1.00 15.55 ? 64   TRP A NE1 1 
ATOM   454  C  CE2 . TRP A 1 64  ? -5.012  -1.621  -4.560  1.00 18.99 ? 64   TRP A CE2 1 
ATOM   455  C  CE3 . TRP A 1 64  ? -5.391  -3.855  -5.394  1.00 16.02 ? 64   TRP A CE3 1 
ATOM   456  C  CZ2 . TRP A 1 64  ? -3.887  -1.448  -5.386  1.00 17.77 ? 64   TRP A CZ2 1 
ATOM   457  C  CZ3 . TRP A 1 64  ? -4.280  -3.676  -6.204  1.00 17.37 ? 64   TRP A CZ3 1 
ATOM   458  C  CH2 . TRP A 1 64  ? -3.543  -2.476  -6.198  1.00 15.26 ? 64   TRP A CH2 1 
ATOM   459  N  N   . GLU A 1 65  ? -9.524  -6.250  -4.008  1.00 19.17 ? 65   GLU A N   1 
ATOM   460  C  CA  . GLU A 1 65  ? -9.654  -7.691  -4.271  1.00 20.65 ? 65   GLU A CA  1 
ATOM   461  C  C   . GLU A 1 65  ? -10.049 -8.000  -5.729  1.00 20.52 ? 65   GLU A C   1 
ATOM   462  O  O   . GLU A 1 65  ? -9.419  -8.819  -6.405  1.00 21.00 ? 65   GLU A O   1 
ATOM   463  C  CB  . GLU A 1 65  ? -10.661 -8.296  -3.302  1.00 20.94 ? 65   GLU A CB  1 
ATOM   464  C  CG  . GLU A 1 65  ? -10.517 -9.779  -3.092  1.00 24.31 ? 65   GLU A CG  1 
ATOM   465  C  CD  . GLU A 1 65  ? -11.612 -10.331 -2.183  1.00 27.43 ? 65   GLU A CD  1 
ATOM   466  O  OE1 . GLU A 1 65  ? -12.605 -10.868 -2.720  1.00 28.13 ? 65   GLU A OE1 1 
ATOM   467  O  OE2 . GLU A 1 65  ? -11.477 -10.217 -0.933  1.00 27.35 ? 65   GLU A OE2 1 
ATOM   468  N  N   . ASP A 1 66  ? -11.085 -7.330  -6.196  1.00 20.53 ? 66   ASP A N   1 
ATOM   469  C  CA  . ASP A 1 66  ? -11.588 -7.484  -7.556  1.00 20.86 ? 66   ASP A CA  1 
ATOM   470  C  C   . ASP A 1 66  ? -10.536 -7.148  -8.586  1.00 20.18 ? 66   ASP A C   1 
ATOM   471  O  O   . ASP A 1 66  ? -10.383 -7.880  -9.564  1.00 20.05 ? 66   ASP A O   1 
ATOM   472  C  CB  . ASP A 1 66  ? -12.771 -6.551  -7.807  1.00 20.88 ? 66   ASP A CB  1 
ATOM   473  C  CG  . ASP A 1 66  ? -14.032 -6.957  -7.043  1.00 20.44 ? 66   ASP A CG  1 
ATOM   474  O  OD1 . ASP A 1 66  ? -14.889 -6.073  -6.831  1.00 21.40 ? 66   ASP A OD1 1 
ATOM   475  O  OD2 . ASP A 1 66  ? -14.268 -8.105  -6.633  1.00 18.93 ? 66   ASP A OD2 1 
ATOM   476  N  N   . PHE A 1 67  ? -9.823  -6.042  -8.360  1.00 18.91 ? 67   PHE A N   1 
ATOM   477  C  CA  . PHE A 1 67  ? -8.828  -5.542  -9.299  1.00 19.63 ? 67   PHE A CA  1 
ATOM   478  C  C   . PHE A 1 67  ? -7.632  -6.479  -9.333  1.00 19.18 ? 67   PHE A C   1 
ATOM   479  O  O   . PHE A 1 67  ? -7.132  -6.837  -10.386 1.00 18.68 ? 67   PHE A O   1 
ATOM   480  C  CB  . PHE A 1 67  ? -8.367  -4.121  -8.891  1.00 19.89 ? 67   PHE A CB  1 
ATOM   481  C  CG  . PHE A 1 67  ? -7.353  -3.500  -9.826  1.00 19.84 ? 67   PHE A CG  1 
ATOM   482  C  CD1 . PHE A 1 67  ? -7.667  -3.273  -11.160 1.00 23.05 ? 67   PHE A CD1 1 
ATOM   483  C  CD2 . PHE A 1 67  ? -6.099  -3.107  -9.372  1.00 21.74 ? 67   PHE A CD2 1 
ATOM   484  C  CE1 . PHE A 1 67  ? -6.734  -2.688  -12.032 1.00 22.70 ? 67   PHE A CE1 1 
ATOM   485  C  CE2 . PHE A 1 67  ? -5.152  -2.517  -10.245 1.00 20.47 ? 67   PHE A CE2 1 
ATOM   486  C  CZ  . PHE A 1 67  ? -5.476  -2.307  -11.562 1.00 23.04 ? 67   PHE A CZ  1 
ATOM   487  N  N   . LEU A 1 68  ? -7.164  -6.849  -8.157  1.00 19.98 ? 68   LEU A N   1 
ATOM   488  C  CA  . LEU A 1 68  ? -6.004  -7.737  -8.035  1.00 20.33 ? 68   LEU A CA  1 
ATOM   489  C  C   . LEU A 1 68  ? -6.294  -9.067  -8.710  1.00 20.88 ? 68   LEU A C   1 
ATOM   490  O  O   . LEU A 1 68  ? -5.398  -9.737  -9.183  1.00 20.23 ? 68   LEU A O   1 
ATOM   491  C  CB  . LEU A 1 68  ? -5.686  -8.020  -6.581  1.00 20.22 ? 68   LEU A CB  1 
ATOM   492  C  CG  . LEU A 1 68  ? -4.366  -8.754  -6.290  1.00 20.22 ? 68   LEU A CG  1 
ATOM   493  C  CD1 . LEU A 1 68  ? -3.156  -7.945  -6.788  1.00 20.25 ? 68   LEU A CD1 1 
ATOM   494  C  CD2 . LEU A 1 68  ? -4.276  -9.052  -4.781  1.00 18.69 ? 68   LEU A CD2 1 
ATOM   495  N  N   . GLY A 1 69  ? -7.562  -9.444  -8.738  1.00 21.62 ? 69   GLY A N   1 
ATOM   496  C  CA  . GLY A 1 69  ? -7.937  -10.711 -9.308  1.00 21.99 ? 69   GLY A CA  1 
ATOM   497  C  C   . GLY A 1 69  ? -7.715  -10.786 -10.803 1.00 22.37 ? 69   GLY A C   1 
ATOM   498  O  O   . GLY A 1 69  ? -7.603  -11.873 -11.322 1.00 21.77 ? 69   GLY A O   1 
ATOM   499  N  N   . THR A 1 70  ? -7.682  -9.648  -11.490 1.00 22.85 ? 70   THR A N   1 
ATOM   500  C  CA  . THR A 1 70  ? -7.490  -9.634  -12.926 1.00 23.92 ? 70   THR A CA  1 
ATOM   501  C  C   . THR A 1 70  ? -6.051  -9.440  -13.302 1.00 24.49 ? 70   THR A C   1 
ATOM   502  O  O   . THR A 1 70  ? -5.733  -9.438  -14.485 1.00 24.00 ? 70   THR A O   1 
ATOM   503  C  CB  . THR A 1 70  ? -8.292  -8.496  -13.579 1.00 24.15 ? 70   THR A CB  1 
ATOM   504  O  OG1 . THR A 1 70  ? -7.773  -7.231  -13.139 1.00 25.01 ? 70   THR A OG1 1 
ATOM   505  C  CG2 . THR A 1 70  ? -9.728  -8.515  -13.128 1.00 23.77 ? 70   THR A CG2 1 
ATOM   506  N  N   . LEU A 1 71  ? -5.204  -9.207  -12.302 1.00 25.69 ? 71   LEU A N   1 
ATOM   507  C  CA  . LEU A 1 71  ? -3.764  -9.088  -12.485 1.00 26.76 ? 71   LEU A CA  1 
ATOM   508  C  C   . LEU A 1 71  ? -3.067  -10.396 -12.086 1.00 27.68 ? 71   LEU A C   1 
ATOM   509  O  O   . LEU A 1 71  ? -3.487  -11.079 -11.155 1.00 27.97 ? 71   LEU A O   1 
ATOM   510  C  CB  . LEU A 1 71  ? -3.200  -7.960  -11.624 1.00 26.69 ? 71   LEU A CB  1 
ATOM   511  C  CG  . LEU A 1 71  ? -3.830  -6.563  -11.631 1.00 26.88 ? 71   LEU A CG  1 
ATOM   512  C  CD1 . LEU A 1 71  ? -2.951  -5.616  -10.769 1.00 27.42 ? 71   LEU A CD1 1 
ATOM   513  C  CD2 . LEU A 1 71  ? -4.009  -5.990  -13.047 1.00 28.12 ? 71   LEU A CD2 1 
ATOM   514  N  N   . GLU A 1 72  ? -2.021  -10.748 -12.816 1.00 28.71 ? 72   GLU A N   1 
ATOM   515  C  CA  . GLU A 1 72  ? -1.131  -11.838 -12.431 1.00 29.62 ? 72   GLU A CA  1 
ATOM   516  C  C   . GLU A 1 72  ? 0.261   -11.302 -12.090 1.00 29.59 ? 72   GLU A C   1 
ATOM   517  O  O   . GLU A 1 72  ? 0.527   -10.115 -12.260 1.00 29.85 ? 72   GLU A O   1 
ATOM   518  C  CB  . GLU A 1 72  ? -1.097  -12.907 -13.519 1.00 29.54 ? 72   GLU A CB  1 
ATOM   519  C  CG  . GLU A 1 72  ? -0.302  -12.591 -14.771 1.00 31.15 ? 72   GLU A CG  1 
ATOM   520  C  CD  . GLU A 1 72  ? -0.240  -13.810 -15.690 1.00 32.60 ? 72   GLU A CD  1 
ATOM   521  O  OE1 . GLU A 1 72  ? 0.812   -14.517 -15.724 1.00 34.01 ? 72   GLU A OE1 1 
ATOM   522  O  OE2 . GLU A 1 72  ? -1.267  -14.078 -16.344 1.00 31.14 ? 72   GLU A OE2 1 
ATOM   523  N  N   . ALA A 1 73  ? 1.132   -12.177 -11.596 1.00 29.72 ? 73   ALA A N   1 
ATOM   524  C  CA  . ALA A 1 73  ? 2.460   -11.786 -11.089 1.00 29.89 ? 73   ALA A CA  1 
ATOM   525  C  C   . ALA A 1 73  ? 3.426   -11.214 -12.139 1.00 29.79 ? 73   ALA A C   1 
ATOM   526  O  O   . ALA A 1 73  ? 4.353   -10.481 -11.788 1.00 29.93 ? 73   ALA A O   1 
ATOM   527  C  CB  . ALA A 1 73  ? 3.119   -12.972 -10.356 1.00 30.00 ? 73   ALA A CB  1 
ATOM   528  N  N   . SER A 1 74  ? 3.227   -11.552 -13.413 1.00 29.25 ? 74   SER A N   1 
ATOM   529  C  CA  . SER A 1 74  ? 3.993   -10.928 -14.498 1.00 29.15 ? 74   SER A CA  1 
ATOM   530  C  C   . SER A 1 74  ? 3.620   -9.449  -14.707 1.00 28.05 ? 74   SER A C   1 
ATOM   531  O  O   . SER A 1 74  ? 4.355   -8.698  -15.344 1.00 28.08 ? 74   SER A O   1 
ATOM   532  C  CB  . SER A 1 74  ? 3.812   -11.706 -15.817 1.00 29.36 ? 74   SER A CB  1 
ATOM   533  O  OG  . SER A 1 74  ? 2.460   -11.670 -16.258 1.00 31.31 ? 74   SER A OG  1 
ATOM   534  N  N   . ASP A 1 75  ? 2.478   -9.036  -14.186 1.00 27.11 ? 75   ASP A N   1 
ATOM   535  C  CA  . ASP A 1 75  ? 2.093   -7.632  -14.237 1.00 26.78 ? 75   ASP A CA  1 
ATOM   536  C  C   . ASP A 1 75  ? 2.874   -6.769  -13.270 1.00 26.28 ? 75   ASP A C   1 
ATOM   537  O  O   . ASP A 1 75  ? 2.827   -5.539  -13.377 1.00 27.22 ? 75   ASP A O   1 
ATOM   538  C  CB  . ASP A 1 75  ? 0.605   -7.472  -13.969 1.00 26.68 ? 75   ASP A CB  1 
ATOM   539  C  CG  . ASP A 1 75  ? -0.236  -8.161  -15.007 1.00 26.65 ? 75   ASP A CG  1 
ATOM   540  O  OD1 . ASP A 1 75  ? -0.127  -7.809  -16.203 1.00 26.25 ? 75   ASP A OD1 1 
ATOM   541  O  OD2 . ASP A 1 75  ? -1.034  -9.066  -14.724 1.00 27.65 ? 75   ASP A OD2 1 
ATOM   542  N  N   . PHE A 1 76  ? 3.557   -7.404  -12.321 1.00 25.86 ? 76   PHE A N   1 
ATOM   543  C  CA  . PHE A 1 76  ? 4.373   -6.712  -11.328 1.00 25.50 ? 76   PHE A CA  1 
ATOM   544  C  C   . PHE A 1 76  ? 5.896   -6.847  -11.539 1.00 25.73 ? 76   PHE A C   1 
ATOM   545  O  O   . PHE A 1 76  ? 6.642   -5.935  -11.180 1.00 24.75 ? 76   PHE A O   1 
ATOM   546  C  CB  . PHE A 1 76  ? 4.052   -7.212  -9.927  1.00 25.28 ? 76   PHE A CB  1 
ATOM   547  C  CG  . PHE A 1 76  ? 2.614   -7.006  -9.498  1.00 26.14 ? 76   PHE A CG  1 
ATOM   548  C  CD1 . PHE A 1 76  ? 1.623   -7.890  -9.883  1.00 25.91 ? 76   PHE A CD1 1 
ATOM   549  C  CD2 . PHE A 1 76  ? 2.262   -5.956  -8.667  1.00 26.47 ? 76   PHE A CD2 1 
ATOM   550  C  CE1 . PHE A 1 76  ? 0.307   -7.714  -9.462  1.00 26.62 ? 76   PHE A CE1 1 
ATOM   551  C  CE2 . PHE A 1 76  ? 0.968   -5.798  -8.241  1.00 26.32 ? 76   PHE A CE2 1 
ATOM   552  C  CZ  . PHE A 1 76  ? -0.011  -6.678  -8.637  1.00 25.04 ? 76   PHE A CZ  1 
ATOM   553  N  N   . ALA A 1 77  ? 6.351   -7.982  -12.092 1.00 25.68 ? 77   ALA A N   1 
ATOM   554  C  CA  . ALA A 1 77  ? 7.784   -8.329  -12.107 1.00 26.02 ? 77   ALA A CA  1 
ATOM   555  C  C   . ALA A 1 77  ? 8.683   -7.230  -12.680 1.00 26.14 ? 77   ALA A C   1 
ATOM   556  O  O   . ALA A 1 77  ? 9.750   -6.996  -12.135 1.00 26.77 ? 77   ALA A O   1 
ATOM   557  C  CB  . ALA A 1 77  ? 8.031   -9.657  -12.827 1.00 25.61 ? 77   ALA A CB  1 
ATOM   558  N  N   . ASN A 1 78  ? 8.256   -6.549  -13.749 1.00 26.35 ? 78   ASN A N   1 
ATOM   559  C  CA  . ASN A 1 78  ? 9.060   -5.461  -14.342 1.00 26.60 ? 78   ASN A CA  1 
ATOM   560  C  C   . ASN A 1 78  ? 8.739   -4.047  -13.824 1.00 26.09 ? 78   ASN A C   1 
ATOM   561  O  O   . ASN A 1 78  ? 8.936   -3.056  -14.526 1.00 25.70 ? 78   ASN A O   1 
ATOM   562  C  CB  . ASN A 1 78  ? 9.014   -5.520  -15.881 1.00 27.17 ? 78   ASN A CB  1 
ATOM   563  C  CG  . ASN A 1 78  ? 7.759   -4.899  -16.483 1.00 28.99 ? 78   ASN A CG  1 
ATOM   564  O  OD1 . ASN A 1 78  ? 7.851   -4.023  -17.351 1.00 34.37 ? 78   ASN A OD1 1 
ATOM   565  N  ND2 . ASN A 1 78  ? 6.590   -5.376  -16.070 1.00 34.67 ? 78   ASN A ND2 1 
ATOM   566  N  N   . LYS A 1 79  ? 8.266   -3.960  -12.581 1.00 25.51 ? 79   LYS A N   1 
ATOM   567  C  CA  . LYS A 1 79  ? 7.943   -2.673  -11.979 1.00 25.39 ? 79   LYS A CA  1 
ATOM   568  C  C   . LYS A 1 79  ? 8.591   -2.474  -10.622 1.00 24.06 ? 79   LYS A C   1 
ATOM   569  O  O   . LYS A 1 79  ? 8.852   -3.432  -9.902  1.00 24.76 ? 79   LYS A O   1 
ATOM   570  C  CB  . LYS A 1 79  ? 6.432   -2.533  -11.789 1.00 25.46 ? 79   LYS A CB  1 
ATOM   571  C  CG  . LYS A 1 79  ? 5.654   -2.477  -13.071 1.00 27.11 ? 79   LYS A CG  1 
ATOM   572  C  CD  . LYS A 1 79  ? 4.260   -3.056  -12.869 1.00 29.13 ? 79   LYS A CD  1 
ATOM   573  C  CE  . LYS A 1 79  ? 3.166   -2.023  -12.890 1.00 29.73 ? 79   LYS A CE  1 
ATOM   574  N  NZ  . LYS A 1 79  ? 2.413   -2.181  -14.184 1.00 31.55 ? 79   LYS A NZ  1 
ATOM   575  N  N   . THR A 1 80  ? 8.797   -1.206  -10.280 1.00 22.83 ? 80   THR A N   1 
ATOM   576  C  CA  . THR A 1 80  ? 9.056   -0.777  -8.908  1.00 21.80 ? 80   THR A CA  1 
ATOM   577  C  C   . THR A 1 80  ? 7.717   -0.544  -8.231  1.00 20.53 ? 80   THR A C   1 
ATOM   578  O  O   . THR A 1 80  ? 6.843   0.098   -8.801  1.00 19.29 ? 80   THR A O   1 
ATOM   579  C  CB  . THR A 1 80  ? 9.864   0.513   -8.891  1.00 22.05 ? 80   THR A CB  1 
ATOM   580  O  OG1 . THR A 1 80  ? 11.022  0.351   -9.711  1.00 22.79 ? 80   THR A OG1 1 
ATOM   581  C  CG2 . THR A 1 80  ? 10.418  0.807   -7.484  1.00 21.22 ? 80   THR A CG2 1 
ATOM   582  N  N   . ILE A 1 81  ? 7.593   -1.087  -7.023  1.00 19.58 ? 81   ILE A N   1 
ATOM   583  C  CA  . ILE A 1 81  ? 6.365   -1.168  -6.265  1.00 19.28 ? 81   ILE A CA  1 
ATOM   584  C  C   . ILE A 1 81  ? 6.623   -0.696  -4.844  1.00 18.63 ? 81   ILE A C   1 
ATOM   585  O  O   . ILE A 1 81  ? 7.507   -1.214  -4.156  1.00 17.40 ? 81   ILE A O   1 
ATOM   586  C  CB  . ILE A 1 81  ? 5.873   -2.637  -6.151  1.00 20.20 ? 81   ILE A CB  1 
ATOM   587  C  CG1 . ILE A 1 81  ? 6.254   -3.495  -7.377  1.00 22.18 ? 81   ILE A CG1 1 
ATOM   588  C  CG2 . ILE A 1 81  ? 4.371   -2.684  -5.734  1.00 21.71 ? 81   ILE A CG2 1 
ATOM   589  C  CD1 . ILE A 1 81  ? 5.226   -3.674  -8.390  1.00 24.15 ? 81   ILE A CD1 1 
ATOM   590  N  N   . GLY A 1 82  ? 5.825   0.257   -4.380  1.00 18.43 ? 82   GLY A N   1 
ATOM   591  C  CA  . GLY A 1 82  ? 5.707   0.548   -2.965  1.00 18.87 ? 82   GLY A CA  1 
ATOM   592  C  C   . GLY A 1 82  ? 4.305   0.231   -2.493  1.00 19.31 ? 82   GLY A C   1 
ATOM   593  O  O   . GLY A 1 82  ? 3.330   0.598   -3.160  1.00 19.18 ? 82   GLY A O   1 
ATOM   594  N  N   . LEU A 1 83  ? 4.198   -0.452  -1.353  1.00 18.74 ? 83   LEU A N   1 
ATOM   595  C  CA  . LEU A 1 83  ? 2.924   -0.778  -0.743  1.00 18.68 ? 83   LEU A CA  1 
ATOM   596  C  C   . LEU A 1 83  ? 2.641   0.111   0.464   1.00 17.39 ? 83   LEU A C   1 
ATOM   597  O  O   . LEU A 1 83  ? 3.536   0.473   1.210   1.00 18.44 ? 83   LEU A O   1 
ATOM   598  C  CB  . LEU A 1 83  ? 2.885   -2.255  -0.298  1.00 18.02 ? 83   LEU A CB  1 
ATOM   599  C  CG  . LEU A 1 83  ? 3.377   -3.319  -1.306  1.00 18.47 ? 83   LEU A CG  1 
ATOM   600  C  CD1 . LEU A 1 83  ? 3.385   -4.701  -0.626  1.00 18.88 ? 83   LEU A CD1 1 
ATOM   601  C  CD2 . LEU A 1 83  ? 2.516   -3.360  -2.529  1.00 18.03 ? 83   LEU A CD2 1 
ATOM   602  N  N   . VAL A 1 84  ? 1.385   0.463   0.642   1.00 17.31 ? 84   VAL A N   1 
ATOM   603  C  CA  . VAL A 1 84  ? 0.922   1.295   1.760   1.00 16.84 ? 84   VAL A CA  1 
ATOM   604  C  C   . VAL A 1 84  ? -0.324  0.635   2.316   1.00 16.15 ? 84   VAL A C   1 
ATOM   605  O  O   . VAL A 1 84  ? -1.339  0.516   1.630   1.00 16.32 ? 84   VAL A O   1 
ATOM   606  C  CB  . VAL A 1 84  ? 0.590   2.708   1.317   1.00 16.75 ? 84   VAL A CB  1 
ATOM   607  C  CG1 . VAL A 1 84  ? 0.027   3.543   2.507   1.00 16.83 ? 84   VAL A CG1 1 
ATOM   608  C  CG2 . VAL A 1 84  ? 1.811   3.367   0.718   1.00 18.32 ? 84   VAL A CG2 1 
ATOM   609  N  N   . GLY A 1 85  ? -0.231  0.131   3.534   1.00 16.42 ? 85   GLY A N   1 
ATOM   610  C  CA  . GLY A 1 85  ? -1.354  -0.515  4.173   1.00 15.80 ? 85   GLY A CA  1 
ATOM   611  C  C   . GLY A 1 85  ? -2.034  0.390   5.176   1.00 15.97 ? 85   GLY A C   1 
ATOM   612  O  O   . GLY A 1 85  ? -1.423  1.282   5.732   1.00 17.08 ? 85   GLY A O   1 
ATOM   613  N  N   . LEU A 1 86  ? -3.333  0.205   5.350   1.00 16.08 ? 86   LEU A N   1 
ATOM   614  C  CA  . LEU A 1 86  ? -4.039  0.838   6.437   1.00 16.14 ? 86   LEU A CA  1 
ATOM   615  C  C   . LEU A 1 86  ? -4.527  -0.307  7.297   1.00 16.63 ? 86   LEU A C   1 
ATOM   616  O  O   . LEU A 1 86  ? -4.882  -1.398  6.784   1.00 17.14 ? 86   LEU A O   1 
ATOM   617  C  CB  . LEU A 1 86  ? -5.205  1.672   5.944   1.00 17.26 ? 86   LEU A CB  1 
ATOM   618  C  CG  . LEU A 1 86  ? -4.911  3.059   5.411   1.00 18.54 ? 86   LEU A CG  1 
ATOM   619  C  CD1 . LEU A 1 86  ? -4.417  2.981   3.980   1.00 20.60 ? 86   LEU A CD1 1 
ATOM   620  C  CD2 . LEU A 1 86  ? -6.163  3.906   5.512   1.00 19.73 ? 86   LEU A CD2 1 
ATOM   621  N  N   . GLY A 1 87  ? -4.527  -0.073  8.596   1.00 16.39 ? 87   GLY A N   1 
ATOM   622  C  CA  . GLY A 1 87  ? -5.013  -1.059  9.534   1.00 17.16 ? 87   GLY A CA  1 
ATOM   623  C  C   . GLY A 1 87  ? -5.286  -0.498  10.896  1.00 16.97 ? 87   GLY A C   1 
ATOM   624  O  O   . GLY A 1 87  ? -5.030  0.684   11.182  1.00 16.93 ? 87   GLY A O   1 
ATOM   625  N  N   . ASP A 1 88  ? -5.785  -1.381  11.746  1.00 17.51 ? 88   ASP A N   1 
ATOM   626  C  CA  . ASP A 1 88  ? -6.212  -1.041  13.077  1.00 18.16 ? 88   ASP A CA  1 
ATOM   627  C  C   . ASP A 1 88  ? -5.649  -2.090  14.008  1.00 18.45 ? 88   ASP A C   1 
ATOM   628  O  O   . ASP A 1 88  ? -6.260  -3.164  14.224  1.00 17.78 ? 88   ASP A O   1 
ATOM   629  C  CB  . ASP A 1 88  ? -7.740  -0.992  13.117  1.00 19.05 ? 88   ASP A CB  1 
ATOM   630  C  CG  . ASP A 1 88  ? -8.296  -0.799  14.508  1.00 20.09 ? 88   ASP A CG  1 
ATOM   631  O  OD1 . ASP A 1 88  ? -7.535  -0.710  15.492  1.00 24.54 ? 88   ASP A OD1 1 
ATOM   632  O  OD2 . ASP A 1 88  ? -9.512  -0.718  14.714  1.00 23.83 ? 88   ASP A OD2 1 
ATOM   633  N  N   . GLN A 1 89  ? -4.482  -1.757  14.565  1.00 18.21 ? 89   GLN A N   1 
ATOM   634  C  CA  . GLN A 1 89  ? -3.723  -2.634  15.453  1.00 19.44 ? 89   GLN A CA  1 
ATOM   635  C  C   . GLN A 1 89  ? -4.432  -3.002  16.771  1.00 20.27 ? 89   GLN A C   1 
ATOM   636  O  O   . GLN A 1 89  ? -4.216  -4.072  17.302  1.00 20.57 ? 89   GLN A O   1 
ATOM   637  C  CB  . GLN A 1 89  ? -2.354  -2.012  15.774  1.00 19.05 ? 89   GLN A CB  1 
ATOM   638  C  CG  . GLN A 1 89  ? -2.389  -0.697  16.582  1.00 17.88 ? 89   GLN A CG  1 
ATOM   639  C  CD  . GLN A 1 89  ? -1.176  0.173   16.293  1.00 18.66 ? 89   GLN A CD  1 
ATOM   640  O  OE1 . GLN A 1 89  ? -0.113  -0.090  16.816  1.00 17.16 ? 89   GLN A OE1 1 
ATOM   641  N  NE2 . GLN A 1 89  ? -1.325  1.178   15.421  1.00 16.96 ? 89   GLN A NE2 1 
ATOM   642  N  N   . ASP A 1 90  ? -5.271  -2.109  17.277  1.00 21.09 ? 90   ASP A N   1 
ATOM   643  C  CA  . ASP A 1 90  ? -6.044  -2.366  18.499  1.00 21.55 ? 90   ASP A CA  1 
ATOM   644  C  C   . ASP A 1 90  ? -7.172  -3.448  18.334  1.00 20.64 ? 90   ASP A C   1 
ATOM   645  O  O   . ASP A 1 90  ? -7.307  -4.349  19.168  1.00 19.82 ? 90   ASP A O   1 
ATOM   646  C  CB  . ASP A 1 90  ? -6.610  -1.015  19.007  1.00 22.48 ? 90   ASP A CB  1 
ATOM   647  C  CG  . ASP A 1 90  ? -5.507  -0.060  19.587  1.00 25.91 ? 90   ASP A CG  1 
ATOM   648  O  OD1 . ASP A 1 90  ? -4.282  -0.374  19.544  1.00 29.43 ? 90   ASP A OD1 1 
ATOM   649  O  OD2 . ASP A 1 90  ? -5.779  1.059   20.103  1.00 30.63 ? 90   ASP A OD2 1 
ATOM   650  N  N   . THR A 1 91  ? -7.958  -3.360  17.254  1.00 20.04 ? 91   THR A N   1 
ATOM   651  C  CA  . THR A 1 91  ? -9.119  -4.237  17.003  1.00 19.23 ? 91   THR A CA  1 
ATOM   652  C  C   . THR A 1 91  ? -8.703  -5.578  16.378  1.00 18.92 ? 91   THR A C   1 
ATOM   653  O  O   . THR A 1 91  ? -9.330  -6.637  16.609  1.00 18.24 ? 91   THR A O   1 
ATOM   654  C  CB  . THR A 1 91  ? -10.146 -3.518  16.023  1.00 18.96 ? 91   THR A CB  1 
ATOM   655  O  OG1 . THR A 1 91  ? -10.636 -2.297  16.613  1.00 20.12 ? 91   THR A OG1 1 
ATOM   656  C  CG2 . THR A 1 91  ? -11.416 -4.355  15.825  1.00 18.06 ? 91   THR A CG2 1 
ATOM   657  N  N   . TYR A 1 92  ? -7.657  -5.504  15.562  1.00 19.14 ? 92   TYR A N   1 
ATOM   658  C  CA  . TYR A 1 92  ? -7.170  -6.620  14.748  1.00 19.41 ? 92   TYR A CA  1 
ATOM   659  C  C   . TYR A 1 92  ? -5.688  -6.817  14.981  1.00 20.28 ? 92   TYR A C   1 
ATOM   660  O  O   . TYR A 1 92  ? -4.890  -6.739  14.048  1.00 20.19 ? 92   TYR A O   1 
ATOM   661  C  CB  . TYR A 1 92  ? -7.400  -6.338  13.263  1.00 19.15 ? 92   TYR A CB  1 
ATOM   662  C  CG  . TYR A 1 92  ? -8.845  -6.240  12.896  1.00 17.88 ? 92   TYR A CG  1 
ATOM   663  C  CD1 . TYR A 1 92  ? -9.684  -7.334  13.032  1.00 16.85 ? 92   TYR A CD1 1 
ATOM   664  C  CD2 . TYR A 1 92  ? -9.375  -5.050  12.401  1.00 17.68 ? 92   TYR A CD2 1 
ATOM   665  C  CE1 . TYR A 1 92  ? -11.035 -7.254  12.707  1.00 18.40 ? 92   TYR A CE1 1 
ATOM   666  C  CE2 . TYR A 1 92  ? -10.716 -4.948  12.064  1.00 15.82 ? 92   TYR A CE2 1 
ATOM   667  C  CZ  . TYR A 1 92  ? -11.541 -6.054  12.230  1.00 18.10 ? 92   TYR A CZ  1 
ATOM   668  O  OH  . TYR A 1 92  ? -12.863 -5.971  11.896  1.00 16.81 ? 92   TYR A OH  1 
ATOM   669  N  N   . SER A 1 93  ? -5.350  -7.101  16.231  1.00 20.86 ? 93   SER A N   1 
ATOM   670  C  CA  . SER A 1 93  ? -3.973  -7.251  16.686  1.00 21.73 ? 93   SER A CA  1 
ATOM   671  C  C   . SER A 1 93  ? -3.260  -8.441  16.031  1.00 21.12 ? 93   SER A C   1 
ATOM   672  O  O   . SER A 1 93  ? -2.058  -8.414  15.871  1.00 21.38 ? 93   SER A O   1 
ATOM   673  C  CB  . SER A 1 93  ? -3.952  -7.422  18.214  1.00 21.55 ? 93   SER A CB  1 
ATOM   674  O  OG  . SER A 1 93  ? -2.866  -6.692  18.760  1.00 24.97 ? 93   SER A OG  1 
ATOM   675  N  N   . GLU A 1 94  ? -4.027  -9.450  15.629  1.00 20.67 ? 94   GLU A N   1 
ATOM   676  C  CA  . GLU A 1 94  ? -3.494  -10.689 15.083  1.00 20.72 ? 94   GLU A CA  1 
ATOM   677  C  C   . GLU A 1 94  ? -3.535  -10.766 13.555  1.00 20.48 ? 94   GLU A C   1 
ATOM   678  O  O   . GLU A 1 94  ? -3.084  -11.752 12.962  1.00 20.94 ? 94   GLU A O   1 
ATOM   679  C  CB  . GLU A 1 94  ? -4.286  -11.836 15.672  1.00 20.62 ? 94   GLU A CB  1 
ATOM   680  C  CG  . GLU A 1 94  ? -4.124  -11.876 17.176  1.00 22.28 ? 94   GLU A CG  1 
ATOM   681  C  CD  . GLU A 1 94  ? -4.323  -13.259 17.722  1.00 25.85 ? 94   GLU A CD  1 
ATOM   682  O  OE1 . GLU A 1 94  ? -5.495  -13.712 17.760  1.00 24.07 ? 94   GLU A OE1 1 
ATOM   683  O  OE2 . GLU A 1 94  ? -3.305  -13.886 18.111  1.00 30.46 ? 94   GLU A OE2 1 
ATOM   684  N  N   . THR A 1 95  ? -4.052  -9.708  12.935  1.00 19.94 ? 95   THR A N   1 
ATOM   685  C  CA  . THR A 1 95  ? -4.211  -9.637  11.499  1.00 20.10 ? 95   THR A CA  1 
ATOM   686  C  C   . THR A 1 95  ? -3.977  -8.172  11.000  1.00 19.78 ? 95   THR A C   1 
ATOM   687  O  O   . THR A 1 95  ? -4.416  -7.794  9.948   1.00 19.68 ? 95   THR A O   1 
ATOM   688  C  CB  . THR A 1 95  ? -5.603  -10.262 11.198  1.00 20.70 ? 95   THR A CB  1 
ATOM   689  O  OG1 . THR A 1 95  ? -5.607  -10.950 9.958   1.00 25.15 ? 95   THR A OG1 1 
ATOM   690  C  CG2 . THR A 1 95  ? -6.714  -9.243  11.143  1.00 19.06 ? 95   THR A CG2 1 
ATOM   691  N  N   . PHE A 1 96  ? -3.191  -7.402  11.762  1.00 19.94 ? 96   PHE A N   1 
ATOM   692  C  CA  . PHE A 1 96  ? -2.959  -5.972  11.548  1.00 19.58 ? 96   PHE A CA  1 
ATOM   693  C  C   . PHE A 1 96  ? -2.416  -5.603  10.155  1.00 19.41 ? 96   PHE A C   1 
ATOM   694  O  O   . PHE A 1 96  ? -1.329  -6.027  9.759   1.00 19.48 ? 96   PHE A O   1 
ATOM   695  C  CB  . PHE A 1 96  ? -2.008  -5.448  12.619  1.00 19.46 ? 96   PHE A CB  1 
ATOM   696  C  CG  . PHE A 1 96  ? -1.654  -3.994  12.467  1.00 19.66 ? 96   PHE A CG  1 
ATOM   697  C  CD1 . PHE A 1 96  ? -2.656  -3.029  12.312  1.00 18.43 ? 96   PHE A CD1 1 
ATOM   698  C  CD2 . PHE A 1 96  ? -0.317  -3.589  12.504  1.00 20.31 ? 96   PHE A CD2 1 
ATOM   699  C  CE1 . PHE A 1 96  ? -2.341  -1.685  12.198  1.00 19.28 ? 96   PHE A CE1 1 
ATOM   700  C  CE2 . PHE A 1 96  ? 0.018   -2.250  12.392  1.00 20.96 ? 96   PHE A CE2 1 
ATOM   701  C  CZ  . PHE A 1 96  ? -1.008  -1.283  12.228  1.00 20.91 ? 96   PHE A CZ  1 
ATOM   702  N  N   . ALA A 1 97  ? -3.221  -4.833  9.418   1.00 19.77 ? 97   ALA A N   1 
ATOM   703  C  CA  . ALA A 1 97  ? -2.855  -4.305  8.095   1.00 20.07 ? 97   ALA A CA  1 
ATOM   704  C  C   . ALA A 1 97  ? -2.480  -5.400  7.099   1.00 20.33 ? 97   ALA A C   1 
ATOM   705  O  O   . ALA A 1 97  ? -1.696  -5.178  6.178   1.00 21.40 ? 97   ALA A O   1 
ATOM   706  C  CB  . ALA A 1 97  ? -1.710  -3.330  8.240   1.00 20.19 ? 97   ALA A CB  1 
ATOM   707  N  N   . GLU A 1 98  ? -3.020  -6.590  7.317   1.00 20.15 ? 98   GLU A N   1 
ATOM   708  C  CA  . GLU A 1 98  ? -2.706  -7.752  6.518   1.00 20.53 ? 98   GLU A CA  1 
ATOM   709  C  C   . GLU A 1 98  ? -3.255  -7.656  5.080   1.00 20.09 ? 98   GLU A C   1 
ATOM   710  O  O   . GLU A 1 98  ? -2.886  -8.443  4.208   1.00 19.40 ? 98   GLU A O   1 
ATOM   711  C  CB  . GLU A 1 98  ? -3.254  -8.961  7.260   1.00 20.88 ? 98   GLU A CB  1 
ATOM   712  C  CG  . GLU A 1 98  ? -2.965  -10.324 6.688   1.00 21.34 ? 98   GLU A CG  1 
ATOM   713  C  CD  . GLU A 1 98  ? -3.278  -11.386 7.719   1.00 22.56 ? 98   GLU A CD  1 
ATOM   714  O  OE1 . GLU A 1 98  ? -4.266  -12.152 7.537   1.00 20.81 ? 98   GLU A OE1 1 
ATOM   715  O  OE2 . GLU A 1 98  ? -2.544  -11.417 8.741   1.00 24.40 ? 98   GLU A OE2 1 
ATOM   716  N  N   . GLY A 1 99  ? -4.134  -6.686  4.837   1.00 19.67 ? 99   GLY A N   1 
ATOM   717  C  CA  . GLY A 1 99  ? -4.592  -6.351  3.495   1.00 19.59 ? 99   GLY A CA  1 
ATOM   718  C  C   . GLY A 1 99  ? -3.497  -6.326  2.441   1.00 19.59 ? 99   GLY A C   1 
ATOM   719  O  O   . GLY A 1 99  ? -3.659  -6.882  1.351   1.00 18.61 ? 99   GLY A O   1 
ATOM   720  N  N   . ILE A 1 100 ? -2.371  -5.684  2.757   1.00 20.70 ? 100  ILE A N   1 
ATOM   721  C  CA  . ILE A 1 100 ? -1.324  -5.486  1.764   1.00 20.75 ? 100  ILE A CA  1 
ATOM   722  C  C   . ILE A 1 100 ? -0.635  -6.791  1.439   1.00 20.91 ? 100  ILE A C   1 
ATOM   723  O  O   . ILE A 1 100 ? -0.047  -6.937  0.351   1.00 20.71 ? 100  ILE A O   1 
ATOM   724  C  CB  . ILE A 1 100 ? -0.271  -4.394  2.155   1.00 21.26 ? 100  ILE A CB  1 
ATOM   725  C  CG1 . ILE A 1 100 ? 0.145   -4.470  3.635   1.00 22.05 ? 100  ILE A CG1 1 
ATOM   726  C  CG2 . ILE A 1 100 ? -0.793  -3.006  1.777   1.00 21.65 ? 100  ILE A CG2 1 
ATOM   727  C  CD1 . ILE A 1 100 ? 1.282   -3.473  3.992   1.00 23.73 ? 100  ILE A CD1 1 
ATOM   728  N  N   . PHE A 1 101 ? -0.697  -7.743  2.367   1.00 20.51 ? 101  PHE A N   1 
ATOM   729  C  CA  . PHE A 1 101 ? -0.082  -9.035  2.127   1.00 20.24 ? 101  PHE A CA  1 
ATOM   730  C  C   . PHE A 1 101 ? -0.666  -9.739  0.902   1.00 19.92 ? 101  PHE A C   1 
ATOM   731  O  O   . PHE A 1 101 ? 0.081   -10.305 0.108   1.00 20.84 ? 101  PHE A O   1 
ATOM   732  C  CB  . PHE A 1 101 ? -0.106  -9.902  3.401   1.00 20.88 ? 101  PHE A CB  1 
ATOM   733  C  CG  . PHE A 1 101 ? -0.136  -11.393 3.134   1.00 20.33 ? 101  PHE A CG  1 
ATOM   734  C  CD1 . PHE A 1 101 ? 1.046   -12.115 3.051   1.00 21.14 ? 101  PHE A CD1 1 
ATOM   735  C  CD2 . PHE A 1 101 ? -1.339  -12.057 2.974   1.00 19.99 ? 101  PHE A CD2 1 
ATOM   736  C  CE1 . PHE A 1 101 ? 1.051   -13.512 2.810   1.00 21.73 ? 101  PHE A CE1 1 
ATOM   737  C  CE2 . PHE A 1 101 ? -1.364  -13.461 2.760   1.00 23.50 ? 101  PHE A CE2 1 
ATOM   738  C  CZ  . PHE A 1 101 ? -0.152  -14.181 2.646   1.00 22.49 ? 101  PHE A CZ  1 
ATOM   739  N  N   . HIS A 1 102 ? -1.984  -9.663  0.706   1.00 19.80 ? 102  HIS A N   1 
ATOM   740  C  CA  . HIS A 1 102 ? -2.623  -10.223 -0.482  1.00 18.93 ? 102  HIS A CA  1 
ATOM   741  C  C   . HIS A 1 102 ? -2.076  -9.597  -1.765  1.00 18.23 ? 102  HIS A C   1 
ATOM   742  O  O   . HIS A 1 102 ? -1.872  -10.291 -2.742  1.00 17.43 ? 102  HIS A O   1 
ATOM   743  C  CB  . HIS A 1 102 ? -4.132  -10.076 -0.378  1.00 19.58 ? 102  HIS A CB  1 
ATOM   744  C  CG  . HIS A 1 102 ? -4.683  -10.702 0.871   1.00 21.67 ? 102  HIS A CG  1 
ATOM   745  N  ND1 . HIS A 1 102 ? -4.632  -12.063 1.098   1.00 23.24 ? 102  HIS A ND1 1 
ATOM   746  C  CD2 . HIS A 1 102 ? -5.198  -10.152 1.996   1.00 23.78 ? 102  HIS A CD2 1 
ATOM   747  C  CE1 . HIS A 1 102 ? -5.156  -12.331 2.285   1.00 24.31 ? 102  HIS A CE1 1 
ATOM   748  N  NE2 . HIS A 1 102 ? -5.500  -11.190 2.857   1.00 23.44 ? 102  HIS A NE2 1 
ATOM   749  N  N   . ILE A 1 103 ? -1.831  -8.292  -1.738  1.00 17.81 ? 103  ILE A N   1 
ATOM   750  C  CA  . ILE A 1 103 ? -1.178  -7.611  -2.861  1.00 18.54 ? 103  ILE A CA  1 
ATOM   751  C  C   . ILE A 1 103 ? 0.270   -8.086  -3.008  1.00 18.15 ? 103  ILE A C   1 
ATOM   752  O  O   . ILE A 1 103 ? 0.688   -8.367  -4.100  1.00 17.36 ? 103  ILE A O   1 
ATOM   753  C  CB  . ILE A 1 103 ? -1.245  -6.086  -2.711  1.00 18.16 ? 103  ILE A CB  1 
ATOM   754  C  CG1 . ILE A 1 103 ? -2.698  -5.624  -2.825  1.00 19.81 ? 103  ILE A CG1 1 
ATOM   755  C  CG2 . ILE A 1 103 ? -0.398  -5.399  -3.801  1.00 19.22 ? 103  ILE A CG2 1 
ATOM   756  C  CD1 . ILE A 1 103 ? -2.943  -4.117  -2.514  1.00 20.39 ? 103  ILE A CD1 1 
ATOM   757  N  N   . TYR A 1 104 ? 0.987   -8.210  -1.887  1.00 19.01 ? 104  TYR A N   1 
ATOM   758  C  CA  . TYR A 1 104 ? 2.366   -8.673  -1.854  1.00 20.13 ? 104  TYR A CA  1 
ATOM   759  C  C   . TYR A 1 104 ? 2.523   -10.076 -2.435  1.00 21.05 ? 104  TYR A C   1 
ATOM   760  O  O   . TYR A 1 104 ? 3.534   -10.359 -3.060  1.00 21.35 ? 104  TYR A O   1 
ATOM   761  C  CB  . TYR A 1 104 ? 2.923   -8.642  -0.410  1.00 20.41 ? 104  TYR A CB  1 
ATOM   762  C  CG  . TYR A 1 104 ? 4.396   -8.978  -0.291  1.00 21.42 ? 104  TYR A CG  1 
ATOM   763  C  CD1 . TYR A 1 104 ? 5.384   -8.052  -0.651  1.00 21.61 ? 104  TYR A CD1 1 
ATOM   764  C  CD2 . TYR A 1 104 ? 4.812   -10.224 0.195   1.00 23.21 ? 104  TYR A CD2 1 
ATOM   765  C  CE1 . TYR A 1 104 ? 6.712   -8.367  -0.546  1.00 24.42 ? 104  TYR A CE1 1 
ATOM   766  C  CE2 . TYR A 1 104 ? 6.154   -10.543 0.310   1.00 22.39 ? 104  TYR A CE2 1 
ATOM   767  C  CZ  . TYR A 1 104 ? 7.102   -9.615  -0.061  1.00 24.22 ? 104  TYR A CZ  1 
ATOM   768  O  OH  . TYR A 1 104 ? 8.446   -9.913  0.048   1.00 23.65 ? 104  TYR A OH  1 
ATOM   769  N  N   . GLU A 1 105 ? 1.534   -10.945 -2.260  1.00 20.91 ? 105  GLU A N   1 
ATOM   770  C  CA  . GLU A 1 105 ? 1.659   -12.285 -2.809  1.00 21.79 ? 105  GLU A CA  1 
ATOM   771  C  C   . GLU A 1 105 ? 1.896   -12.295 -4.330  1.00 21.17 ? 105  GLU A C   1 
ATOM   772  O  O   . GLU A 1 105 ? 2.523   -13.225 -4.846  1.00 20.24 ? 105  GLU A O   1 
ATOM   773  C  CB  . GLU A 1 105 ? 0.491   -13.149 -2.398  1.00 22.13 ? 105  GLU A CB  1 
ATOM   774  C  CG  . GLU A 1 105 ? 0.592   -13.524 -0.926  1.00 24.99 ? 105  GLU A CG  1 
ATOM   775  C  CD  . GLU A 1 105 ? 1.785   -14.429 -0.642  1.00 28.41 ? 105  GLU A CD  1 
ATOM   776  O  OE1 . GLU A 1 105 ? 2.902   -13.924 -0.371  1.00 32.12 ? 105  GLU A OE1 1 
ATOM   777  O  OE2 . GLU A 1 105 ? 1.612   -15.654 -0.723  1.00 30.42 ? 105  GLU A OE2 1 
ATOM   778  N  N   . LYS A 1 106 ? 1.433   -11.244 -5.009  1.00 20.48 ? 106  LYS A N   1 
ATOM   779  C  CA  . LYS A 1 106 ? 1.727   -11.030 -6.424  1.00 20.35 ? 106  LYS A CA  1 
ATOM   780  C  C   . LYS A 1 106 ? 2.840   -10.016 -6.709  1.00 20.26 ? 106  LYS A C   1 
ATOM   781  O  O   . LYS A 1 106 ? 3.701   -10.262 -7.551  1.00 21.31 ? 106  LYS A O   1 
ATOM   782  C  CB  . LYS A 1 106 ? 0.445   -10.661 -7.152  1.00 19.85 ? 106  LYS A CB  1 
ATOM   783  C  CG  . LYS A 1 106 ? -0.485  -11.907 -7.322  1.00 20.06 ? 106  LYS A CG  1 
ATOM   784  C  CD  . LYS A 1 106 ? -1.948  -11.534 -7.660  1.00 18.87 ? 106  LYS A CD  1 
ATOM   785  C  CE  . LYS A 1 106 ? -2.810  -12.779 -8.048  1.00 16.53 ? 106  LYS A CE  1 
ATOM   786  N  NZ  . LYS A 1 106 ? -3.941  -12.432 -8.985  1.00 16.09 ? 106  LYS A NZ  1 
ATOM   787  N  N   . ALA A 1 107 ? 2.817   -8.892  -6.003  1.00 19.78 ? 107  ALA A N   1 
ATOM   788  C  CA  . ALA A 1 107 ? 3.761   -7.796  -6.175  1.00 19.02 ? 107  ALA A CA  1 
ATOM   789  C  C   . ALA A 1 107 ? 5.244   -8.126  -5.834  1.00 19.01 ? 107  ALA A C   1 
ATOM   790  O  O   . ALA A 1 107 ? 6.161   -7.485  -6.367  1.00 19.47 ? 107  ALA A O   1 
ATOM   791  C  CB  . ALA A 1 107 ? 3.283   -6.614  -5.360  1.00 18.97 ? 107  ALA A CB  1 
ATOM   792  N  N   . LYS A 1 108 ? 5.471   -9.126  -4.987  1.00 19.18 ? 108  LYS A N   1 
ATOM   793  C  CA  . LYS A 1 108 ? 6.828   -9.536  -4.557  1.00 19.45 ? 108  LYS A CA  1 
ATOM   794  C  C   . LYS A 1 108 ? 7.651   -10.186 -5.670  1.00 19.43 ? 108  LYS A C   1 
ATOM   795  O  O   . LYS A 1 108 ? 8.827   -10.534 -5.461  1.00 19.06 ? 108  LYS A O   1 
ATOM   796  C  CB  . LYS A 1 108 ? 6.763   -10.547 -3.401  1.00 19.14 ? 108  LYS A CB  1 
ATOM   797  C  CG  . LYS A 1 108 ? 6.438   -11.969 -3.857  1.00 19.75 ? 108  LYS A CG  1 
ATOM   798  C  CD  . LYS A 1 108 ? 5.821   -12.805 -2.733  1.00 20.95 ? 108  LYS A CD  1 
ATOM   799  C  CE  . LYS A 1 108 ? 5.622   -14.270 -3.125  1.00 21.66 ? 108  LYS A CE  1 
ATOM   800  N  NZ  . LYS A 1 108 ? 5.299   -15.092 -1.921  1.00 23.50 ? 108  LYS A NZ  1 
ATOM   801  N  N   . ALA A 1 109 ? 7.021   -10.417 -6.819  1.00 19.50 ? 109  ALA A N   1 
ATOM   802  C  CA  . ALA A 1 109 ? 7.748   -10.784 -8.017  1.00 19.78 ? 109  ALA A CA  1 
ATOM   803  C  C   . ALA A 1 109 ? 8.577   -9.568  -8.504  1.00 20.05 ? 109  ALA A C   1 
ATOM   804  O  O   . ALA A 1 109 ? 9.630   -9.723  -9.139  1.00 19.96 ? 109  ALA A O   1 
ATOM   805  C  CB  . ALA A 1 109 ? 6.785   -11.252 -9.088  1.00 19.46 ? 109  ALA A CB  1 
ATOM   806  N  N   . GLY A 1 110 ? 8.118   -8.363  -8.189  1.00 20.19 ? 110  GLY A N   1 
ATOM   807  C  CA  . GLY A 1 110 ? 8.779   -7.155  -8.659  1.00 20.29 ? 110  GLY A CA  1 
ATOM   808  C  C   . GLY A 1 110 ? 9.845   -6.653  -7.716  1.00 20.31 ? 110  GLY A C   1 
ATOM   809  O  O   . GLY A 1 110 ? 10.272  -7.345  -6.774  1.00 19.70 ? 110  GLY A O   1 
ATOM   810  N  N   . LYS A 1 111 ? 10.279  -5.425  -7.978  1.00 20.54 ? 111  LYS A N   1 
ATOM   811  C  CA  . LYS A 1 111 ? 11.167  -4.727  -7.062  1.00 20.38 ? 111  LYS A CA  1 
ATOM   812  C  C   . LYS A 1 111 ? 10.291  -3.985  -6.061  1.00 19.97 ? 111  LYS A C   1 
ATOM   813  O  O   . LYS A 1 111 ? 9.953   -2.812  -6.234  1.00 19.59 ? 111  LYS A O   1 
ATOM   814  C  CB  . LYS A 1 111 ? 12.115  -3.786  -7.810  1.00 20.34 ? 111  LYS A CB  1 
ATOM   815  C  CG  . LYS A 1 111 ? 13.239  -3.219  -6.968  1.00 21.18 ? 111  LYS A CG  1 
ATOM   816  C  CD  . LYS A 1 111 ? 13.892  -1.967  -7.614  1.00 23.19 ? 111  LYS A CD  1 
ATOM   817  C  CE  . LYS A 1 111 ? 14.951  -1.339  -6.696  1.00 23.51 ? 111  LYS A CE  1 
ATOM   818  N  NZ  . LYS A 1 111 ? 15.238  0.104   -7.017  1.00 26.71 ? 111  LYS A NZ  1 
ATOM   819  N  N   . VAL A 1 112 ? 9.931   -4.685  -4.997  1.00 20.06 ? 112  VAL A N   1 
ATOM   820  C  CA  . VAL A 1 112 ? 9.255   -4.060  -3.871  1.00 20.24 ? 112  VAL A CA  1 
ATOM   821  C  C   . VAL A 1 112 ? 10.271  -3.248  -3.037  1.00 20.32 ? 112  VAL A C   1 
ATOM   822  O  O   . VAL A 1 112 ? 11.263  -3.775  -2.546  1.00 19.95 ? 112  VAL A O   1 
ATOM   823  C  CB  . VAL A 1 112 ? 8.507   -5.104  -3.005  1.00 21.12 ? 112  VAL A CB  1 
ATOM   824  C  CG1 . VAL A 1 112 ? 7.719   -4.418  -1.836  1.00 20.85 ? 112  VAL A CG1 1 
ATOM   825  C  CG2 . VAL A 1 112 ? 7.539   -5.950  -3.882  1.00 21.01 ? 112  VAL A CG2 1 
ATOM   826  N  N   . VAL A 1 113 ? 10.014  -1.953  -2.932  1.00 20.17 ? 113  VAL A N   1 
ATOM   827  C  CA  . VAL A 1 113 ? 10.804  -1.033  -2.120  1.00 20.72 ? 113  VAL A CA  1 
ATOM   828  C  C   . VAL A 1 113 ? 9.873   -0.431  -1.070  1.00 20.21 ? 113  VAL A C   1 
ATOM   829  O  O   . VAL A 1 113 ? 8.674   -0.516  -1.223  1.00 20.74 ? 113  VAL A O   1 
ATOM   830  C  CB  . VAL A 1 113 ? 11.446  0.080   -3.010  1.00 20.58 ? 113  VAL A CB  1 
ATOM   831  C  CG1 . VAL A 1 113 ? 12.335  -0.549  -4.083  1.00 21.77 ? 113  VAL A CG1 1 
ATOM   832  C  CG2 . VAL A 1 113 ? 10.368  0.977   -3.660  1.00 21.18 ? 113  VAL A CG2 1 
ATOM   833  N  N   . GLY A 1 114 ? 10.421  0.124   0.017   1.00 20.22 ? 114  GLY A N   1 
ATOM   834  C  CA  . GLY A 1 114 ? 9.636   0.857   1.008   1.00 19.35 ? 114  GLY A CA  1 
ATOM   835  C  C   . GLY A 1 114 ? 9.213   0.045   2.240   1.00 19.61 ? 114  GLY A C   1 
ATOM   836  O  O   . GLY A 1 114 ? 8.296   0.440   2.984   1.00 18.97 ? 114  GLY A O   1 
ATOM   837  N  N   . GLN A 1 115 ? 9.866   -1.082  2.474   1.00 19.39 ? 115  GLN A N   1 
ATOM   838  C  CA  . GLN A 1 115 ? 9.602   -1.854  3.684   1.00 19.28 ? 115  GLN A CA  1 
ATOM   839  C  C   . GLN A 1 115 ? 9.913   -1.005  4.926   1.00 19.39 ? 115  GLN A C   1 
ATOM   840  O  O   . GLN A 1 115 ? 10.821  -0.183  4.922   1.00 19.43 ? 115  GLN A O   1 
ATOM   841  C  CB  . GLN A 1 115 ? 10.433  -3.126  3.715   1.00 19.35 ? 115  GLN A CB  1 
ATOM   842  C  CG  . GLN A 1 115 ? 10.066  -4.113  2.628   1.00 20.00 ? 115  GLN A CG  1 
ATOM   843  C  CD  . GLN A 1 115 ? 10.887  -3.947  1.371   1.00 20.84 ? 115  GLN A CD  1 
ATOM   844  O  OE1 . GLN A 1 115 ? 11.545  -2.927  1.162   1.00 20.21 ? 115  GLN A OE1 1 
ATOM   845  N  NE2 . GLN A 1 115 ? 10.846  -4.952  0.522   1.00 24.27 ? 115  GLN A NE2 1 
ATOM   846  N  N   . THR A 1 116 ? 9.140   -1.200  5.979   1.00 19.65 ? 116  THR A N   1 
ATOM   847  C  CA  . THR A 1 116 ? 9.272   -0.406  7.181   1.00 19.83 ? 116  THR A CA  1 
ATOM   848  C  C   . THR A 1 116 ? 9.354   -1.287  8.424   1.00 20.67 ? 116  THR A C   1 
ATOM   849  O  O   . THR A 1 116 ? 8.858   -2.443  8.474   1.00 20.06 ? 116  THR A O   1 
ATOM   850  C  CB  . THR A 1 116 ? 8.087   0.540   7.366   1.00 19.36 ? 116  THR A CB  1 
ATOM   851  O  OG1 . THR A 1 116 ? 6.879   -0.232  7.440   1.00 20.36 ? 116  THR A OG1 1 
ATOM   852  C  CG2 . THR A 1 116 ? 7.922   1.475   6.168   1.00 19.41 ? 116  THR A CG2 1 
ATOM   853  N  N   . SER A 1 117 ? 9.952   -0.665  9.425   1.00 21.16 ? 117  SER A N   1 
ATOM   854  C  CA  . SER A 1 117 ? 10.091  -1.204  10.742  1.00 21.98 ? 117  SER A CA  1 
ATOM   855  C  C   . SER A 1 117 ? 8.714   -1.417  11.358  1.00 22.19 ? 117  SER A C   1 
ATOM   856  O  O   . SER A 1 117 ? 7.826   -0.558  11.359  1.00 22.37 ? 117  SER A O   1 
ATOM   857  C  CB  . SER A 1 117 ? 10.939  -0.250  11.603  1.00 22.11 ? 117  SER A CB  1 
ATOM   858  O  OG  . SER A 1 117 ? 11.286  -0.831  12.851  1.00 24.96 ? 117  SER A OG  1 
ATOM   859  N  N   . THR A 1 118 ? 8.579   -2.601  11.899  1.00 22.08 ? 118  THR A N   1 
ATOM   860  C  CA  . THR A 1 118 ? 7.478   -2.985  12.742  1.00 23.03 ? 118  THR A CA  1 
ATOM   861  C  C   . THR A 1 118 ? 7.515   -2.229  14.103  1.00 23.49 ? 118  THR A C   1 
ATOM   862  O  O   . THR A 1 118 ? 6.559   -2.295  14.884  1.00 22.95 ? 118  THR A O   1 
ATOM   863  C  CB  . THR A 1 118 ? 7.561   -4.528  12.836  1.00 22.09 ? 118  THR A CB  1 
ATOM   864  O  OG1 . THR A 1 118 ? 6.297   -5.102  13.140  1.00 27.36 ? 118  THR A OG1 1 
ATOM   865  C  CG2 . THR A 1 118 ? 8.499   -4.976  13.929  1.00 23.00 ? 118  THR A CG2 1 
ATOM   866  N  N   . ASP A 1 119 ? 8.607   -1.483  14.355  1.00 24.93 ? 119  ASP A N   1 
ATOM   867  C  CA  . ASP A 1 119 ? 8.738   -0.615  15.540  1.00 25.32 ? 119  ASP A CA  1 
ATOM   868  C  C   . ASP A 1 119 ? 7.702   0.508   15.594  1.00 25.53 ? 119  ASP A C   1 
ATOM   869  O  O   . ASP A 1 119 ? 7.435   1.176   14.586  1.00 24.54 ? 119  ASP A O   1 
ATOM   870  C  CB  . ASP A 1 119 ? 10.125  0.022   15.609  1.00 25.88 ? 119  ASP A CB  1 
ATOM   871  C  CG  . ASP A 1 119 ? 10.323  0.900   16.872  1.00 27.19 ? 119  ASP A CG  1 
ATOM   872  O  OD1 . ASP A 1 119 ? 9.906   0.496   17.993  1.00 28.03 ? 119  ASP A OD1 1 
ATOM   873  O  OD2 . ASP A 1 119 ? 10.885  2.014   16.831  1.00 27.82 ? 119  ASP A OD2 1 
ATOM   874  N  N   . GLY A 1 120 ? 7.161   0.726   16.794  1.00 25.40 ? 120  GLY A N   1 
ATOM   875  C  CA  . GLY A 1 120 ? 6.183   1.774   17.039  1.00 26.26 ? 120  GLY A CA  1 
ATOM   876  C  C   . GLY A 1 120 ? 4.719   1.320   16.957  1.00 26.19 ? 120  GLY A C   1 
ATOM   877  O  O   . GLY A 1 120 ? 3.832   2.086   17.302  1.00 26.44 ? 120  GLY A O   1 
ATOM   878  N  N   . TYR A 1 121 ? 4.484   0.090   16.501  1.00 26.37 ? 121  TYR A N   1 
ATOM   879  C  CA  . TYR A 1 121 ? 3.147   -0.500  16.378  1.00 26.04 ? 121  TYR A CA  1 
ATOM   880  C  C   . TYR A 1 121 ? 3.018   -1.578  17.453  1.00 27.12 ? 121  TYR A C   1 
ATOM   881  O  O   . TYR A 1 121 ? 4.020   -2.272  17.761  1.00 26.94 ? 121  TYR A O   1 
ATOM   882  C  CB  . TYR A 1 121 ? 2.961   -1.131  15.000  1.00 25.69 ? 121  TYR A CB  1 
ATOM   883  C  CG  . TYR A 1 121 ? 3.212   -0.197  13.811  1.00 23.76 ? 121  TYR A CG  1 
ATOM   884  C  CD1 . TYR A 1 121 ? 4.490   -0.043  13.273  1.00 24.84 ? 121  TYR A CD1 1 
ATOM   885  C  CD2 . TYR A 1 121 ? 2.163   0.491   13.195  1.00 22.89 ? 121  TYR A CD2 1 
ATOM   886  C  CE1 . TYR A 1 121 ? 4.722   0.803   12.142  1.00 24.09 ? 121  TYR A CE1 1 
ATOM   887  C  CE2 . TYR A 1 121 ? 2.379   1.331   12.076  1.00 21.64 ? 121  TYR A CE2 1 
ATOM   888  C  CZ  . TYR A 1 121 ? 3.661   1.463   11.549  1.00 20.79 ? 121  TYR A CZ  1 
ATOM   889  O  OH  . TYR A 1 121 ? 3.903   2.300   10.492  1.00 20.21 ? 121  TYR A OH  1 
ATOM   890  N  N   . HIS A 1 122 ? 1.818   -1.694  18.039  1.00 26.74 ? 122  HIS A N   1 
ATOM   891  C  CA  . HIS A 1 122 ? 1.529   -2.663  19.110  1.00 27.41 ? 122  HIS A CA  1 
ATOM   892  C  C   . HIS A 1 122 ? 0.560   -3.700  18.577  1.00 26.17 ? 122  HIS A C   1 
ATOM   893  O  O   . HIS A 1 122 ? -0.602  -3.405  18.382  1.00 25.78 ? 122  HIS A O   1 
ATOM   894  C  CB  . HIS A 1 122 ? 0.913   -2.014  20.376  1.00 28.15 ? 122  HIS A CB  1 
ATOM   895  C  CG  . HIS A 1 122 ? 1.153   -0.536  20.507  1.00 32.49 ? 122  HIS A CG  1 
ATOM   896  N  ND1 . HIS A 1 122 ? 2.278   -0.011  21.115  1.00 35.90 ? 122  HIS A ND1 1 
ATOM   897  C  CD2 . HIS A 1 122 ? 0.397   0.530   20.132  1.00 36.25 ? 122  HIS A CD2 1 
ATOM   898  C  CE1 . HIS A 1 122 ? 2.212   1.311   21.094  1.00 37.62 ? 122  HIS A CE1 1 
ATOM   899  N  NE2 . HIS A 1 122 ? 1.083   1.665   20.500  1.00 37.54 ? 122  HIS A NE2 1 
ATOM   900  N  N   . PHE A 1 123 ? 1.062   -4.895  18.305  1.00 25.54 ? 123  PHE A N   1 
ATOM   901  C  CA  . PHE A 1 123 ? 0.247   -5.972  17.751  1.00 25.71 ? 123  PHE A CA  1 
ATOM   902  C  C   . PHE A 1 123 ? 0.947   -7.335  17.894  1.00 25.53 ? 123  PHE A C   1 
ATOM   903  O  O   . PHE A 1 123 ? 2.154   -7.412  18.112  1.00 25.40 ? 123  PHE A O   1 
ATOM   904  C  CB  . PHE A 1 123 ? -0.088  -5.675  16.272  1.00 25.11 ? 123  PHE A CB  1 
ATOM   905  C  CG  . PHE A 1 123 ? 1.090   -5.798  15.340  1.00 23.86 ? 123  PHE A CG  1 
ATOM   906  C  CD1 . PHE A 1 123 ? 2.080   -4.822  15.306  1.00 23.79 ? 123  PHE A CD1 1 
ATOM   907  C  CD2 . PHE A 1 123 ? 1.208   -6.895  14.503  1.00 23.65 ? 123  PHE A CD2 1 
ATOM   908  C  CE1 . PHE A 1 123 ? 3.156   -4.943  14.470  1.00 23.94 ? 123  PHE A CE1 1 
ATOM   909  C  CE2 . PHE A 1 123 ? 2.283   -7.023  13.650  1.00 23.39 ? 123  PHE A CE2 1 
ATOM   910  C  CZ  . PHE A 1 123 ? 3.252   -6.038  13.620  1.00 23.78 ? 123  PHE A CZ  1 
ATOM   911  N  N   . GLU A 1 124 ? 0.187   -8.411  17.751  1.00 25.44 ? 124  GLU A N   1 
ATOM   912  C  CA  . GLU A 1 124 ? 0.755   -9.734  17.957  1.00 25.88 ? 124  GLU A CA  1 
ATOM   913  C  C   . GLU A 1 124 ? 1.146   -10.454 16.670  1.00 25.17 ? 124  GLU A C   1 
ATOM   914  O  O   . GLU A 1 124 ? 2.120   -11.195 16.651  1.00 25.72 ? 124  GLU A O   1 
ATOM   915  C  CB  . GLU A 1 124 ? -0.218  -10.574 18.749  1.00 26.62 ? 124  GLU A CB  1 
ATOM   916  C  CG  . GLU A 1 124 ? -0.672  -9.897  20.021  1.00 29.41 ? 124  GLU A CG  1 
ATOM   917  C  CD  . GLU A 1 124 ? -1.885  -10.578 20.588  1.00 33.43 ? 124  GLU A CD  1 
ATOM   918  O  OE1 . GLU A 1 124 ? -1.859  -11.843 20.619  1.00 32.03 ? 124  GLU A OE1 1 
ATOM   919  O  OE2 . GLU A 1 124 ? -2.855  -9.851  20.973  1.00 36.17 ? 124  GLU A OE2 1 
ATOM   920  N  N   . ALA A 1 125 ? 0.410   -10.227 15.593  1.00 24.31 ? 125  ALA A N   1 
ATOM   921  C  CA  . ALA A 1 125 ? 0.661   -10.931 14.340  1.00 23.11 ? 125  ALA A CA  1 
ATOM   922  C  C   . ALA A 1 125 ? 0.104   -10.192 13.123  1.00 22.50 ? 125  ALA A C   1 
ATOM   923  O  O   . ALA A 1 125 ? -0.920  -9.499  13.187  1.00 20.58 ? 125  ALA A O   1 
ATOM   924  C  CB  . ALA A 1 125 ? 0.070   -12.334 14.416  1.00 23.03 ? 125  ALA A CB  1 
ATOM   925  N  N   . SER A 1 126 ? 0.799   -10.371 12.010  1.00 21.81 ? 126  SER A N   1 
ATOM   926  C  CA  . SER A 1 126 ? 0.369   -9.844  10.727  1.00 21.68 ? 126  SER A CA  1 
ATOM   927  C  C   . SER A 1 126 ? 1.180   -10.526 9.645   1.00 21.41 ? 126  SER A C   1 
ATOM   928  O  O   . SER A 1 126 ? 2.403   -10.527 9.689   1.00 20.84 ? 126  SER A O   1 
ATOM   929  C  CB  . SER A 1 126 ? 0.580   -8.332  10.664  1.00 21.88 ? 126  SER A CB  1 
ATOM   930  O  OG  . SER A 1 126 ? 0.558   -7.862  9.333   1.00 22.43 ? 126  SER A OG  1 
ATOM   931  N  N   . LYS A 1 127 ? 0.498   -11.123 8.676   1.00 21.46 ? 127  LYS A N   1 
ATOM   932  C  CA  . LYS A 1 127 ? 1.183   -11.624 7.496   1.00 21.00 ? 127  LYS A CA  1 
ATOM   933  C  C   . LYS A 1 127 ? 1.790   -10.490 6.656   1.00 21.07 ? 127  LYS A C   1 
ATOM   934  O  O   . LYS A 1 127 ? 2.620   -10.762 5.778   1.00 20.27 ? 127  LYS A O   1 
ATOM   935  C  CB  . LYS A 1 127 ? 0.229   -12.487 6.662   1.00 21.25 ? 127  LYS A CB  1 
ATOM   936  C  CG  . LYS A 1 127 ? -0.072  -13.873 7.302   1.00 20.97 ? 127  LYS A CG  1 
ATOM   937  C  CD  . LYS A 1 127 ? -1.023  -14.648 6.406   1.00 23.88 ? 127  LYS A CD  1 
ATOM   938  C  CE  . LYS A 1 127 ? -1.128  -16.093 6.796   1.00 27.52 ? 127  LYS A CE  1 
ATOM   939  N  NZ  . LYS A 1 127 ? -2.569  -16.591 6.832   1.00 29.72 ? 127  LYS A NZ  1 
ATOM   940  N  N   . ALA A 1 128 ? 1.375   -9.235  6.904   1.00 20.97 ? 128  ALA A N   1 
ATOM   941  C  CA  . ALA A 1 128 ? 2.058   -8.051  6.341   1.00 21.35 ? 128  ALA A CA  1 
ATOM   942  C  C   . ALA A 1 128 ? 3.552   -7.984  6.686   1.00 21.54 ? 128  ALA A C   1 
ATOM   943  O  O   . ALA A 1 128 ? 4.270   -7.150  6.165   1.00 21.41 ? 128  ALA A O   1 
ATOM   944  C  CB  . ALA A 1 128 ? 1.379   -6.728  6.784   1.00 21.14 ? 128  ALA A CB  1 
ATOM   945  N  N   . VAL A 1 129 ? 4.007   -8.852  7.579   1.00 22.31 ? 129  VAL A N   1 
ATOM   946  C  CA  . VAL A 1 129 ? 5.384   -8.859  8.031   1.00 22.96 ? 129  VAL A CA  1 
ATOM   947  C  C   . VAL A 1 129 ? 6.131   -10.054 7.420   1.00 23.89 ? 129  VAL A C   1 
ATOM   948  O  O   . VAL A 1 129 ? 5.760   -11.190 7.677   1.00 22.81 ? 129  VAL A O   1 
ATOM   949  C  CB  . VAL A 1 129 ? 5.432   -8.901  9.562   1.00 23.14 ? 129  VAL A CB  1 
ATOM   950  C  CG1 . VAL A 1 129 ? 6.840   -9.148  10.041  1.00 23.10 ? 129  VAL A CG1 1 
ATOM   951  C  CG2 . VAL A 1 129 ? 4.913   -7.602  10.113  1.00 22.13 ? 129  VAL A CG2 1 
ATOM   952  N  N   . GLU A 1 130 ? 7.143   -9.756  6.576   1.00 24.84 ? 130  GLU A N   1 
ATOM   953  C  CA  . GLU A 1 130 ? 7.974   -10.738 5.882   1.00 25.71 ? 130  GLU A CA  1 
ATOM   954  C  C   . GLU A 1 130 ? 9.432   -10.425 6.173   1.00 25.61 ? 130  GLU A C   1 
ATOM   955  O  O   . GLU A 1 130 ? 9.914   -9.326  5.853   1.00 24.69 ? 130  GLU A O   1 
ATOM   956  C  CB  . GLU A 1 130 ? 7.763   -10.706 4.347   1.00 27.20 ? 130  GLU A CB  1 
ATOM   957  C  CG  . GLU A 1 130 ? 8.686   -11.660 3.533   1.00 29.74 ? 130  GLU A CG  1 
ATOM   958  C  CD  . GLU A 1 130 ? 9.840   -10.960 2.792   1.00 34.59 ? 130  GLU A CD  1 
ATOM   959  O  OE1 . GLU A 1 130 ? 9.753   -9.727  2.582   1.00 39.27 ? 130  GLU A OE1 1 
ATOM   960  O  OE2 . GLU A 1 130 ? 10.851  -11.624 2.395   1.00 36.43 ? 130  GLU A OE2 1 
ATOM   961  N  N   . GLY A 1 131 ? 10.128  -11.388 6.793   1.00 25.77 ? 131  GLY A N   1 
ATOM   962  C  CA  . GLY A 1 131 ? 11.544  -11.253 7.080   1.00 25.66 ? 131  GLY A CA  1 
ATOM   963  C  C   . GLY A 1 131 ? 11.866  -10.118 8.034   1.00 25.44 ? 131  GLY A C   1 
ATOM   964  O  O   . GLY A 1 131 ? 12.922  -9.510  7.924   1.00 25.58 ? 131  GLY A O   1 
ATOM   965  N  N   . GLY A 1 132 ? 10.946  -9.815  8.946   1.00 25.48 ? 132  GLY A N   1 
ATOM   966  C  CA  . GLY A 1 132 ? 11.235  -8.920  10.060  1.00 25.13 ? 132  GLY A CA  1 
ATOM   967  C  C   . GLY A 1 132 ? 10.712  -7.516  9.912   1.00 24.76 ? 132  GLY A C   1 
ATOM   968  O  O   . GLY A 1 132 ? 10.696  -6.747  10.883  1.00 25.19 ? 132  GLY A O   1 
ATOM   969  N  N   . LYS A 1 133 ? 10.253  -7.200  8.700   1.00 24.01 ? 133  LYS A N   1 
ATOM   970  C  CA  . LYS A 1 133 ? 9.792   -5.878  8.333   1.00 22.92 ? 133  LYS A CA  1 
ATOM   971  C  C   . LYS A 1 133 ? 8.375   -5.972  7.740   1.00 21.74 ? 133  LYS A C   1 
ATOM   972  O  O   . LYS A 1 133 ? 8.013   -7.002  7.154   1.00 20.58 ? 133  LYS A O   1 
ATOM   973  C  CB  . LYS A 1 133 ? 10.743  -5.304  7.273   1.00 23.39 ? 133  LYS A CB  1 
ATOM   974  C  CG  . LYS A 1 133 ? 12.070  -4.747  7.827   1.00 25.50 ? 133  LYS A CG  1 
ATOM   975  C  CD  . LYS A 1 133 ? 13.274  -5.157  6.996   1.00 27.77 ? 133  LYS A CD  1 
ATOM   976  C  CE  . LYS A 1 133 ? 13.144  -4.797  5.516   1.00 29.70 ? 133  LYS A CE  1 
ATOM   977  N  NZ  . LYS A 1 133 ? 12.690  -5.984  4.696   1.00 31.22 ? 133  LYS A NZ  1 
ATOM   978  N  N   . PHE A 1 134 ? 7.573   -4.922  7.931   1.00 20.56 ? 134  PHE A N   1 
ATOM   979  C  CA  . PHE A 1 134 ? 6.366   -4.724  7.128   1.00 20.62 ? 134  PHE A CA  1 
ATOM   980  C  C   . PHE A 1 134 ? 6.791   -4.595  5.691   1.00 19.73 ? 134  PHE A C   1 
ATOM   981  O  O   . PHE A 1 134 ? 7.777   -3.931  5.391   1.00 19.91 ? 134  PHE A O   1 
ATOM   982  C  CB  . PHE A 1 134 ? 5.616   -3.446  7.489   1.00 20.06 ? 134  PHE A CB  1 
ATOM   983  C  CG  . PHE A 1 134 ? 4.777   -3.548  8.746   1.00 20.52 ? 134  PHE A CG  1 
ATOM   984  C  CD1 . PHE A 1 134 ? 4.869   -2.564  9.729   1.00 18.05 ? 134  PHE A CD1 1 
ATOM   985  C  CD2 . PHE A 1 134 ? 3.887   -4.597  8.929   1.00 18.61 ? 134  PHE A CD2 1 
ATOM   986  C  CE1 . PHE A 1 134 ? 4.064   -2.610  10.866  1.00 20.85 ? 134  PHE A CE1 1 
ATOM   987  C  CE2 . PHE A 1 134 ? 3.084   -4.662  10.065  1.00 19.41 ? 134  PHE A CE2 1 
ATOM   988  C  CZ  . PHE A 1 134 ? 3.172   -3.668  11.051  1.00 17.77 ? 134  PHE A CZ  1 
ATOM   989  N  N   . VAL A 1 135 ? 6.013   -5.197  4.807   1.00 19.21 ? 135  VAL A N   1 
ATOM   990  C  CA  . VAL A 1 135 ? 6.289   -5.159  3.382   1.00 18.96 ? 135  VAL A CA  1 
ATOM   991  C  C   . VAL A 1 135 ? 6.100   -3.769  2.784   1.00 19.58 ? 135  VAL A C   1 
ATOM   992  O  O   . VAL A 1 135 ? 6.420   -3.539  1.620   1.00 20.66 ? 135  VAL A O   1 
ATOM   993  C  CB  . VAL A 1 135 ? 5.423   -6.183  2.615   1.00 18.48 ? 135  VAL A CB  1 
ATOM   994  C  CG1 . VAL A 1 135 ? 5.832   -7.626  3.012   1.00 16.90 ? 135  VAL A CG1 1 
ATOM   995  C  CG2 . VAL A 1 135 ? 3.912   -5.942  2.825   1.00 17.81 ? 135  VAL A CG2 1 
ATOM   996  N  N   . GLY A 1 136 ? 5.563   -2.849  3.569   1.00 19.29 ? 136  GLY A N   1 
ATOM   997  C  CA  . GLY A 1 136 ? 5.267   -1.529  3.062   1.00 19.04 ? 136  GLY A CA  1 
ATOM   998  C  C   . GLY A 1 136 ? 5.108   -0.533  4.194   1.00 18.35 ? 136  GLY A C   1 
ATOM   999  O  O   . GLY A 1 136 ? 5.348   -0.845  5.362   1.00 17.93 ? 136  GLY A O   1 
ATOM   1000 N  N   . LEU A 1 137 ? 4.689   0.668   3.828   1.00 17.41 ? 137  LEU A N   1 
ATOM   1001 C  CA  . LEU A 1 137 ? 4.264   1.663   4.786   1.00 17.22 ? 137  LEU A CA  1 
ATOM   1002 C  C   . LEU A 1 137 ? 2.946   1.223   5.441   1.00 17.53 ? 137  LEU A C   1 
ATOM   1003 O  O   . LEU A 1 137 ? 2.063   0.729   4.758   1.00 19.28 ? 137  LEU A O   1 
ATOM   1004 C  CB  . LEU A 1 137 ? 4.082   3.004   4.085   1.00 16.53 ? 137  LEU A CB  1 
ATOM   1005 C  CG  . LEU A 1 137 ? 3.519   4.122   4.967   1.00 15.87 ? 137  LEU A CG  1 
ATOM   1006 C  CD1 . LEU A 1 137 ? 4.474   4.386   6.147   1.00 19.83 ? 137  LEU A CD1 1 
ATOM   1007 C  CD2 . LEU A 1 137 ? 3.333   5.386   4.154   1.00 14.43 ? 137  LEU A CD2 1 
ATOM   1008 N  N   . VAL A 1 138 ? 2.803   1.453   6.741   1.00 17.77 ? 138  VAL A N   1 
ATOM   1009 C  CA  . VAL A 1 138 ? 1.621   1.022   7.506   1.00 19.11 ? 138  VAL A CA  1 
ATOM   1010 C  C   . VAL A 1 138 ? 1.062   2.226   8.287   1.00 19.26 ? 138  VAL A C   1 
ATOM   1011 O  O   . VAL A 1 138 ? 1.762   2.843   9.105   1.00 18.67 ? 138  VAL A O   1 
ATOM   1012 C  CB  . VAL A 1 138 ? 1.948   -0.153  8.438   1.00 18.96 ? 138  VAL A CB  1 
ATOM   1013 C  CG1 . VAL A 1 138 ? 0.814   -0.411  9.463   1.00 22.08 ? 138  VAL A CG1 1 
ATOM   1014 C  CG2 . VAL A 1 138 ? 2.183   -1.432  7.618   1.00 19.19 ? 138  VAL A CG2 1 
ATOM   1015 N  N   . ILE A 1 139 ? -0.194  2.558   7.992   1.00 19.10 ? 139  ILE A N   1 
ATOM   1016 C  CA  . ILE A 1 139 ? -0.875  3.697   8.580   1.00 19.58 ? 139  ILE A CA  1 
ATOM   1017 C  C   . ILE A 1 139 ? -2.013  3.164   9.443   1.00 19.55 ? 139  ILE A C   1 
ATOM   1018 O  O   . ILE A 1 139 ? -2.687  2.217   9.054   1.00 19.65 ? 139  ILE A O   1 
ATOM   1019 C  CB  . ILE A 1 139 ? -1.438  4.595   7.440   1.00 19.41 ? 139  ILE A CB  1 
ATOM   1020 C  CG1 . ILE A 1 139 ? -0.317  5.368   6.723   1.00 19.56 ? 139  ILE A CG1 1 
ATOM   1021 C  CG2 . ILE A 1 139 ? -2.532  5.538   7.953   1.00 19.98 ? 139  ILE A CG2 1 
ATOM   1022 C  CD1 . ILE A 1 139 ? 0.902   5.732   7.619   1.00 17.69 ? 139  ILE A CD1 1 
ATOM   1023 N  N   . ASP A 1 140 ? -2.224  3.759   10.608  1.00 19.64 ? 140  ASP A N   1 
ATOM   1024 C  CA  . ASP A 1 140 ? -3.333  3.351   11.492  1.00 20.26 ? 140  ASP A CA  1 
ATOM   1025 C  C   . ASP A 1 140 ? -3.982  4.623   11.974  1.00 21.20 ? 140  ASP A C   1 
ATOM   1026 O  O   . ASP A 1 140 ? -3.501  5.261   12.934  1.00 21.67 ? 140  ASP A O   1 
ATOM   1027 C  CB  . ASP A 1 140 ? -2.837  2.506   12.669  1.00 19.69 ? 140  ASP A CB  1 
ATOM   1028 C  CG  . ASP A 1 140 ? -3.964  2.068   13.613  1.00 19.11 ? 140  ASP A CG  1 
ATOM   1029 O  OD1 . ASP A 1 140 ? -5.076  2.626   13.587  1.00 15.61 ? 140  ASP A OD1 1 
ATOM   1030 O  OD2 . ASP A 1 140 ? -3.829  1.140   14.420  1.00 15.10 ? 140  ASP A OD2 1 
ATOM   1031 N  N   . GLU A 1 141 ? -5.035  5.006   11.263  1.00 21.83 ? 141  GLU A N   1 
ATOM   1032 C  CA  . GLU A 1 141 ? -5.742  6.243   11.494  1.00 22.70 ? 141  GLU A CA  1 
ATOM   1033 C  C   . GLU A 1 141 ? -6.708  6.164   12.671  1.00 23.04 ? 141  GLU A C   1 
ATOM   1034 O  O   . GLU A 1 141 ? -7.134  7.202   13.181  1.00 21.96 ? 141  GLU A O   1 
ATOM   1035 C  CB  . GLU A 1 141 ? -6.509  6.638   10.238  1.00 23.54 ? 141  GLU A CB  1 
ATOM   1036 C  CG  . GLU A 1 141 ? -5.606  7.087   9.091   1.00 25.81 ? 141  GLU A CG  1 
ATOM   1037 C  CD  . GLU A 1 141 ? -5.419  8.579   9.051   1.00 28.51 ? 141  GLU A CD  1 
ATOM   1038 O  OE1 . GLU A 1 141 ? -4.917  9.146   10.049  1.00 28.65 ? 141  GLU A OE1 1 
ATOM   1039 O  OE2 . GLU A 1 141 ? -5.811  9.183   8.027   1.00 32.03 ? 141  GLU A OE2 1 
ATOM   1040 N  N   . ASP A 1 142 ? -7.039  4.949   13.115  1.00 23.00 ? 142  ASP A N   1 
ATOM   1041 C  CA  . ASP A 1 142 ? -7.932  4.782   14.278  1.00 23.52 ? 142  ASP A CA  1 
ATOM   1042 C  C   . ASP A 1 142 ? -7.241  5.037   15.622  1.00 22.89 ? 142  ASP A C   1 
ATOM   1043 O  O   . ASP A 1 142 ? -7.845  5.542   16.588  1.00 22.77 ? 142  ASP A O   1 
ATOM   1044 C  CB  . ASP A 1 142 ? -8.531  3.374   14.262  1.00 24.51 ? 142  ASP A CB  1 
ATOM   1045 C  CG  . ASP A 1 142 ? -9.502  3.175   13.107  1.00 26.74 ? 142  ASP A CG  1 
ATOM   1046 O  OD1 . ASP A 1 142 ? -10.629 3.719   13.203  1.00 28.92 ? 142  ASP A OD1 1 
ATOM   1047 O  OD2 . ASP A 1 142 ? -9.220  2.501   12.080  1.00 29.17 ? 142  ASP A OD2 1 
ATOM   1048 N  N   . ASN A 1 143 ? -5.959  4.705   15.679  1.00 22.36 ? 143  ASN A N   1 
ATOM   1049 C  CA  . ASN A 1 143 ? -5.231  4.742   16.926  1.00 22.22 ? 143  ASN A CA  1 
ATOM   1050 C  C   . ASN A 1 143 ? -4.013  5.660   16.873  1.00 21.97 ? 143  ASN A C   1 
ATOM   1051 O  O   . ASN A 1 143 ? -3.583  6.123   17.891  1.00 21.98 ? 143  ASN A O   1 
ATOM   1052 C  CB  . ASN A 1 143 ? -4.811  3.317   17.329  1.00 22.44 ? 143  ASN A CB  1 
ATOM   1053 C  CG  . ASN A 1 143 ? -5.948  2.299   17.246  1.00 21.84 ? 143  ASN A CG  1 
ATOM   1054 O  OD1 . ASN A 1 143 ? -6.942  2.381   17.985  1.00 25.12 ? 143  ASN A OD1 1 
ATOM   1055 N  ND2 . ASN A 1 143 ? -5.783  1.302   16.382  1.00 18.74 ? 143  ASN A ND2 1 
ATOM   1056 N  N   . GLN A 1 144 ? -3.455  5.906   15.684  1.00 22.25 ? 144  GLN A N   1 
ATOM   1057 C  CA  . GLN A 1 144 ? -2.185  6.648   15.535  1.00 21.57 ? 144  GLN A CA  1 
ATOM   1058 C  C   . GLN A 1 144 ? -2.340  7.659   14.401  1.00 21.72 ? 144  GLN A C   1 
ATOM   1059 O  O   . GLN A 1 144 ? -1.418  7.894   13.619  1.00 21.61 ? 144  GLN A O   1 
ATOM   1060 C  CB  . GLN A 1 144 ? -1.011  5.681   15.267  1.00 21.01 ? 144  GLN A CB  1 
ATOM   1061 C  CG  . GLN A 1 144 ? -0.885  4.543   16.312  1.00 20.89 ? 144  GLN A CG  1 
ATOM   1062 C  CD  . GLN A 1 144 ? 0.425   3.724   16.210  1.00 22.17 ? 144  GLN A CD  1 
ATOM   1063 O  OE1 . GLN A 1 144 ? 0.782   3.227   15.124  1.00 16.57 ? 144  GLN A OE1 1 
ATOM   1064 N  NE2 . GLN A 1 144 ? 1.100   3.534   17.354  1.00 19.89 ? 144  GLN A NE2 1 
ATOM   1065 N  N   . ASP A 1 145 ? -3.534  8.245   14.302  1.00 21.73 ? 145  ASP A N   1 
ATOM   1066 C  CA  . ASP A 1 145 ? -3.832  9.233   13.258  1.00 22.40 ? 145  ASP A CA  1 
ATOM   1067 C  C   . ASP A 1 145 ? -2.863  10.402  13.361  1.00 22.37 ? 145  ASP A C   1 
ATOM   1068 O  O   . ASP A 1 145 ? -2.569  11.079  12.375  1.00 22.20 ? 145  ASP A O   1 
ATOM   1069 C  CB  . ASP A 1 145 ? -5.278  9.761   13.358  1.00 21.95 ? 145  ASP A CB  1 
ATOM   1070 C  CG  . ASP A 1 145 ? -5.599  10.322  14.727  1.00 23.73 ? 145  ASP A CG  1 
ATOM   1071 O  OD1 . ASP A 1 145 ? -5.764  9.521   15.677  1.00 24.38 ? 145  ASP A OD1 1 
ATOM   1072 O  OD2 . ASP A 1 145 ? -5.701  11.552  14.951  1.00 24.35 ? 145  ASP A OD2 1 
ATOM   1073 N  N   . ASP A 1 146 ? -2.406  10.632  14.585  1.00 22.90 ? 146  ASP A N   1 
ATOM   1074 C  CA  . ASP A 1 146 ? -1.450  11.690  14.900  1.00 23.44 ? 146  ASP A CA  1 
ATOM   1075 C  C   . ASP A 1 146 ? -0.027  11.440  14.369  1.00 22.82 ? 146  ASP A C   1 
ATOM   1076 O  O   . ASP A 1 146 ? 0.761   12.363  14.275  1.00 23.04 ? 146  ASP A O   1 
ATOM   1077 C  CB  . ASP A 1 146 ? -1.455  11.967  16.413  1.00 23.83 ? 146  ASP A CB  1 
ATOM   1078 C  CG  . ASP A 1 146 ? -0.964  10.777  17.258  1.00 25.03 ? 146  ASP A CG  1 
ATOM   1079 O  OD1 . ASP A 1 146 ? -1.355  9.622   16.990  1.00 24.97 ? 146  ASP A OD1 1 
ATOM   1080 O  OD2 . ASP A 1 146 ? -0.186  10.921  18.236  1.00 26.95 ? 146  ASP A OD2 1 
ATOM   1081 N  N   . LEU A 1 147 ? 0.297   10.205  14.001  1.00 22.31 ? 147  LEU A N   1 
ATOM   1082 C  CA  . LEU A 1 147 ? 1.598   9.896   13.409  1.00 21.74 ? 147  LEU A CA  1 
ATOM   1083 C  C   . LEU A 1 147 ? 1.585   9.817   11.862  1.00 21.83 ? 147  LEU A C   1 
ATOM   1084 O  O   . LEU A 1 147 ? 2.633   9.672   11.245  1.00 21.02 ? 147  LEU A O   1 
ATOM   1085 C  CB  . LEU A 1 147 ? 2.133   8.577   13.989  1.00 21.34 ? 147  LEU A CB  1 
ATOM   1086 C  CG  . LEU A 1 147 ? 2.291   8.439   15.514  1.00 20.78 ? 147  LEU A CG  1 
ATOM   1087 C  CD1 . LEU A 1 147 ? 2.814   7.056   15.891  1.00 19.37 ? 147  LEU A CD1 1 
ATOM   1088 C  CD2 . LEU A 1 147 ? 3.201   9.511   16.094  1.00 18.92 ? 147  LEU A CD2 1 
ATOM   1089 N  N   . THR A 1 148 ? 0.408   9.903   11.238  1.00 22.67 ? 148  THR A N   1 
ATOM   1090 C  CA  . THR A 1 148 ? 0.279   9.552   9.815   1.00 23.33 ? 148  THR A CA  1 
ATOM   1091 C  C   . THR A 1 148 ? 1.110   10.457  8.876   1.00 24.11 ? 148  THR A C   1 
ATOM   1092 O  O   . THR A 1 148 ? 1.724   9.961   7.944   1.00 24.81 ? 148  THR A O   1 
ATOM   1093 C  CB  . THR A 1 148 ? -1.229  9.462   9.417   1.00 23.52 ? 148  THR A CB  1 
ATOM   1094 O  OG1 . THR A 1 148 ? -1.751  8.194   9.856   1.00 24.25 ? 148  THR A OG1 1 
ATOM   1095 C  CG2 . THR A 1 148 ? -1.451  9.470   7.885   1.00 23.56 ? 148  THR A CG2 1 
ATOM   1096 N  N   . ASP A 1 149 ? 1.174   11.760  9.148   1.00 24.95 ? 149  ASP A N   1 
ATOM   1097 C  CA  . ASP A 1 149 ? 1.933   12.694  8.293   1.00 25.77 ? 149  ASP A CA  1 
ATOM   1098 C  C   . ASP A 1 149 ? 3.459   12.538  8.363   1.00 25.48 ? 149  ASP A C   1 
ATOM   1099 O  O   . ASP A 1 149 ? 4.125   12.527  7.336   1.00 25.38 ? 149  ASP A O   1 
ATOM   1100 C  CB  . ASP A 1 149 ? 1.536   14.144  8.599   1.00 25.98 ? 149  ASP A CB  1 
ATOM   1101 C  CG  . ASP A 1 149 ? 0.121   14.468  8.152   1.00 27.39 ? 149  ASP A CG  1 
ATOM   1102 O  OD1 . ASP A 1 149 ? -0.321  14.000  7.079   1.00 29.24 ? 149  ASP A OD1 1 
ATOM   1103 O  OD2 . ASP A 1 149 ? -0.635  15.188  8.811   1.00 31.63 ? 149  ASP A OD2 1 
ATOM   1104 N  N   . GLU A 1 150 ? 4.002   12.470  9.579   1.00 26.18 ? 150  GLU A N   1 
ATOM   1105 C  CA  . GLU A 1 150 ? 5.394   12.085  9.838   1.00 26.13 ? 150  GLU A CA  1 
ATOM   1106 C  C   . GLU A 1 150 ? 5.744   10.807  9.080   1.00 25.42 ? 150  GLU A C   1 
ATOM   1107 O  O   . GLU A 1 150 ? 6.723   10.758  8.330   1.00 25.24 ? 150  GLU A O   1 
ATOM   1108 C  CB  . GLU A 1 150 ? 5.610   11.805  11.331  1.00 27.37 ? 150  GLU A CB  1 
ATOM   1109 C  CG  . GLU A 1 150 ? 5.890   12.983  12.257  1.00 29.38 ? 150  GLU A CG  1 
ATOM   1110 C  CD  . GLU A 1 150 ? 5.939   12.527  13.727  1.00 31.76 ? 150  GLU A CD  1 
ATOM   1111 O  OE1 . GLU A 1 150 ? 7.054   12.188  14.179  1.00 34.23 ? 150  GLU A OE1 1 
ATOM   1112 O  OE2 . GLU A 1 150 ? 4.879   12.483  14.422  1.00 30.56 ? 150  GLU A OE2 1 
ATOM   1113 N  N   . ARG A 1 151 ? 4.928   9.771   9.272   1.00 23.81 ? 151  ARG A N   1 
ATOM   1114 C  CA  . ARG A 1 151 ? 5.131   8.496   8.600   1.00 22.79 ? 151  ARG A CA  1 
ATOM   1115 C  C   . ARG A 1 151 ? 5.219   8.641   7.076   1.00 22.70 ? 151  ARG A C   1 
ATOM   1116 O  O   . ARG A 1 151 ? 6.156   8.146   6.441   1.00 22.15 ? 151  ARG A O   1 
ATOM   1117 C  CB  . ARG A 1 151 ? 4.030   7.506   9.028   1.00 22.58 ? 151  ARG A CB  1 
ATOM   1118 C  CG  . ARG A 1 151 ? 4.290   6.970   10.435  1.00 19.80 ? 151  ARG A CG  1 
ATOM   1119 C  CD  . ARG A 1 151 ? 3.186   6.104   11.033  1.00 18.75 ? 151  ARG A CD  1 
ATOM   1120 N  NE  . ARG A 1 151 ? 3.642   5.310   12.170  1.00 16.13 ? 151  ARG A NE  1 
ATOM   1121 C  CZ  . ARG A 1 151 ? 2.845   4.560   12.942  1.00 16.60 ? 151  ARG A CZ  1 
ATOM   1122 N  NH1 . ARG A 1 151 ? 1.536   4.503   12.729  1.00 18.10 ? 151  ARG A NH1 1 
ATOM   1123 N  NH2 . ARG A 1 151 ? 3.359   3.877   13.945  1.00 14.12 ? 151  ARG A NH2 1 
ATOM   1124 N  N   . ILE A 1 152 ? 4.264   9.337   6.482   1.00 22.66 ? 152  ILE A N   1 
ATOM   1125 C  CA  . ILE A 1 152 ? 4.268   9.515   5.023   1.00 22.61 ? 152  ILE A CA  1 
ATOM   1126 C  C   . ILE A 1 152 ? 5.496   10.287  4.576   1.00 22.06 ? 152  ILE A C   1 
ATOM   1127 O  O   . ILE A 1 152 ? 6.105   9.951   3.566   1.00 21.30 ? 152  ILE A O   1 
ATOM   1128 C  CB  . ILE A 1 152 ? 2.963   10.221  4.536   1.00 22.48 ? 152  ILE A CB  1 
ATOM   1129 C  CG1 . ILE A 1 152 ? 1.782   9.250   4.651   1.00 22.79 ? 152  ILE A CG1 1 
ATOM   1130 C  CG2 . ILE A 1 152 ? 3.091   10.723  3.070   1.00 23.16 ? 152  ILE A CG2 1 
ATOM   1131 C  CD1 . ILE A 1 152 ? 0.439   9.954   4.613   1.00 22.10 ? 152  ILE A CD1 1 
ATOM   1132 N  N   . SER A 1 153 ? 5.865   11.310  5.333   1.00 22.36 ? 153  SER A N   1 
ATOM   1133 C  CA  . SER A 1 153 ? 6.979   12.175  4.962   1.00 22.55 ? 153  SER A CA  1 
ATOM   1134 C  C   . SER A 1 153 ? 8.284   11.368  4.927   1.00 23.52 ? 153  SER A C   1 
ATOM   1135 O  O   . SER A 1 153 ? 8.994   11.354  3.917   1.00 22.64 ? 153  SER A O   1 
ATOM   1136 C  CB  . SER A 1 153 ? 7.076   13.342  5.949   1.00 22.88 ? 153  SER A CB  1 
ATOM   1137 O  OG  . SER A 1 153 ? 8.244   14.107  5.713   1.00 22.74 ? 153  SER A OG  1 
ATOM   1138 N  N   . LYS A 1 154 ? 8.585   10.670  6.026   1.00 24.03 ? 154  LYS A N   1 
ATOM   1139 C  CA  . LYS A 1 154 ? 9.779   9.825   6.112   1.00 24.35 ? 154  LYS A CA  1 
ATOM   1140 C  C   . LYS A 1 154 ? 9.777   8.716   5.041   1.00 24.19 ? 154  LYS A C   1 
ATOM   1141 O  O   . LYS A 1 154 ? 10.800  8.414   4.440   1.00 24.16 ? 154  LYS A O   1 
ATOM   1142 C  CB  . LYS A 1 154 ? 9.902   9.177   7.503   1.00 24.79 ? 154  LYS A CB  1 
ATOM   1143 C  CG  . LYS A 1 154 ? 9.993   10.143  8.689   1.00 26.95 ? 154  LYS A CG  1 
ATOM   1144 C  CD  . LYS A 1 154 ? 9.576   9.418   9.996   1.00 29.97 ? 154  LYS A CD  1 
ATOM   1145 C  CE  . LYS A 1 154 ? 10.096  10.108  11.256  1.00 32.19 ? 154  LYS A CE  1 
ATOM   1146 N  NZ  . LYS A 1 154 ? 9.809   9.298   12.483  1.00 34.05 ? 154  LYS A NZ  1 
ATOM   1147 N  N   . TRP A 1 155 ? 8.619   8.129   4.788   1.00 23.80 ? 155  TRP A N   1 
ATOM   1148 C  CA  . TRP A 1 155 ? 8.521   7.051   3.810   1.00 23.53 ? 155  TRP A CA  1 
ATOM   1149 C  C   . TRP A 1 155 ? 8.800   7.515   2.388   1.00 23.48 ? 155  TRP A C   1 
ATOM   1150 O  O   . TRP A 1 155 ? 9.417   6.790   1.612   1.00 23.22 ? 155  TRP A O   1 
ATOM   1151 C  CB  . TRP A 1 155 ? 7.146   6.403   3.884   1.00 23.23 ? 155  TRP A CB  1 
ATOM   1152 C  CG  . TRP A 1 155 ? 7.035   5.176   3.082   1.00 22.38 ? 155  TRP A CG  1 
ATOM   1153 C  CD1 . TRP A 1 155 ? 7.520   3.954   3.401   1.00 20.39 ? 155  TRP A CD1 1 
ATOM   1154 C  CD2 . TRP A 1 155 ? 6.412   5.041   1.798   1.00 21.23 ? 155  TRP A CD2 1 
ATOM   1155 N  NE1 . TRP A 1 155 ? 7.212   3.053   2.413   1.00 18.80 ? 155  TRP A NE1 1 
ATOM   1156 C  CE2 . TRP A 1 155 ? 6.541   3.697   1.411   1.00 20.30 ? 155  TRP A CE2 1 
ATOM   1157 C  CE3 . TRP A 1 155 ? 5.728   5.923   0.941   1.00 24.21 ? 155  TRP A CE3 1 
ATOM   1158 C  CZ2 . TRP A 1 155 ? 6.020   3.203   0.201   1.00 21.11 ? 155  TRP A CZ2 1 
ATOM   1159 C  CZ3 . TRP A 1 155 ? 5.218   5.443   -0.260  1.00 23.21 ? 155  TRP A CZ3 1 
ATOM   1160 C  CH2 . TRP A 1 155 ? 5.360   4.089   -0.618  1.00 20.93 ? 155  TRP A CH2 1 
ATOM   1161 N  N   . VAL A 1 156 ? 8.339   8.717   2.052   1.00 23.43 ? 156  VAL A N   1 
ATOM   1162 C  CA  . VAL A 1 156 ? 8.580   9.298   0.742   1.00 23.27 ? 156  VAL A CA  1 
ATOM   1163 C  C   . VAL A 1 156 ? 10.082  9.613   0.537   1.00 23.66 ? 156  VAL A C   1 
ATOM   1164 O  O   . VAL A 1 156 ? 10.622  9.352   -0.527  1.00 22.40 ? 156  VAL A O   1 
ATOM   1165 C  CB  . VAL A 1 156 ? 7.681   10.531  0.499   1.00 23.48 ? 156  VAL A CB  1 
ATOM   1166 C  CG1 . VAL A 1 156 ? 8.094   11.303  -0.764  1.00 21.73 ? 156  VAL A CG1 1 
ATOM   1167 C  CG2 . VAL A 1 156 ? 6.215   10.092  0.369   1.00 23.73 ? 156  VAL A CG2 1 
ATOM   1168 N  N   . GLU A 1 157 ? 10.731  10.159  1.565   1.00 24.39 ? 157  GLU A N   1 
ATOM   1169 C  CA  . GLU A 1 157 ? 12.176  10.376  1.571   1.00 25.23 ? 157  GLU A CA  1 
ATOM   1170 C  C   . GLU A 1 157 ? 12.932  9.043   1.389   1.00 24.89 ? 157  GLU A C   1 
ATOM   1171 O  O   . GLU A 1 157 ? 13.887  8.969   0.622   1.00 25.39 ? 157  GLU A O   1 
ATOM   1172 C  CB  . GLU A 1 157 ? 12.591  11.114  2.855   1.00 25.73 ? 157  GLU A CB  1 
ATOM   1173 C  CG  . GLU A 1 157 ? 12.528  12.655  2.692   1.00 29.55 ? 157  GLU A CG  1 
ATOM   1174 C  CD  . GLU A 1 157 ? 12.162  13.446  3.965   1.00 32.57 ? 157  GLU A CD  1 
ATOM   1175 O  OE1 . GLU A 1 157 ? 12.186  12.865  5.066   1.00 34.09 ? 157  GLU A OE1 1 
ATOM   1176 O  OE2 . GLU A 1 157 ? 11.858  14.682  3.865   1.00 34.91 ? 157  GLU A OE2 1 
ATOM   1177 N  N   . GLN A 1 158 ? 12.444  7.996   2.045   1.00 24.14 ? 158  GLN A N   1 
ATOM   1178 C  CA  . GLN A 1 158 ? 12.995  6.641   1.975   1.00 24.10 ? 158  GLN A CA  1 
ATOM   1179 C  C   . GLN A 1 158 ? 12.926  6.018   0.575   1.00 23.27 ? 158  GLN A C   1 
ATOM   1180 O  O   . GLN A 1 158 ? 13.853  5.347   0.148   1.00 22.75 ? 158  GLN A O   1 
ATOM   1181 C  CB  . GLN A 1 158 ? 12.212  5.735   2.949   1.00 24.25 ? 158  GLN A CB  1 
ATOM   1182 C  CG  . GLN A 1 158 ? 12.776  4.337   3.125   1.00 24.97 ? 158  GLN A CG  1 
ATOM   1183 C  CD  . GLN A 1 158 ? 11.856  3.426   3.920   1.00 25.00 ? 158  GLN A CD  1 
ATOM   1184 O  OE1 . GLN A 1 158 ? 11.892  2.218   3.738   1.00 28.25 ? 158  GLN A OE1 1 
ATOM   1185 N  NE2 . GLN A 1 158 ? 11.036  4.001   4.791   1.00 23.33 ? 158  GLN A NE2 1 
ATOM   1186 N  N   . VAL A 1 159 ? 11.821  6.215   -0.135  1.00 23.09 ? 159  VAL A N   1 
ATOM   1187 C  CA  . VAL A 1 159 ? 11.649  5.569   -1.453  1.00 22.99 ? 159  VAL A CA  1 
ATOM   1188 C  C   . VAL A 1 159 ? 11.839  6.505   -2.653  1.00 23.55 ? 159  VAL A C   1 
ATOM   1189 O  O   . VAL A 1 159 ? 11.943  6.040   -3.760  1.00 22.94 ? 159  VAL A O   1 
ATOM   1190 C  CB  . VAL A 1 159 ? 10.266  4.892   -1.598  1.00 22.92 ? 159  VAL A CB  1 
ATOM   1191 C  CG1 . VAL A 1 159 ? 10.020  3.950   -0.447  1.00 22.01 ? 159  VAL A CG1 1 
ATOM   1192 C  CG2 . VAL A 1 159 ? 9.123   5.937   -1.725  1.00 20.03 ? 159  VAL A CG2 1 
ATOM   1193 N  N   . LYS A 1 160 ? 11.888  7.810   -2.435  1.00 24.86 ? 160  LYS A N   1 
ATOM   1194 C  CA  . LYS A 1 160 ? 11.808  8.747   -3.557  1.00 25.94 ? 160  LYS A CA  1 
ATOM   1195 C  C   . LYS A 1 160 ? 12.889  8.454   -4.610  1.00 26.06 ? 160  LYS A C   1 
ATOM   1196 O  O   . LYS A 1 160 ? 12.614  8.511   -5.821  1.00 25.85 ? 160  LYS A O   1 
ATOM   1197 C  CB  . LYS A 1 160 ? 11.797  10.214  -3.073  1.00 26.36 ? 160  LYS A CB  1 
ATOM   1198 C  CG  . LYS A 1 160 ? 12.733  11.213  -3.766  1.00 29.18 ? 160  LYS A CG  1 
ATOM   1199 C  CD  . LYS A 1 160 ? 13.792  11.771  -2.791  1.00 33.41 ? 160  LYS A CD  1 
ATOM   1200 C  CE  . LYS A 1 160 ? 13.410  13.122  -2.191  1.00 35.33 ? 160  LYS A CE  1 
ATOM   1201 N  NZ  . LYS A 1 160 ? 14.064  14.276  -2.902  1.00 35.73 ? 160  LYS A NZ  1 
ATOM   1202 N  N   . GLY A 1 161 ? 14.090  8.101   -4.165  1.00 25.86 ? 161  GLY A N   1 
ATOM   1203 C  CA  . GLY A 1 161 ? 15.181  7.787   -5.084  1.00 25.94 ? 161  GLY A CA  1 
ATOM   1204 C  C   . GLY A 1 161 ? 14.917  6.547   -5.924  1.00 25.97 ? 161  GLY A C   1 
ATOM   1205 O  O   . GLY A 1 161 ? 15.321  6.498   -7.087  1.00 25.79 ? 161  GLY A O   1 
ATOM   1206 N  N   . SER A 1 162 ? 14.256  5.556   -5.324  1.00 25.71 ? 162  SER A N   1 
ATOM   1207 C  CA  . SER A 1 162 ? 13.812  4.363   -6.026  1.00 26.09 ? 162  SER A CA  1 
ATOM   1208 C  C   . SER A 1 162 ? 12.811  4.672   -7.120  1.00 26.49 ? 162  SER A C   1 
ATOM   1209 O  O   . SER A 1 162 ? 12.773  3.977   -8.132  1.00 27.38 ? 162  SER A O   1 
ATOM   1210 C  CB  . SER A 1 162 ? 13.187  3.360   -5.050  1.00 26.02 ? 162  SER A CB  1 
ATOM   1211 O  OG  . SER A 1 162 ? 14.111  2.999   -4.036  1.00 25.38 ? 162  SER A OG  1 
ATOM   1212 N  N   . PHE A 1 163 ? 11.992  5.695   -6.908  1.00 26.82 ? 163  PHE A N   1 
ATOM   1213 C  CA  . PHE A 1 163 ? 11.081  6.180   -7.926  1.00 27.18 ? 163  PHE A CA  1 
ATOM   1214 C  C   . PHE A 1 163 ? 11.862  7.259   -8.684  1.00 28.48 ? 163  PHE A C   1 
ATOM   1215 O  O   . PHE A 1 163 ? 12.530  8.077   -8.072  1.00 30.08 ? 163  PHE A O   1 
ATOM   1216 C  CB  . PHE A 1 163 ? 9.785   6.679   -7.288  1.00 26.74 ? 163  PHE A CB  1 
ATOM   1217 C  CG  . PHE A 1 163 ? 8.924   5.572   -6.728  1.00 25.64 ? 163  PHE A CG  1 
ATOM   1218 C  CD1 . PHE A 1 163 ? 9.012   5.209   -5.396  1.00 24.37 ? 163  PHE A CD1 1 
ATOM   1219 C  CD2 . PHE A 1 163 ? 8.049   4.888   -7.537  1.00 24.40 ? 163  PHE A CD2 1 
ATOM   1220 C  CE1 . PHE A 1 163 ? 8.210   4.173   -4.875  1.00 24.01 ? 163  PHE A CE1 1 
ATOM   1221 C  CE2 . PHE A 1 163 ? 7.271   3.847   -7.036  1.00 25.40 ? 163  PHE A CE2 1 
ATOM   1222 C  CZ  . PHE A 1 163 ? 7.356   3.495   -5.691  1.00 23.74 ? 163  PHE A CZ  1 
ATOM   1223 N  N   . ALA A 1 164 ? 11.852  7.226   -10.011 1.00 29.67 ? 164  ALA A N   1 
ATOM   1224 C  CA  . ALA A 1 164 ? 12.839  8.000   -10.804 1.00 30.13 ? 164  ALA A CA  1 
ATOM   1225 C  C   . ALA A 1 164 ? 12.184  8.848   -11.900 1.00 30.46 ? 164  ALA A C   1 
ATOM   1226 O  O   . ALA A 1 164 ? 12.895  9.579   -12.587 1.00 30.97 ? 164  ALA A O   1 
ATOM   1227 C  CB  . ALA A 1 164 ? 13.848  7.049   -11.415 1.00 29.99 ? 164  ALA A CB  1 
ATOM   1228 O  OXT . ALA A 1 164 ? 10.967  8.771   -12.059 1.00 30.97 ? 164  ALA A OXT 1 
HETATM 1229 C  C1  . BEN B 2 .   ? -0.394  10.446  -18.027 1.00 32.17 ? 1165 BEN A C1  1 
HETATM 1230 C  C2  . BEN B 2 .   ? 0.774   9.901   -18.518 1.00 30.43 ? 1165 BEN A C2  1 
HETATM 1231 C  C3  . BEN B 2 .   ? 1.072   8.575   -18.240 1.00 33.05 ? 1165 BEN A C3  1 
HETATM 1232 C  C4  . BEN B 2 .   ? 0.215   7.792   -17.472 1.00 30.49 ? 1165 BEN A C4  1 
HETATM 1233 C  C5  . BEN B 2 .   ? -0.956  8.354   -16.993 1.00 31.84 ? 1165 BEN A C5  1 
HETATM 1234 C  C6  . BEN B 2 .   ? -1.265  9.677   -17.269 1.00 31.47 ? 1165 BEN A C6  1 
HETATM 1235 C  C   . BEN B 2 .   ? -0.747  11.873  -18.309 1.00 31.76 ? 1165 BEN A C   1 
HETATM 1236 N  N1  . BEN B 2 .   ? -0.726  12.341  -19.474 1.00 31.92 ? 1165 BEN A N1  1 
HETATM 1237 N  N2  . BEN B 2 .   ? -1.053  12.651  -17.293 1.00 31.63 ? 1165 BEN A N2  1 
HETATM 1238 CL CL  . CL  C 3 .   ? -9.924  3.402   3.559   1.00 8.55  ? 1166 CL  A CL  1 
HETATM 1239 O  O   . HOH D 4 .   ? 8.294   4.708   -16.875 1.00 32.71 ? 2001 HOH A O   1 
HETATM 1240 O  O   . HOH D 4 .   ? -17.294 5.923   6.349   1.00 38.77 ? 2002 HOH A O   1 
HETATM 1241 O  O   . HOH D 4 .   ? -17.005 3.067   5.601   1.00 45.11 ? 2003 HOH A O   1 
HETATM 1242 O  O   . HOH D 4 .   ? -14.152 -3.877  1.587   1.00 27.23 ? 2004 HOH A O   1 
HETATM 1243 O  O   . HOH D 4 .   ? -11.714 1.571   3.428   1.00 36.48 ? 2005 HOH A O   1 
HETATM 1244 O  O   . HOH D 4 .   ? -9.828  2.405   6.501   1.00 33.14 ? 2006 HOH A O   1 
HETATM 1245 O  O   . HOH D 4 .   ? -17.015 8.145   4.774   1.00 25.40 ? 2007 HOH A O   1 
HETATM 1246 O  O   . HOH D 4 .   ? -8.793  4.258   8.293   1.00 55.28 ? 2008 HOH A O   1 
HETATM 1247 O  O   . HOH D 4 .   ? -13.647 8.236   -5.355  1.00 39.09 ? 2009 HOH A O   1 
HETATM 1248 O  O   . HOH D 4 .   ? -11.689 12.781  -4.169  1.00 25.78 ? 2010 HOH A O   1 
HETATM 1249 O  O   . HOH D 4 .   ? -12.741 7.967   -1.362  1.00 22.58 ? 2011 HOH A O   1 
HETATM 1250 O  O   . HOH D 4 .   ? -4.351  -13.629 -18.611 1.00 50.37 ? 2012 HOH A O   1 
HETATM 1251 O  O   . HOH D 4 .   ? -5.204  13.977  1.222   1.00 27.69 ? 2013 HOH A O   1 
HETATM 1252 O  O   . HOH D 4 .   ? 3.228   2.492   -21.366 1.00 42.42 ? 2014 HOH A O   1 
HETATM 1253 O  O   . HOH D 4 .   ? -8.192  11.327  -5.807  1.00 32.89 ? 2015 HOH A O   1 
HETATM 1254 O  O   . HOH D 4 .   ? -3.164  15.458  -4.249  1.00 49.08 ? 2016 HOH A O   1 
HETATM 1255 O  O   . HOH D 4 .   ? -2.736  13.932  -7.258  1.00 34.54 ? 2017 HOH A O   1 
HETATM 1256 O  O   . HOH D 4 .   ? -3.326  15.941  -0.114  1.00 36.51 ? 2018 HOH A O   1 
HETATM 1257 O  O   . HOH D 4 .   ? 1.901   14.112  -8.161  1.00 25.62 ? 2019 HOH A O   1 
HETATM 1258 O  O   . HOH D 4 .   ? -0.882  20.205  -5.358  1.00 39.65 ? 2020 HOH A O   1 
HETATM 1259 O  O   . HOH D 4 .   ? -4.218  12.881  -14.920 1.00 21.86 ? 2021 HOH A O   1 
HETATM 1260 O  O   . HOH D 4 .   ? -3.624  12.577  -9.448  1.00 33.89 ? 2022 HOH A O   1 
HETATM 1261 O  O   . HOH D 4 .   ? -5.891  11.021  -11.607 1.00 38.72 ? 2023 HOH A O   1 
HETATM 1262 O  O   . HOH D 4 .   ? 13.463  -3.473  -11.385 1.00 30.38 ? 2024 HOH A O   1 
HETATM 1263 O  O   . HOH D 4 .   ? -12.386 2.098   -4.349  1.00 16.27 ? 2025 HOH A O   1 
HETATM 1264 O  O   . HOH D 4 .   ? -9.705  7.213   -11.194 1.00 31.77 ? 2026 HOH A O   1 
HETATM 1265 O  O   . HOH D 4 .   ? -3.928  -4.711  21.687  1.00 35.99 ? 2027 HOH A O   1 
HETATM 1266 O  O   . HOH D 4 .   ? -7.790  1.334   -18.528 1.00 47.95 ? 2028 HOH A O   1 
HETATM 1267 O  O   . HOH D 4 .   ? -6.117  -11.643 -19.346 1.00 29.85 ? 2029 HOH A O   1 
HETATM 1268 O  O   . HOH D 4 .   ? -2.930  -4.170  -20.398 1.00 39.96 ? 2030 HOH A O   1 
HETATM 1269 O  O   . HOH D 4 .   ? -1.110  0.514   -20.715 1.00 38.72 ? 2031 HOH A O   1 
HETATM 1270 O  O   . HOH D 4 .   ? -2.423  -16.173 0.011   1.00 44.18 ? 2032 HOH A O   1 
HETATM 1271 O  O   . HOH D 4 .   ? 3.851   5.973   -17.373 1.00 29.25 ? 2033 HOH A O   1 
HETATM 1272 O  O   . HOH D 4 .   ? 4.159   2.533   -18.828 1.00 46.51 ? 2034 HOH A O   1 
HETATM 1273 O  O   . HOH D 4 .   ? 4.997   -8.961  14.905  1.00 35.89 ? 2035 HOH A O   1 
HETATM 1274 O  O   . HOH D 4 .   ? -3.787  -3.102  4.275   1.00 25.30 ? 2036 HOH A O   1 
HETATM 1275 O  O   . HOH D 4 .   ? -8.490  -0.771  7.144   1.00 26.70 ? 2037 HOH A O   1 
HETATM 1276 O  O   . HOH D 4 .   ? -11.415 -1.437  4.318   1.00 43.61 ? 2038 HOH A O   1 
HETATM 1277 O  O   . HOH D 4 .   ? -7.652  -7.097  10.074  1.00 21.71 ? 2039 HOH A O   1 
HETATM 1278 O  O   . HOH D 4 .   ? -13.537 -3.019  7.888   1.00 36.18 ? 2040 HOH A O   1 
HETATM 1279 O  O   . HOH D 4 .   ? -10.035 -4.312  8.751   1.00 31.94 ? 2041 HOH A O   1 
HETATM 1280 O  O   . HOH D 4 .   ? -13.150 -11.010 8.210   1.00 25.35 ? 2042 HOH A O   1 
HETATM 1281 O  O   . HOH D 4 .   ? -8.498  -12.662 5.965   1.00 28.54 ? 2043 HOH A O   1 
HETATM 1282 O  O   . HOH D 4 .   ? -14.240 -8.914  4.097   1.00 41.24 ? 2044 HOH A O   1 
HETATM 1283 O  O   . HOH D 4 .   ? -12.970 -10.711 1.260   1.00 50.33 ? 2045 HOH A O   1 
HETATM 1284 O  O   . HOH D 4 .   ? -11.026 -14.470 4.125   1.00 47.99 ? 2046 HOH A O   1 
HETATM 1285 O  O   . HOH D 4 .   ? -11.249 -11.774 -6.968  1.00 34.46 ? 2047 HOH A O   1 
HETATM 1286 O  O   . HOH D 4 .   ? -13.093 -10.575 -5.012  1.00 36.61 ? 2048 HOH A O   1 
HETATM 1287 O  O   . HOH D 4 .   ? -7.854  -10.908 -5.642  1.00 30.17 ? 2049 HOH A O   1 
HETATM 1288 O  O   . HOH D 4 .   ? -8.812  -10.630 0.479   1.00 25.29 ? 2050 HOH A O   1 
HETATM 1289 O  O   . HOH D 4 .   ? -14.689 -3.500  -7.629  1.00 28.21 ? 2051 HOH A O   1 
HETATM 1290 O  O   . HOH D 4 .   ? -11.725 -10.390 -9.611  1.00 36.72 ? 2052 HOH A O   1 
HETATM 1291 O  O   . HOH D 4 .   ? -5.839  -13.090 -13.036 1.00 30.42 ? 2053 HOH A O   1 
HETATM 1292 O  O   . HOH D 4 .   ? -0.853  -14.708 -11.184 1.00 29.48 ? 2054 HOH A O   1 
HETATM 1293 O  O   . HOH D 4 .   ? 12.854  -6.133  -10.527 1.00 24.97 ? 2055 HOH A O   1 
HETATM 1294 O  O   . HOH D 4 .   ? 6.347   -1.435  -0.072  1.00 23.29 ? 2056 HOH A O   1 
HETATM 1295 O  O   . HOH D 4 .   ? -7.315  -1.993  21.173  1.00 37.47 ? 2057 HOH A O   1 
HETATM 1296 O  O   . HOH D 4 .   ? -7.336  -6.910  20.366  1.00 36.22 ? 2058 HOH A O   1 
HETATM 1297 O  O   . HOH D 4 .   ? -2.936  -2.581  20.415  1.00 28.50 ? 2059 HOH A O   1 
HETATM 1298 O  O   . HOH D 4 .   ? -13.102 -1.263  16.648  1.00 43.24 ? 2060 HOH A O   1 
HETATM 1299 O  O   . HOH D 4 .   ? -7.128  -9.692  15.764  1.00 25.97 ? 2061 HOH A O   1 
HETATM 1300 O  O   . HOH D 4 .   ? -6.292  -4.291  10.307  1.00 6.99  ? 2062 HOH A O   1 
HETATM 1301 O  O   . HOH D 4 .   ? -5.473  -12.810 5.423   1.00 22.31 ? 2063 HOH A O   1 
HETATM 1302 O  O   . HOH D 4 .   ? -2.472  -13.084 10.669  1.00 23.02 ? 2064 HOH A O   1 
HETATM 1303 O  O   . HOH D 4 .   ? -3.631  -13.854 -0.847  1.00 29.83 ? 2065 HOH A O   1 
HETATM 1304 O  O   . HOH D 4 .   ? -7.092  -11.751 -1.413  1.00 46.17 ? 2066 HOH A O   1 
HETATM 1305 O  O   . HOH D 4 .   ? -3.375  -12.311 -3.845  1.00 38.40 ? 2067 HOH A O   1 
HETATM 1306 O  O   . HOH D 4 .   ? 10.700  -10.143 -2.379  1.00 43.66 ? 2068 HOH A O   1 
HETATM 1307 O  O   . HOH D 4 .   ? 8.717   -12.423 -0.047  1.00 43.12 ? 2069 HOH A O   1 
HETATM 1308 O  O   . HOH D 4 .   ? -5.530  -12.154 -6.245  1.00 39.21 ? 2070 HOH A O   1 
HETATM 1309 O  O   . HOH D 4 .   ? 11.144  -9.573  -5.789  1.00 27.44 ? 2071 HOH A O   1 
HETATM 1310 O  O   . HOH D 4 .   ? 11.918  -8.033  -9.992  1.00 41.95 ? 2072 HOH A O   1 
HETATM 1311 O  O   . HOH D 4 .   ? 10.573  -11.658 -10.109 1.00 31.19 ? 2073 HOH A O   1 
HETATM 1312 O  O   . HOH D 4 .   ? 13.098  -5.940  -3.909  1.00 41.45 ? 2074 HOH A O   1 
HETATM 1313 O  O   . HOH D 4 .   ? 13.431  1.108   0.683   1.00 30.45 ? 2075 HOH A O   1 
HETATM 1314 O  O   . HOH D 4 .   ? 14.252  -0.607  13.759  1.00 41.74 ? 2076 HOH A O   1 
HETATM 1315 O  O   . HOH D 4 .   ? 11.313  2.109   8.911   1.00 34.55 ? 2077 HOH A O   1 
HETATM 1316 O  O   . HOH D 4 .   ? 7.371   -8.180  14.593  1.00 32.26 ? 2078 HOH A O   1 
HETATM 1317 O  O   . HOH D 4 .   ? 8.521   1.744   12.449  1.00 30.59 ? 2079 HOH A O   1 
HETATM 1318 O  O   . HOH D 4 .   ? 6.286   3.676   14.135  1.00 41.30 ? 2080 HOH A O   1 
HETATM 1319 O  O   . HOH D 4 .   ? 5.341   1.774   8.382   1.00 27.42 ? 2081 HOH A O   1 
HETATM 1320 O  O   . HOH D 4 .   ? 6.770   3.938   9.107   1.00 31.06 ? 2082 HOH A O   1 
HETATM 1321 O  O   . HOH D 4 .   ? 6.183   -4.262  17.315  1.00 36.98 ? 2083 HOH A O   1 
HETATM 1322 O  O   . HOH D 4 .   ? 4.088   -5.500  18.408  1.00 38.96 ? 2084 HOH A O   1 
HETATM 1323 O  O   . HOH D 4 .   ? -4.490  -7.462  22.184  1.00 49.83 ? 2085 HOH A O   1 
HETATM 1324 O  O   . HOH D 4 .   ? 3.276   -13.700 15.653  1.00 42.08 ? 2086 HOH A O   1 
HETATM 1325 O  O   . HOH D 4 .   ? 3.202   -12.398 12.052  1.00 29.69 ? 2087 HOH A O   1 
HETATM 1326 O  O   . HOH D 4 .   ? 0.509   -13.557 11.219  1.00 57.85 ? 2088 HOH A O   1 
HETATM 1327 O  O   . HOH D 4 .   ? -4.509  -14.915 4.581   1.00 29.72 ? 2089 HOH A O   1 
HETATM 1328 O  O   . HOH D 4 .   ? 9.675   -12.240 9.891   1.00 34.77 ? 2090 HOH A O   1 
HETATM 1329 O  O   . HOH D 4 .   ? -6.006  11.580  6.359   1.00 41.38 ? 2091 HOH A O   1 
HETATM 1330 O  O   . HOH D 4 .   ? -3.916  11.354  9.928   1.00 37.40 ? 2092 HOH A O   1 
HETATM 1331 O  O   . HOH D 4 .   ? -6.604  3.164   9.135   1.00 39.88 ? 2093 HOH A O   1 
HETATM 1332 O  O   . HOH D 4 .   ? -13.270 3.506   11.832  1.00 33.57 ? 2094 HOH A O   1 
HETATM 1333 O  O   . HOH D 4 .   ? -9.381  1.250   17.647  1.00 30.84 ? 2095 HOH A O   1 
HETATM 1334 O  O   . HOH D 4 .   ? 0.319   5.097   20.159  1.00 36.37 ? 2096 HOH A O   1 
HETATM 1335 O  O   . HOH D 4 .   ? 2.813   6.031   19.322  1.00 37.05 ? 2097 HOH A O   1 
HETATM 1336 O  O   . HOH D 4 .   ? -0.869  12.725  11.115  1.00 41.41 ? 2098 HOH A O   1 
HETATM 1337 O  O   . HOH D 4 .   ? 1.411   12.671  17.537  1.00 48.55 ? 2099 HOH A O   1 
HETATM 1338 O  O   . HOH D 4 .   ? 2.084   10.828  19.677  1.00 40.09 ? 2100 HOH A O   1 
HETATM 1339 O  O   . HOH D 4 .   ? -0.679  13.926  19.460  1.00 52.85 ? 2101 HOH A O   1 
HETATM 1340 O  O   . HOH D 4 .   ? -0.844  6.205   11.449  1.00 24.83 ? 2102 HOH A O   1 
HETATM 1341 O  O   . HOH D 4 .   ? -2.246  16.528  9.784   1.00 40.21 ? 2103 HOH A O   1 
HETATM 1342 O  O   . HOH D 4 .   ? 2.530   12.916  11.878  1.00 42.34 ? 2104 HOH A O   1 
HETATM 1343 O  O   . HOH D 4 .   ? 7.499   6.153   7.387   1.00 37.37 ? 2105 HOH A O   1 
HETATM 1344 O  O   . HOH D 4 .   ? 12.974  8.404   5.534   1.00 36.78 ? 2106 HOH A O   1 
HETATM 1345 O  O   . HOH D 4 .   ? 15.347  7.928   -1.236  1.00 36.23 ? 2107 HOH A O   1 
HETATM 1346 O  O   . HOH D 4 .   ? 10.993  15.335  -4.569  1.00 40.74 ? 2108 HOH A O   1 
HETATM 1347 O  O   . HOH D 4 .   ? 9.855   8.274   -9.950  1.00 46.24 ? 2109 HOH A O   1 
HETATM 1348 O  O   . HOH D 4 .   ? 9.410   6.827   -12.503 1.00 46.40 ? 2110 HOH A O   1 
HETATM 1349 O  O   . HOH D 4 .   ? -0.251  10.819  -21.720 1.00 25.26 ? 2111 HOH A O   1 
# 
loop_
_pdbx_poly_seq_scheme.asym_id 
_pdbx_poly_seq_scheme.entity_id 
_pdbx_poly_seq_scheme.seq_id 
_pdbx_poly_seq_scheme.mon_id 
_pdbx_poly_seq_scheme.ndb_seq_num 
_pdbx_poly_seq_scheme.pdb_seq_num 
_pdbx_poly_seq_scheme.auth_seq_num 
_pdbx_poly_seq_scheme.pdb_mon_id 
_pdbx_poly_seq_scheme.auth_mon_id 
_pdbx_poly_seq_scheme.pdb_strand_id 
_pdbx_poly_seq_scheme.pdb_ins_code 
_pdbx_poly_seq_scheme.hetero 
A 1 1   MET 1   1   ?   ?   ?   A . n 
A 1 2   GLY 2   2   2   GLY GLY A . n 
A 1 3   LYS 3   3   3   LYS LYS A . n 
A 1 4   ILE 4   4   4   ILE ILE A . n 
A 1 5   GLY 5   5   5   GLY GLY A . n 
A 1 6   ILE 6   6   6   ILE ILE A . n 
A 1 7   PHE 7   7   7   PHE PHE A . n 
A 1 8   PHE 8   8   8   PHE PHE A . n 
A 1 9   GLY 9   9   9   GLY GLY A . n 
A 1 10  THR 10  10  10  THR THR A . n 
A 1 11  ASP 11  11  11  ASP ASP A . n 
A 1 12  SER 12  12  12  SER SER A . n 
A 1 13  GLY 13  13  13  GLY GLY A . n 
A 1 14  ASN 14  14  14  ASN ASN A . n 
A 1 15  ALA 15  15  15  ALA ALA A . n 
A 1 16  GLU 16  16  16  GLU GLU A . n 
A 1 17  ALA 17  17  17  ALA ALA A . n 
A 1 18  ILE 18  18  18  ILE ILE A . n 
A 1 19  ALA 19  19  19  ALA ALA A . n 
A 1 20  GLU 20  20  20  GLU GLU A . n 
A 1 21  LYS 21  21  21  LYS LYS A . n 
A 1 22  ILE 22  22  22  ILE ILE A . n 
A 1 23  SER 23  23  23  SER SER A . n 
A 1 24  LYS 24  24  24  LYS LYS A . n 
A 1 25  ALA 25  25  25  ALA ALA A . n 
A 1 26  ILE 26  26  26  ILE ILE A . n 
A 1 27  GLY 27  27  27  GLY GLY A . n 
A 1 28  ASN 28  28  28  ASN ASN A . n 
A 1 29  ALA 29  29  29  ALA ALA A . n 
A 1 30  GLU 30  30  30  GLU GLU A . n 
A 1 31  VAL 31  31  31  VAL VAL A . n 
A 1 32  VAL 32  32  32  VAL VAL A . n 
A 1 33  ASP 33  33  33  ASP ASP A . n 
A 1 34  VAL 34  34  34  VAL VAL A . n 
A 1 35  ALA 35  35  35  ALA ALA A . n 
A 1 36  LYS 36  36  36  LYS LYS A . n 
A 1 37  ALA 37  37  37  ALA ALA A . n 
A 1 38  SER 38  38  38  SER SER A . n 
A 1 39  LYS 39  39  39  LYS LYS A . n 
A 1 40  GLU 40  40  40  GLU GLU A . n 
A 1 41  GLN 41  41  41  GLN GLN A . n 
A 1 42  PHE 42  42  42  PHE PHE A . n 
A 1 43  ASN 43  43  43  ASN ASN A . n 
A 1 44  SER 44  44  44  SER SER A . n 
A 1 45  PHE 45  45  45  PHE PHE A . n 
A 1 46  THR 46  46  46  THR THR A . n 
A 1 47  LYS 47  47  47  LYS LYS A . n 
A 1 48  VAL 48  48  48  VAL VAL A . n 
A 1 49  ILE 49  49  49  ILE ILE A . n 
A 1 50  LEU 50  50  50  LEU LEU A . n 
A 1 51  VAL 51  51  51  VAL VAL A . n 
A 1 52  ALA 52  52  52  ALA ALA A . n 
A 1 53  PRO 53  53  53  PRO PRO A . n 
A 1 54  THR 54  54  54  THR THR A . n 
A 1 55  ALA 55  55  55  ALA ALA A . n 
A 1 56  GLY 56  56  56  GLY GLY A . n 
A 1 57  ALA 57  57  57  ALA ALA A . n 
A 1 58  GLY 58  58  58  GLY GLY A . n 
A 1 59  ASP 59  59  59  ASP ASP A . n 
A 1 60  LEU 60  60  60  LEU LEU A . n 
A 1 61  GLN 61  61  61  GLN GLN A . n 
A 1 62  THR 62  62  62  THR THR A . n 
A 1 63  ASP 63  63  63  ASP ASP A . n 
A 1 64  TRP 64  64  64  TRP TRP A . n 
A 1 65  GLU 65  65  65  GLU GLU A . n 
A 1 66  ASP 66  66  66  ASP ASP A . n 
A 1 67  PHE 67  67  67  PHE PHE A . n 
A 1 68  LEU 68  68  68  LEU LEU A . n 
A 1 69  GLY 69  69  69  GLY GLY A . n 
A 1 70  THR 70  70  70  THR THR A . n 
A 1 71  LEU 71  71  71  LEU LEU A . n 
A 1 72  GLU 72  72  72  GLU GLU A . n 
A 1 73  ALA 73  73  73  ALA ALA A . n 
A 1 74  SER 74  74  74  SER SER A . n 
A 1 75  ASP 75  75  75  ASP ASP A . n 
A 1 76  PHE 76  76  76  PHE PHE A . n 
A 1 77  ALA 77  77  77  ALA ALA A . n 
A 1 78  ASN 78  78  78  ASN ASN A . n 
A 1 79  LYS 79  79  79  LYS LYS A . n 
A 1 80  THR 80  80  80  THR THR A . n 
A 1 81  ILE 81  81  81  ILE ILE A . n 
A 1 82  GLY 82  82  82  GLY GLY A . n 
A 1 83  LEU 83  83  83  LEU LEU A . n 
A 1 84  VAL 84  84  84  VAL VAL A . n 
A 1 85  GLY 85  85  85  GLY GLY A . n 
A 1 86  LEU 86  86  86  LEU LEU A . n 
A 1 87  GLY 87  87  87  GLY GLY A . n 
A 1 88  ASP 88  88  88  ASP ASP A . n 
A 1 89  GLN 89  89  89  GLN GLN A . n 
A 1 90  ASP 90  90  90  ASP ASP A . n 
A 1 91  THR 91  91  91  THR THR A . n 
A 1 92  TYR 92  92  92  TYR TYR A . n 
A 1 93  SER 93  93  93  SER SER A . n 
A 1 94  GLU 94  94  94  GLU GLU A . n 
A 1 95  THR 95  95  95  THR THR A . n 
A 1 96  PHE 96  96  96  PHE PHE A . n 
A 1 97  ALA 97  97  97  ALA ALA A . n 
A 1 98  GLU 98  98  98  GLU GLU A . n 
A 1 99  GLY 99  99  99  GLY GLY A . n 
A 1 100 ILE 100 100 100 ILE ILE A . n 
A 1 101 PHE 101 101 101 PHE PHE A . n 
A 1 102 HIS 102 102 102 HIS HIS A . n 
A 1 103 ILE 103 103 103 ILE ILE A . n 
A 1 104 TYR 104 104 104 TYR TYR A . n 
A 1 105 GLU 105 105 105 GLU GLU A . n 
A 1 106 LYS 106 106 106 LYS LYS A . n 
A 1 107 ALA 107 107 107 ALA ALA A . n 
A 1 108 LYS 108 108 108 LYS LYS A . n 
A 1 109 ALA 109 109 109 ALA ALA A . n 
A 1 110 GLY 110 110 110 GLY GLY A . n 
A 1 111 LYS 111 111 111 LYS LYS A . n 
A 1 112 VAL 112 112 112 VAL VAL A . n 
A 1 113 VAL 113 113 113 VAL VAL A . n 
A 1 114 GLY 114 114 114 GLY GLY A . n 
A 1 115 GLN 115 115 115 GLN GLN A . n 
A 1 116 THR 116 116 116 THR THR A . n 
A 1 117 SER 117 117 117 SER SER A . n 
A 1 118 THR 118 118 118 THR THR A . n 
A 1 119 ASP 119 119 119 ASP ASP A . n 
A 1 120 GLY 120 120 120 GLY GLY A . n 
A 1 121 TYR 121 121 121 TYR TYR A . n 
A 1 122 HIS 122 122 122 HIS HIS A . n 
A 1 123 PHE 123 123 123 PHE PHE A . n 
A 1 124 GLU 124 124 124 GLU GLU A . n 
A 1 125 ALA 125 125 125 ALA ALA A . n 
A 1 126 SER 126 126 126 SER SER A . n 
A 1 127 LYS 127 127 127 LYS LYS A . n 
A 1 128 ALA 128 128 128 ALA ALA A . n 
A 1 129 VAL 129 129 129 VAL VAL A . n 
A 1 130 GLU 130 130 130 GLU GLU A . n 
A 1 131 GLY 131 131 131 GLY GLY A . n 
A 1 132 GLY 132 132 132 GLY GLY A . n 
A 1 133 LYS 133 133 133 LYS LYS A . n 
A 1 134 PHE 134 134 134 PHE PHE A . n 
A 1 135 VAL 135 135 135 VAL VAL A . n 
A 1 136 GLY 136 136 136 GLY GLY A . n 
A 1 137 LEU 137 137 137 LEU LEU A . n 
A 1 138 VAL 138 138 138 VAL VAL A . n 
A 1 139 ILE 139 139 139 ILE ILE A . n 
A 1 140 ASP 140 140 140 ASP ASP A . n 
A 1 141 GLU 141 141 141 GLU GLU A . n 
A 1 142 ASP 142 142 142 ASP ASP A . n 
A 1 143 ASN 143 143 143 ASN ASN A . n 
A 1 144 GLN 144 144 144 GLN GLN A . n 
A 1 145 ASP 145 145 145 ASP ASP A . n 
A 1 146 ASP 146 146 146 ASP ASP A . n 
A 1 147 LEU 147 147 147 LEU LEU A . n 
A 1 148 THR 148 148 148 THR THR A . n 
A 1 149 ASP 149 149 149 ASP ASP A . n 
A 1 150 GLU 150 150 150 GLU GLU A . n 
A 1 151 ARG 151 151 151 ARG ARG A . n 
A 1 152 ILE 152 152 152 ILE ILE A . n 
A 1 153 SER 153 153 153 SER SER A . n 
A 1 154 LYS 154 154 154 LYS LYS A . n 
A 1 155 TRP 155 155 155 TRP TRP A . n 
A 1 156 VAL 156 156 156 VAL VAL A . n 
A 1 157 GLU 157 157 157 GLU GLU A . n 
A 1 158 GLN 158 158 158 GLN GLN A . n 
A 1 159 VAL 159 159 159 VAL VAL A . n 
A 1 160 LYS 160 160 160 LYS LYS A . n 
A 1 161 GLY 161 161 161 GLY GLY A . n 
A 1 162 SER 162 162 162 SER SER A . n 
A 1 163 PHE 163 163 163 PHE PHE A . n 
A 1 164 ALA 164 164 164 ALA ALA A . n 
# 
loop_
_pdbx_nonpoly_scheme.asym_id 
_pdbx_nonpoly_scheme.entity_id 
_pdbx_nonpoly_scheme.mon_id 
_pdbx_nonpoly_scheme.ndb_seq_num 
_pdbx_nonpoly_scheme.pdb_seq_num 
_pdbx_nonpoly_scheme.auth_seq_num 
_pdbx_nonpoly_scheme.pdb_mon_id 
_pdbx_nonpoly_scheme.auth_mon_id 
_pdbx_nonpoly_scheme.pdb_strand_id 
_pdbx_nonpoly_scheme.pdb_ins_code 
B 2 BEN 1   1165 1165 BEN BEN A . 
C 3 CL  1   1166 1166 CL  CL  A . 
D 4 HOH 1   2001 2001 HOH HOH A . 
D 4 HOH 2   2002 2002 HOH HOH A . 
D 4 HOH 3   2003 2003 HOH HOH A . 
D 4 HOH 4   2004 2004 HOH HOH A . 
D 4 HOH 5   2005 2005 HOH HOH A . 
D 4 HOH 6   2006 2006 HOH HOH A . 
D 4 HOH 7   2007 2007 HOH HOH A . 
D 4 HOH 8   2008 2008 HOH HOH A . 
D 4 HOH 9   2009 2009 HOH HOH A . 
D 4 HOH 10  2010 2010 HOH HOH A . 
D 4 HOH 11  2011 2011 HOH HOH A . 
D 4 HOH 12  2012 2012 HOH HOH A . 
D 4 HOH 13  2013 2013 HOH HOH A . 
D 4 HOH 14  2014 2014 HOH HOH A . 
D 4 HOH 15  2015 2015 HOH HOH A . 
D 4 HOH 16  2016 2016 HOH HOH A . 
D 4 HOH 17  2017 2017 HOH HOH A . 
D 4 HOH 18  2018 2018 HOH HOH A . 
D 4 HOH 19  2019 2019 HOH HOH A . 
D 4 HOH 20  2020 2020 HOH HOH A . 
D 4 HOH 21  2021 2021 HOH HOH A . 
D 4 HOH 22  2022 2022 HOH HOH A . 
D 4 HOH 23  2023 2023 HOH HOH A . 
D 4 HOH 24  2024 2024 HOH HOH A . 
D 4 HOH 25  2025 2025 HOH HOH A . 
D 4 HOH 26  2026 2026 HOH HOH A . 
D 4 HOH 27  2027 2027 HOH HOH A . 
D 4 HOH 28  2028 2028 HOH HOH A . 
D 4 HOH 29  2029 2029 HOH HOH A . 
D 4 HOH 30  2030 2030 HOH HOH A . 
D 4 HOH 31  2031 2031 HOH HOH A . 
D 4 HOH 32  2032 2032 HOH HOH A . 
D 4 HOH 33  2033 2033 HOH HOH A . 
D 4 HOH 34  2034 2034 HOH HOH A . 
D 4 HOH 35  2035 2035 HOH HOH A . 
D 4 HOH 36  2036 2036 HOH HOH A . 
D 4 HOH 37  2037 2037 HOH HOH A . 
D 4 HOH 38  2038 2038 HOH HOH A . 
D 4 HOH 39  2039 2039 HOH HOH A . 
D 4 HOH 40  2040 2040 HOH HOH A . 
D 4 HOH 41  2041 2041 HOH HOH A . 
D 4 HOH 42  2042 2042 HOH HOH A . 
D 4 HOH 43  2043 2043 HOH HOH A . 
D 4 HOH 44  2044 2044 HOH HOH A . 
D 4 HOH 45  2045 2045 HOH HOH A . 
D 4 HOH 46  2046 2046 HOH HOH A . 
D 4 HOH 47  2047 2047 HOH HOH A . 
D 4 HOH 48  2048 2048 HOH HOH A . 
D 4 HOH 49  2049 2049 HOH HOH A . 
D 4 HOH 50  2050 2050 HOH HOH A . 
D 4 HOH 51  2051 2051 HOH HOH A . 
D 4 HOH 52  2052 2052 HOH HOH A . 
D 4 HOH 53  2053 2053 HOH HOH A . 
D 4 HOH 54  2054 2054 HOH HOH A . 
D 4 HOH 55  2055 2055 HOH HOH A . 
D 4 HOH 56  2056 2056 HOH HOH A . 
D 4 HOH 57  2057 2057 HOH HOH A . 
D 4 HOH 58  2058 2058 HOH HOH A . 
D 4 HOH 59  2059 2059 HOH HOH A . 
D 4 HOH 60  2060 2060 HOH HOH A . 
D 4 HOH 61  2061 2061 HOH HOH A . 
D 4 HOH 62  2062 2062 HOH HOH A . 
D 4 HOH 63  2063 2063 HOH HOH A . 
D 4 HOH 64  2064 2064 HOH HOH A . 
D 4 HOH 65  2065 2065 HOH HOH A . 
D 4 HOH 66  2066 2066 HOH HOH A . 
D 4 HOH 67  2067 2067 HOH HOH A . 
D 4 HOH 68  2068 2068 HOH HOH A . 
D 4 HOH 69  2069 2069 HOH HOH A . 
D 4 HOH 70  2070 2070 HOH HOH A . 
D 4 HOH 71  2071 2071 HOH HOH A . 
D 4 HOH 72  2072 2072 HOH HOH A . 
D 4 HOH 73  2073 2073 HOH HOH A . 
D 4 HOH 74  2074 2074 HOH HOH A . 
D 4 HOH 75  2075 2075 HOH HOH A . 
D 4 HOH 76  2076 2076 HOH HOH A . 
D 4 HOH 77  2077 2077 HOH HOH A . 
D 4 HOH 78  2078 2078 HOH HOH A . 
D 4 HOH 79  2079 2079 HOH HOH A . 
D 4 HOH 80  2080 2080 HOH HOH A . 
D 4 HOH 81  2081 2081 HOH HOH A . 
D 4 HOH 82  2082 2082 HOH HOH A . 
D 4 HOH 83  2083 2083 HOH HOH A . 
D 4 HOH 84  2084 2084 HOH HOH A . 
D 4 HOH 85  2085 2085 HOH HOH A . 
D 4 HOH 86  2086 2086 HOH HOH A . 
D 4 HOH 87  2087 2087 HOH HOH A . 
D 4 HOH 88  2088 2088 HOH HOH A . 
D 4 HOH 89  2089 2089 HOH HOH A . 
D 4 HOH 90  2090 2090 HOH HOH A . 
D 4 HOH 91  2091 2091 HOH HOH A . 
D 4 HOH 92  2092 2092 HOH HOH A . 
D 4 HOH 93  2093 2093 HOH HOH A . 
D 4 HOH 94  2094 2094 HOH HOH A . 
D 4 HOH 95  2095 2095 HOH HOH A . 
D 4 HOH 96  2096 2096 HOH HOH A . 
D 4 HOH 97  2097 2097 HOH HOH A . 
D 4 HOH 98  2098 2098 HOH HOH A . 
D 4 HOH 99  2099 2099 HOH HOH A . 
D 4 HOH 100 2100 2100 HOH HOH A . 
D 4 HOH 101 2101 2101 HOH HOH A . 
D 4 HOH 102 2102 2102 HOH HOH A . 
D 4 HOH 103 2103 2103 HOH HOH A . 
D 4 HOH 104 2104 2104 HOH HOH A . 
D 4 HOH 105 2105 2105 HOH HOH A . 
D 4 HOH 106 2106 2106 HOH HOH A . 
D 4 HOH 107 2107 2107 HOH HOH A . 
D 4 HOH 108 2108 2108 HOH HOH A . 
D 4 HOH 109 2109 2109 HOH HOH A . 
D 4 HOH 110 2110 2110 HOH HOH A . 
D 4 HOH 111 2111 2111 HOH HOH A . 
# 
_pdbx_struct_assembly.id                   1 
_pdbx_struct_assembly.details              author_and_software_defined_assembly 
_pdbx_struct_assembly.method_details       PQS 
_pdbx_struct_assembly.oligomeric_details   monomeric 
_pdbx_struct_assembly.oligomeric_count     1 
# 
_pdbx_struct_assembly_gen.assembly_id       1 
_pdbx_struct_assembly_gen.oper_expression   1 
_pdbx_struct_assembly_gen.asym_id_list      A,B,C,D 
# 
_pdbx_struct_oper_list.id                   1 
_pdbx_struct_oper_list.type                 'identity operation' 
_pdbx_struct_oper_list.name                 1_555 
_pdbx_struct_oper_list.symmetry_operation   x,y,z 
_pdbx_struct_oper_list.matrix[1][1]         1.0000000000 
_pdbx_struct_oper_list.matrix[1][2]         0.0000000000 
_pdbx_struct_oper_list.matrix[1][3]         0.0000000000 
_pdbx_struct_oper_list.vector[1]            0.0000000000 
_pdbx_struct_oper_list.matrix[2][1]         0.0000000000 
_pdbx_struct_oper_list.matrix[2][2]         1.0000000000 
_pdbx_struct_oper_list.matrix[2][3]         0.0000000000 
_pdbx_struct_oper_list.vector[2]            0.0000000000 
_pdbx_struct_oper_list.matrix[3][1]         0.0000000000 
_pdbx_struct_oper_list.matrix[3][2]         0.0000000000 
_pdbx_struct_oper_list.matrix[3][3]         1.0000000000 
_pdbx_struct_oper_list.vector[3]            0.0000000000 
# 
loop_
_pdbx_audit_revision_history.ordinal 
_pdbx_audit_revision_history.data_content_type 
_pdbx_audit_revision_history.major_revision 
_pdbx_audit_revision_history.minor_revision 
_pdbx_audit_revision_history.revision_date 
1 'Structure model' 1 0 2006-06-22 
2 'Structure model' 1 1 2011-07-13 
3 'Structure model' 1 2 2018-05-30 
4 'Structure model' 1 3 2023-12-13 
# 
_pdbx_audit_revision_details.ordinal             1 
_pdbx_audit_revision_details.revision_ordinal    1 
_pdbx_audit_revision_details.data_content_type   'Structure model' 
_pdbx_audit_revision_details.provider            repository 
_pdbx_audit_revision_details.type                'Initial release' 
_pdbx_audit_revision_details.description         ? 
_pdbx_audit_revision_details.details             ? 
# 
loop_
_pdbx_audit_revision_group.ordinal 
_pdbx_audit_revision_group.revision_ordinal 
_pdbx_audit_revision_group.data_content_type 
_pdbx_audit_revision_group.group 
1 2 'Structure model' Advisory                    
2 2 'Structure model' 'Version format compliance' 
3 3 'Structure model' 'Data collection'           
4 3 'Structure model' 'Structure summary'         
5 4 'Structure model' 'Data collection'           
6 4 'Structure model' 'Database references'       
7 4 'Structure model' Other                       
8 4 'Structure model' 'Refinement description'    
# 
loop_
_pdbx_audit_revision_category.ordinal 
_pdbx_audit_revision_category.revision_ordinal 
_pdbx_audit_revision_category.data_content_type 
_pdbx_audit_revision_category.category 
1 3 'Structure model' struct                        
2 4 'Structure model' chem_comp_atom                
3 4 'Structure model' chem_comp_bond                
4 4 'Structure model' database_2                    
5 4 'Structure model' pdbx_database_status          
6 4 'Structure model' pdbx_initial_refinement_model 
# 
loop_
_pdbx_audit_revision_item.ordinal 
_pdbx_audit_revision_item.revision_ordinal 
_pdbx_audit_revision_item.data_content_type 
_pdbx_audit_revision_item.item 
1 3 'Structure model' '_struct.title'                        
2 4 'Structure model' '_database_2.pdbx_DOI'                 
3 4 'Structure model' '_database_2.pdbx_database_accession'  
4 4 'Structure model' '_pdbx_database_status.status_code_sf' 
# 
_pdbx_refine_tls.pdbx_refine_id   'X-RAY DIFFRACTION' 
_pdbx_refine_tls.id               1 
_pdbx_refine_tls.details          ? 
_pdbx_refine_tls.method           refined 
_pdbx_refine_tls.origin_x         0.0748 
_pdbx_refine_tls.origin_y         0.0957 
_pdbx_refine_tls.origin_z         -0.0932 
_pdbx_refine_tls.T[1][1]          0.0386 
_pdbx_refine_tls.T[2][2]          0.0251 
_pdbx_refine_tls.T[3][3]          0.0614 
_pdbx_refine_tls.T[1][2]          -0.0062 
_pdbx_refine_tls.T[1][3]          0.0101 
_pdbx_refine_tls.T[2][3]          0.0359 
_pdbx_refine_tls.L[1][1]          1.4387 
_pdbx_refine_tls.L[2][2]          1.9267 
_pdbx_refine_tls.L[3][3]          1.7869 
_pdbx_refine_tls.L[1][2]          0.8473 
_pdbx_refine_tls.L[1][3]          -0.3017 
_pdbx_refine_tls.L[2][3]          -0.4468 
_pdbx_refine_tls.S[1][1]          -0.0245 
_pdbx_refine_tls.S[1][2]          -0.0870 
_pdbx_refine_tls.S[1][3]          -0.1495 
_pdbx_refine_tls.S[2][1]          -0.0865 
_pdbx_refine_tls.S[2][2]          -0.1468 
_pdbx_refine_tls.S[2][3]          -0.1565 
_pdbx_refine_tls.S[3][1]          -0.0925 
_pdbx_refine_tls.S[3][2]          0.0401 
_pdbx_refine_tls.S[3][3]          0.1713 
# 
_pdbx_refine_tls_group.pdbx_refine_id      'X-RAY DIFFRACTION' 
_pdbx_refine_tls_group.id                  1 
_pdbx_refine_tls_group.refine_tls_id       1 
_pdbx_refine_tls_group.beg_auth_asym_id    A 
_pdbx_refine_tls_group.beg_auth_seq_id     2 
_pdbx_refine_tls_group.beg_label_asym_id   ? 
_pdbx_refine_tls_group.beg_label_seq_id    ? 
_pdbx_refine_tls_group.end_auth_asym_id    A 
_pdbx_refine_tls_group.end_auth_seq_id     164 
_pdbx_refine_tls_group.end_label_asym_id   ? 
_pdbx_refine_tls_group.end_label_seq_id    ? 
_pdbx_refine_tls_group.selection           ? 
_pdbx_refine_tls_group.selection_details   ? 
# 
loop_
_software.name 
_software.classification 
_software.version 
_software.citation_id 
_software.pdbx_ordinal 
_software.date 
_software.type 
_software.location 
_software.language 
REFMAC refinement       5.0 ? 1 ? ? ? ? 
DENZO  'data reduction' .   ? 2 ? ? ? ? 
SCALA  'data scaling'   .   ? 3 ? ? ? ? 
MOLREP phasing          .   ? 4 ? ? ? ? 
# 
_pdbx_database_remark.id     700 
_pdbx_database_remark.text   
;
SHEET
THE SHEET STRUCTURE OF THIS MOLECULE IS BIFURCATED. IN
ORDER TO REPRESENT THIS FEATURE IN THE SHEET RECORDS BELOW,
TWO SHEETS ARE DEFINED.
;
# 
_pdbx_entry_details.entry_id                 2BMV 
_pdbx_entry_details.compound_details         ? 
_pdbx_entry_details.source_details           ? 
_pdbx_entry_details.nonpolymer_details       ? 
_pdbx_entry_details.sequence_details         
;THE AUTHORS REPORT THAT DISCREPANCIES IN SEQUENCE ARE DUE TO
THE FACT THAT THE GENE WAS ISOLATED FROM A PATIENT INFECTED
WITH H.PYLORI. THE CONFLICTS REPORTED BELOW COULD BE THAT
FROM A VARIANT STRAIN OF THE BACTERIA.
;
_pdbx_entry_details.has_ligand_of_interest   ? 
# 
_pdbx_validate_close_contact.id               1 
_pdbx_validate_close_contact.PDB_model_num    1 
_pdbx_validate_close_contact.auth_atom_id_1   O 
_pdbx_validate_close_contact.auth_asym_id_1   A 
_pdbx_validate_close_contact.auth_comp_id_1   HOH 
_pdbx_validate_close_contact.auth_seq_id_1    2055 
_pdbx_validate_close_contact.PDB_ins_code_1   ? 
_pdbx_validate_close_contact.label_alt_id_1   ? 
_pdbx_validate_close_contact.auth_atom_id_2   O 
_pdbx_validate_close_contact.auth_asym_id_2   A 
_pdbx_validate_close_contact.auth_comp_id_2   HOH 
_pdbx_validate_close_contact.auth_seq_id_2    2072 
_pdbx_validate_close_contact.PDB_ins_code_2   ? 
_pdbx_validate_close_contact.label_alt_id_2   ? 
_pdbx_validate_close_contact.dist             2.18 
# 
_pdbx_validate_rmsd_angle.id                         1 
_pdbx_validate_rmsd_angle.PDB_model_num              1 
_pdbx_validate_rmsd_angle.auth_atom_id_1             CB 
_pdbx_validate_rmsd_angle.auth_asym_id_1             A 
_pdbx_validate_rmsd_angle.auth_comp_id_1             ASP 
_pdbx_validate_rmsd_angle.auth_seq_id_1              66 
_pdbx_validate_rmsd_angle.PDB_ins_code_1             ? 
_pdbx_validate_rmsd_angle.label_alt_id_1             ? 
_pdbx_validate_rmsd_angle.auth_atom_id_2             CG 
_pdbx_validate_rmsd_angle.auth_asym_id_2             A 
_pdbx_validate_rmsd_angle.auth_comp_id_2             ASP 
_pdbx_validate_rmsd_angle.auth_seq_id_2              66 
_pdbx_validate_rmsd_angle.PDB_ins_code_2             ? 
_pdbx_validate_rmsd_angle.label_alt_id_2             ? 
_pdbx_validate_rmsd_angle.auth_atom_id_3             OD2 
_pdbx_validate_rmsd_angle.auth_asym_id_3             A 
_pdbx_validate_rmsd_angle.auth_comp_id_3             ASP 
_pdbx_validate_rmsd_angle.auth_seq_id_3              66 
_pdbx_validate_rmsd_angle.PDB_ins_code_3             ? 
_pdbx_validate_rmsd_angle.label_alt_id_3             ? 
_pdbx_validate_rmsd_angle.angle_value                124.56 
_pdbx_validate_rmsd_angle.angle_target_value         118.30 
_pdbx_validate_rmsd_angle.angle_deviation            6.26 
_pdbx_validate_rmsd_angle.angle_standard_deviation   0.90 
_pdbx_validate_rmsd_angle.linker_flag                N 
# 
loop_
_pdbx_validate_torsion.id 
_pdbx_validate_torsion.PDB_model_num 
_pdbx_validate_torsion.auth_comp_id 
_pdbx_validate_torsion.auth_asym_id 
_pdbx_validate_torsion.auth_seq_id 
_pdbx_validate_torsion.PDB_ins_code 
_pdbx_validate_torsion.label_alt_id 
_pdbx_validate_torsion.phi 
_pdbx_validate_torsion.psi 
1 1 THR A 95  ? ? -145.16 26.00 
2 1 ALA A 128 ? ? -56.17  -9.38 
# 
_pdbx_unobs_or_zero_occ_residues.id               1 
_pdbx_unobs_or_zero_occ_residues.PDB_model_num    1 
_pdbx_unobs_or_zero_occ_residues.polymer_flag     Y 
_pdbx_unobs_or_zero_occ_residues.occupancy_flag   1 
_pdbx_unobs_or_zero_occ_residues.auth_asym_id     A 
_pdbx_unobs_or_zero_occ_residues.auth_comp_id     MET 
_pdbx_unobs_or_zero_occ_residues.auth_seq_id      1 
_pdbx_unobs_or_zero_occ_residues.PDB_ins_code     ? 
_pdbx_unobs_or_zero_occ_residues.label_asym_id    A 
_pdbx_unobs_or_zero_occ_residues.label_comp_id    MET 
_pdbx_unobs_or_zero_occ_residues.label_seq_id     1 
# 
loop_
_chem_comp_atom.comp_id 
_chem_comp_atom.atom_id 
_chem_comp_atom.type_symbol 
_chem_comp_atom.pdbx_aromatic_flag 
_chem_comp_atom.pdbx_stereo_config 
_chem_comp_atom.pdbx_ordinal 
ALA N    N  N N 1   
ALA CA   C  N S 2   
ALA C    C  N N 3   
ALA O    O  N N 4   
ALA CB   C  N N 5   
ALA OXT  O  N N 6   
ALA H    H  N N 7   
ALA H2   H  N N 8   
ALA HA   H  N N 9   
ALA HB1  H  N N 10  
ALA HB2  H  N N 11  
ALA HB3  H  N N 12  
ALA HXT  H  N N 13  
ARG N    N  N N 14  
ARG CA   C  N S 15  
ARG C    C  N N 16  
ARG O    O  N N 17  
ARG CB   C  N N 18  
ARG CG   C  N N 19  
ARG CD   C  N N 20  
ARG NE   N  N N 21  
ARG CZ   C  N N 22  
ARG NH1  N  N N 23  
ARG NH2  N  N N 24  
ARG OXT  O  N N 25  
ARG H    H  N N 26  
ARG H2   H  N N 27  
ARG HA   H  N N 28  
ARG HB2  H  N N 29  
ARG HB3  H  N N 30  
ARG HG2  H  N N 31  
ARG HG3  H  N N 32  
ARG HD2  H  N N 33  
ARG HD3  H  N N 34  
ARG HE   H  N N 35  
ARG HH11 H  N N 36  
ARG HH12 H  N N 37  
ARG HH21 H  N N 38  
ARG HH22 H  N N 39  
ARG HXT  H  N N 40  
ASN N    N  N N 41  
ASN CA   C  N S 42  
ASN C    C  N N 43  
ASN O    O  N N 44  
ASN CB   C  N N 45  
ASN CG   C  N N 46  
ASN OD1  O  N N 47  
ASN ND2  N  N N 48  
ASN OXT  O  N N 49  
ASN H    H  N N 50  
ASN H2   H  N N 51  
ASN HA   H  N N 52  
ASN HB2  H  N N 53  
ASN HB3  H  N N 54  
ASN HD21 H  N N 55  
ASN HD22 H  N N 56  
ASN HXT  H  N N 57  
ASP N    N  N N 58  
ASP CA   C  N S 59  
ASP C    C  N N 60  
ASP O    O  N N 61  
ASP CB   C  N N 62  
ASP CG   C  N N 63  
ASP OD1  O  N N 64  
ASP OD2  O  N N 65  
ASP OXT  O  N N 66  
ASP H    H  N N 67  
ASP H2   H  N N 68  
ASP HA   H  N N 69  
ASP HB2  H  N N 70  
ASP HB3  H  N N 71  
ASP HD2  H  N N 72  
ASP HXT  H  N N 73  
BEN C1   C  Y N 74  
BEN C2   C  Y N 75  
BEN C3   C  Y N 76  
BEN C4   C  Y N 77  
BEN C5   C  Y N 78  
BEN C6   C  Y N 79  
BEN C    C  N N 80  
BEN N1   N  N N 81  
BEN N2   N  N N 82  
BEN H2   H  N N 83  
BEN H3   H  N N 84  
BEN H4   H  N N 85  
BEN H5   H  N N 86  
BEN H6   H  N N 87  
BEN HN1  H  N N 88  
BEN HN21 H  N N 89  
BEN HN22 H  N N 90  
CL  CL   CL N N 91  
GLN N    N  N N 92  
GLN CA   C  N S 93  
GLN C    C  N N 94  
GLN O    O  N N 95  
GLN CB   C  N N 96  
GLN CG   C  N N 97  
GLN CD   C  N N 98  
GLN OE1  O  N N 99  
GLN NE2  N  N N 100 
GLN OXT  O  N N 101 
GLN H    H  N N 102 
GLN H2   H  N N 103 
GLN HA   H  N N 104 
GLN HB2  H  N N 105 
GLN HB3  H  N N 106 
GLN HG2  H  N N 107 
GLN HG3  H  N N 108 
GLN HE21 H  N N 109 
GLN HE22 H  N N 110 
GLN HXT  H  N N 111 
GLU N    N  N N 112 
GLU CA   C  N S 113 
GLU C    C  N N 114 
GLU O    O  N N 115 
GLU CB   C  N N 116 
GLU CG   C  N N 117 
GLU CD   C  N N 118 
GLU OE1  O  N N 119 
GLU OE2  O  N N 120 
GLU OXT  O  N N 121 
GLU H    H  N N 122 
GLU H2   H  N N 123 
GLU HA   H  N N 124 
GLU HB2  H  N N 125 
GLU HB3  H  N N 126 
GLU HG2  H  N N 127 
GLU HG3  H  N N 128 
GLU HE2  H  N N 129 
GLU HXT  H  N N 130 
GLY N    N  N N 131 
GLY CA   C  N N 132 
GLY C    C  N N 133 
GLY O    O  N N 134 
GLY OXT  O  N N 135 
GLY H    H  N N 136 
GLY H2   H  N N 137 
GLY HA2  H  N N 138 
GLY HA3  H  N N 139 
GLY HXT  H  N N 140 
HIS N    N  N N 141 
HIS CA   C  N S 142 
HIS C    C  N N 143 
HIS O    O  N N 144 
HIS CB   C  N N 145 
HIS CG   C  Y N 146 
HIS ND1  N  Y N 147 
HIS CD2  C  Y N 148 
HIS CE1  C  Y N 149 
HIS NE2  N  Y N 150 
HIS OXT  O  N N 151 
HIS H    H  N N 152 
HIS H2   H  N N 153 
HIS HA   H  N N 154 
HIS HB2  H  N N 155 
HIS HB3  H  N N 156 
HIS HD1  H  N N 157 
HIS HD2  H  N N 158 
HIS HE1  H  N N 159 
HIS HE2  H  N N 160 
HIS HXT  H  N N 161 
HOH O    O  N N 162 
HOH H1   H  N N 163 
HOH H2   H  N N 164 
ILE N    N  N N 165 
ILE CA   C  N S 166 
ILE C    C  N N 167 
ILE O    O  N N 168 
ILE CB   C  N S 169 
ILE CG1  C  N N 170 
ILE CG2  C  N N 171 
ILE CD1  C  N N 172 
ILE OXT  O  N N 173 
ILE H    H  N N 174 
ILE H2   H  N N 175 
ILE HA   H  N N 176 
ILE HB   H  N N 177 
ILE HG12 H  N N 178 
ILE HG13 H  N N 179 
ILE HG21 H  N N 180 
ILE HG22 H  N N 181 
ILE HG23 H  N N 182 
ILE HD11 H  N N 183 
ILE HD12 H  N N 184 
ILE HD13 H  N N 185 
ILE HXT  H  N N 186 
LEU N    N  N N 187 
LEU CA   C  N S 188 
LEU C    C  N N 189 
LEU O    O  N N 190 
LEU CB   C  N N 191 
LEU CG   C  N N 192 
LEU CD1  C  N N 193 
LEU CD2  C  N N 194 
LEU OXT  O  N N 195 
LEU H    H  N N 196 
LEU H2   H  N N 197 
LEU HA   H  N N 198 
LEU HB2  H  N N 199 
LEU HB3  H  N N 200 
LEU HG   H  N N 201 
LEU HD11 H  N N 202 
LEU HD12 H  N N 203 
LEU HD13 H  N N 204 
LEU HD21 H  N N 205 
LEU HD22 H  N N 206 
LEU HD23 H  N N 207 
LEU HXT  H  N N 208 
LYS N    N  N N 209 
LYS CA   C  N S 210 
LYS C    C  N N 211 
LYS O    O  N N 212 
LYS CB   C  N N 213 
LYS CG   C  N N 214 
LYS CD   C  N N 215 
LYS CE   C  N N 216 
LYS NZ   N  N N 217 
LYS OXT  O  N N 218 
LYS H    H  N N 219 
LYS H2   H  N N 220 
LYS HA   H  N N 221 
LYS HB2  H  N N 222 
LYS HB3  H  N N 223 
LYS HG2  H  N N 224 
LYS HG3  H  N N 225 
LYS HD2  H  N N 226 
LYS HD3  H  N N 227 
LYS HE2  H  N N 228 
LYS HE3  H  N N 229 
LYS HZ1  H  N N 230 
LYS HZ2  H  N N 231 
LYS HZ3  H  N N 232 
LYS HXT  H  N N 233 
MET N    N  N N 234 
MET CA   C  N S 235 
MET C    C  N N 236 
MET O    O  N N 237 
MET CB   C  N N 238 
MET CG   C  N N 239 
MET SD   S  N N 240 
MET CE   C  N N 241 
MET OXT  O  N N 242 
MET H    H  N N 243 
MET H2   H  N N 244 
MET HA   H  N N 245 
MET HB2  H  N N 246 
MET HB3  H  N N 247 
MET HG2  H  N N 248 
MET HG3  H  N N 249 
MET HE1  H  N N 250 
MET HE2  H  N N 251 
MET HE3  H  N N 252 
MET HXT  H  N N 253 
PHE N    N  N N 254 
PHE CA   C  N S 255 
PHE C    C  N N 256 
PHE O    O  N N 257 
PHE CB   C  N N 258 
PHE CG   C  Y N 259 
PHE CD1  C  Y N 260 
PHE CD2  C  Y N 261 
PHE CE1  C  Y N 262 
PHE CE2  C  Y N 263 
PHE CZ   C  Y N 264 
PHE OXT  O  N N 265 
PHE H    H  N N 266 
PHE H2   H  N N 267 
PHE HA   H  N N 268 
PHE HB2  H  N N 269 
PHE HB3  H  N N 270 
PHE HD1  H  N N 271 
PHE HD2  H  N N 272 
PHE HE1  H  N N 273 
PHE HE2  H  N N 274 
PHE HZ   H  N N 275 
PHE HXT  H  N N 276 
PRO N    N  N N 277 
PRO CA   C  N S 278 
PRO C    C  N N 279 
PRO O    O  N N 280 
PRO CB   C  N N 281 
PRO CG   C  N N 282 
PRO CD   C  N N 283 
PRO OXT  O  N N 284 
PRO H    H  N N 285 
PRO HA   H  N N 286 
PRO HB2  H  N N 287 
PRO HB3  H  N N 288 
PRO HG2  H  N N 289 
PRO HG3  H  N N 290 
PRO HD2  H  N N 291 
PRO HD3  H  N N 292 
PRO HXT  H  N N 293 
SER N    N  N N 294 
SER CA   C  N S 295 
SER C    C  N N 296 
SER O    O  N N 297 
SER CB   C  N N 298 
SER OG   O  N N 299 
SER OXT  O  N N 300 
SER H    H  N N 301 
SER H2   H  N N 302 
SER HA   H  N N 303 
SER HB2  H  N N 304 
SER HB3  H  N N 305 
SER HG   H  N N 306 
SER HXT  H  N N 307 
THR N    N  N N 308 
THR CA   C  N S 309 
THR C    C  N N 310 
THR O    O  N N 311 
THR CB   C  N R 312 
THR OG1  O  N N 313 
THR CG2  C  N N 314 
THR OXT  O  N N 315 
THR H    H  N N 316 
THR H2   H  N N 317 
THR HA   H  N N 318 
THR HB   H  N N 319 
THR HG1  H  N N 320 
THR HG21 H  N N 321 
THR HG22 H  N N 322 
THR HG23 H  N N 323 
THR HXT  H  N N 324 
TRP N    N  N N 325 
TRP CA   C  N S 326 
TRP C    C  N N 327 
TRP O    O  N N 328 
TRP CB   C  N N 329 
TRP CG   C  Y N 330 
TRP CD1  C  Y N 331 
TRP CD2  C  Y N 332 
TRP NE1  N  Y N 333 
TRP CE2  C  Y N 334 
TRP CE3  C  Y N 335 
TRP CZ2  C  Y N 336 
TRP CZ3  C  Y N 337 
TRP CH2  C  Y N 338 
TRP OXT  O  N N 339 
TRP H    H  N N 340 
TRP H2   H  N N 341 
TRP HA   H  N N 342 
TRP HB2  H  N N 343 
TRP HB3  H  N N 344 
TRP HD1  H  N N 345 
TRP HE1  H  N N 346 
TRP HE3  H  N N 347 
TRP HZ2  H  N N 348 
TRP HZ3  H  N N 349 
TRP HH2  H  N N 350 
TRP HXT  H  N N 351 
TYR N    N  N N 352 
TYR CA   C  N S 353 
TYR C    C  N N 354 
TYR O    O  N N 355 
TYR CB   C  N N 356 
TYR CG   C  Y N 357 
TYR CD1  C  Y N 358 
TYR CD2  C  Y N 359 
TYR CE1  C  Y N 360 
TYR CE2  C  Y N 361 
TYR CZ   C  Y N 362 
TYR OH   O  N N 363 
TYR OXT  O  N N 364 
TYR H    H  N N 365 
TYR H2   H  N N 366 
TYR HA   H  N N 367 
TYR HB2  H  N N 368 
TYR HB3  H  N N 369 
TYR HD1  H  N N 370 
TYR HD2  H  N N 371 
TYR HE1  H  N N 372 
TYR HE2  H  N N 373 
TYR HH   H  N N 374 
TYR HXT  H  N N 375 
VAL N    N  N N 376 
VAL CA   C  N S 377 
VAL C    C  N N 378 
VAL O    O  N N 379 
VAL CB   C  N N 380 
VAL CG1  C  N N 381 
VAL CG2  C  N N 382 
VAL OXT  O  N N 383 
VAL H    H  N N 384 
VAL H2   H  N N 385 
VAL HA   H  N N 386 
VAL HB   H  N N 387 
VAL HG11 H  N N 388 
VAL HG12 H  N N 389 
VAL HG13 H  N N 390 
VAL HG21 H  N N 391 
VAL HG22 H  N N 392 
VAL HG23 H  N N 393 
VAL HXT  H  N N 394 
# 
loop_
_chem_comp_bond.comp_id 
_chem_comp_bond.atom_id_1 
_chem_comp_bond.atom_id_2 
_chem_comp_bond.value_order 
_chem_comp_bond.pdbx_aromatic_flag 
_chem_comp_bond.pdbx_stereo_config 
_chem_comp_bond.pdbx_ordinal 
ALA N   CA   sing N N 1   
ALA N   H    sing N N 2   
ALA N   H2   sing N N 3   
ALA CA  C    sing N N 4   
ALA CA  CB   sing N N 5   
ALA CA  HA   sing N N 6   
ALA C   O    doub N N 7   
ALA C   OXT  sing N N 8   
ALA CB  HB1  sing N N 9   
ALA CB  HB2  sing N N 10  
ALA CB  HB3  sing N N 11  
ALA OXT HXT  sing N N 12  
ARG N   CA   sing N N 13  
ARG N   H    sing N N 14  
ARG N   H2   sing N N 15  
ARG CA  C    sing N N 16  
ARG CA  CB   sing N N 17  
ARG CA  HA   sing N N 18  
ARG C   O    doub N N 19  
ARG C   OXT  sing N N 20  
ARG CB  CG   sing N N 21  
ARG CB  HB2  sing N N 22  
ARG CB  HB3  sing N N 23  
ARG CG  CD   sing N N 24  
ARG CG  HG2  sing N N 25  
ARG CG  HG3  sing N N 26  
ARG CD  NE   sing N N 27  
ARG CD  HD2  sing N N 28  
ARG CD  HD3  sing N N 29  
ARG NE  CZ   sing N N 30  
ARG NE  HE   sing N N 31  
ARG CZ  NH1  sing N N 32  
ARG CZ  NH2  doub N N 33  
ARG NH1 HH11 sing N N 34  
ARG NH1 HH12 sing N N 35  
ARG NH2 HH21 sing N N 36  
ARG NH2 HH22 sing N N 37  
ARG OXT HXT  sing N N 38  
ASN N   CA   sing N N 39  
ASN N   H    sing N N 40  
ASN N   H2   sing N N 41  
ASN CA  C    sing N N 42  
ASN CA  CB   sing N N 43  
ASN CA  HA   sing N N 44  
ASN C   O    doub N N 45  
ASN C   OXT  sing N N 46  
ASN CB  CG   sing N N 47  
ASN CB  HB2  sing N N 48  
ASN CB  HB3  sing N N 49  
ASN CG  OD1  doub N N 50  
ASN CG  ND2  sing N N 51  
ASN ND2 HD21 sing N N 52  
ASN ND2 HD22 sing N N 53  
ASN OXT HXT  sing N N 54  
ASP N   CA   sing N N 55  
ASP N   H    sing N N 56  
ASP N   H2   sing N N 57  
ASP CA  C    sing N N 58  
ASP CA  CB   sing N N 59  
ASP CA  HA   sing N N 60  
ASP C   O    doub N N 61  
ASP C   OXT  sing N N 62  
ASP CB  CG   sing N N 63  
ASP CB  HB2  sing N N 64  
ASP CB  HB3  sing N N 65  
ASP CG  OD1  doub N N 66  
ASP CG  OD2  sing N N 67  
ASP OD2 HD2  sing N N 68  
ASP OXT HXT  sing N N 69  
BEN C1  C2   doub Y N 70  
BEN C1  C6   sing Y N 71  
BEN C1  C    sing N N 72  
BEN C2  C3   sing Y N 73  
BEN C2  H2   sing N N 74  
BEN C3  C4   doub Y N 75  
BEN C3  H3   sing N N 76  
BEN C4  C5   sing Y N 77  
BEN C4  H4   sing N N 78  
BEN C5  C6   doub Y N 79  
BEN C5  H5   sing N N 80  
BEN C6  H6   sing N N 81  
BEN C   N1   doub N E 82  
BEN C   N2   sing N N 83  
BEN N1  HN1  sing N N 84  
BEN N2  HN21 sing N N 85  
BEN N2  HN22 sing N N 86  
GLN N   CA   sing N N 87  
GLN N   H    sing N N 88  
GLN N   H2   sing N N 89  
GLN CA  C    sing N N 90  
GLN CA  CB   sing N N 91  
GLN CA  HA   sing N N 92  
GLN C   O    doub N N 93  
GLN C   OXT  sing N N 94  
GLN CB  CG   sing N N 95  
GLN CB  HB2  sing N N 96  
GLN CB  HB3  sing N N 97  
GLN CG  CD   sing N N 98  
GLN CG  HG2  sing N N 99  
GLN CG  HG3  sing N N 100 
GLN CD  OE1  doub N N 101 
GLN CD  NE2  sing N N 102 
GLN NE2 HE21 sing N N 103 
GLN NE2 HE22 sing N N 104 
GLN OXT HXT  sing N N 105 
GLU N   CA   sing N N 106 
GLU N   H    sing N N 107 
GLU N   H2   sing N N 108 
GLU CA  C    sing N N 109 
GLU CA  CB   sing N N 110 
GLU CA  HA   sing N N 111 
GLU C   O    doub N N 112 
GLU C   OXT  sing N N 113 
GLU CB  CG   sing N N 114 
GLU CB  HB2  sing N N 115 
GLU CB  HB3  sing N N 116 
GLU CG  CD   sing N N 117 
GLU CG  HG2  sing N N 118 
GLU CG  HG3  sing N N 119 
GLU CD  OE1  doub N N 120 
GLU CD  OE2  sing N N 121 
GLU OE2 HE2  sing N N 122 
GLU OXT HXT  sing N N 123 
GLY N   CA   sing N N 124 
GLY N   H    sing N N 125 
GLY N   H2   sing N N 126 
GLY CA  C    sing N N 127 
GLY CA  HA2  sing N N 128 
GLY CA  HA3  sing N N 129 
GLY C   O    doub N N 130 
GLY C   OXT  sing N N 131 
GLY OXT HXT  sing N N 132 
HIS N   CA   sing N N 133 
HIS N   H    sing N N 134 
HIS N   H2   sing N N 135 
HIS CA  C    sing N N 136 
HIS CA  CB   sing N N 137 
HIS CA  HA   sing N N 138 
HIS C   O    doub N N 139 
HIS C   OXT  sing N N 140 
HIS CB  CG   sing N N 141 
HIS CB  HB2  sing N N 142 
HIS CB  HB3  sing N N 143 
HIS CG  ND1  sing Y N 144 
HIS CG  CD2  doub Y N 145 
HIS ND1 CE1  doub Y N 146 
HIS ND1 HD1  sing N N 147 
HIS CD2 NE2  sing Y N 148 
HIS CD2 HD2  sing N N 149 
HIS CE1 NE2  sing Y N 150 
HIS CE1 HE1  sing N N 151 
HIS NE2 HE2  sing N N 152 
HIS OXT HXT  sing N N 153 
HOH O   H1   sing N N 154 
HOH O   H2   sing N N 155 
ILE N   CA   sing N N 156 
ILE N   H    sing N N 157 
ILE N   H2   sing N N 158 
ILE CA  C    sing N N 159 
ILE CA  CB   sing N N 160 
ILE CA  HA   sing N N 161 
ILE C   O    doub N N 162 
ILE C   OXT  sing N N 163 
ILE CB  CG1  sing N N 164 
ILE CB  CG2  sing N N 165 
ILE CB  HB   sing N N 166 
ILE CG1 CD1  sing N N 167 
ILE CG1 HG12 sing N N 168 
ILE CG1 HG13 sing N N 169 
ILE CG2 HG21 sing N N 170 
ILE CG2 HG22 sing N N 171 
ILE CG2 HG23 sing N N 172 
ILE CD1 HD11 sing N N 173 
ILE CD1 HD12 sing N N 174 
ILE CD1 HD13 sing N N 175 
ILE OXT HXT  sing N N 176 
LEU N   CA   sing N N 177 
LEU N   H    sing N N 178 
LEU N   H2   sing N N 179 
LEU CA  C    sing N N 180 
LEU CA  CB   sing N N 181 
LEU CA  HA   sing N N 182 
LEU C   O    doub N N 183 
LEU C   OXT  sing N N 184 
LEU CB  CG   sing N N 185 
LEU CB  HB2  sing N N 186 
LEU CB  HB3  sing N N 187 
LEU CG  CD1  sing N N 188 
LEU CG  CD2  sing N N 189 
LEU CG  HG   sing N N 190 
LEU CD1 HD11 sing N N 191 
LEU CD1 HD12 sing N N 192 
LEU CD1 HD13 sing N N 193 
LEU CD2 HD21 sing N N 194 
LEU CD2 HD22 sing N N 195 
LEU CD2 HD23 sing N N 196 
LEU OXT HXT  sing N N 197 
LYS N   CA   sing N N 198 
LYS N   H    sing N N 199 
LYS N   H2   sing N N 200 
LYS CA  C    sing N N 201 
LYS CA  CB   sing N N 202 
LYS CA  HA   sing N N 203 
LYS C   O    doub N N 204 
LYS C   OXT  sing N N 205 
LYS CB  CG   sing N N 206 
LYS CB  HB2  sing N N 207 
LYS CB  HB3  sing N N 208 
LYS CG  CD   sing N N 209 
LYS CG  HG2  sing N N 210 
LYS CG  HG3  sing N N 211 
LYS CD  CE   sing N N 212 
LYS CD  HD2  sing N N 213 
LYS CD  HD3  sing N N 214 
LYS CE  NZ   sing N N 215 
LYS CE  HE2  sing N N 216 
LYS CE  HE3  sing N N 217 
LYS NZ  HZ1  sing N N 218 
LYS NZ  HZ2  sing N N 219 
LYS NZ  HZ3  sing N N 220 
LYS OXT HXT  sing N N 221 
MET N   CA   sing N N 222 
MET N   H    sing N N 223 
MET N   H2   sing N N 224 
MET CA  C    sing N N 225 
MET CA  CB   sing N N 226 
MET CA  HA   sing N N 227 
MET C   O    doub N N 228 
MET C   OXT  sing N N 229 
MET CB  CG   sing N N 230 
MET CB  HB2  sing N N 231 
MET CB  HB3  sing N N 232 
MET CG  SD   sing N N 233 
MET CG  HG2  sing N N 234 
MET CG  HG3  sing N N 235 
MET SD  CE   sing N N 236 
MET CE  HE1  sing N N 237 
MET CE  HE2  sing N N 238 
MET CE  HE3  sing N N 239 
MET OXT HXT  sing N N 240 
PHE N   CA   sing N N 241 
PHE N   H    sing N N 242 
PHE N   H2   sing N N 243 
PHE CA  C    sing N N 244 
PHE CA  CB   sing N N 245 
PHE CA  HA   sing N N 246 
PHE C   O    doub N N 247 
PHE C   OXT  sing N N 248 
PHE CB  CG   sing N N 249 
PHE CB  HB2  sing N N 250 
PHE CB  HB3  sing N N 251 
PHE CG  CD1  doub Y N 252 
PHE CG  CD2  sing Y N 253 
PHE CD1 CE1  sing Y N 254 
PHE CD1 HD1  sing N N 255 
PHE CD2 CE2  doub Y N 256 
PHE CD2 HD2  sing N N 257 
PHE CE1 CZ   doub Y N 258 
PHE CE1 HE1  sing N N 259 
PHE CE2 CZ   sing Y N 260 
PHE CE2 HE2  sing N N 261 
PHE CZ  HZ   sing N N 262 
PHE OXT HXT  sing N N 263 
PRO N   CA   sing N N 264 
PRO N   CD   sing N N 265 
PRO N   H    sing N N 266 
PRO CA  C    sing N N 267 
PRO CA  CB   sing N N 268 
PRO CA  HA   sing N N 269 
PRO C   O    doub N N 270 
PRO C   OXT  sing N N 271 
PRO CB  CG   sing N N 272 
PRO CB  HB2  sing N N 273 
PRO CB  HB3  sing N N 274 
PRO CG  CD   sing N N 275 
PRO CG  HG2  sing N N 276 
PRO CG  HG3  sing N N 277 
PRO CD  HD2  sing N N 278 
PRO CD  HD3  sing N N 279 
PRO OXT HXT  sing N N 280 
SER N   CA   sing N N 281 
SER N   H    sing N N 282 
SER N   H2   sing N N 283 
SER CA  C    sing N N 284 
SER CA  CB   sing N N 285 
SER CA  HA   sing N N 286 
SER C   O    doub N N 287 
SER C   OXT  sing N N 288 
SER CB  OG   sing N N 289 
SER CB  HB2  sing N N 290 
SER CB  HB3  sing N N 291 
SER OG  HG   sing N N 292 
SER OXT HXT  sing N N 293 
THR N   CA   sing N N 294 
THR N   H    sing N N 295 
THR N   H2   sing N N 296 
THR CA  C    sing N N 297 
THR CA  CB   sing N N 298 
THR CA  HA   sing N N 299 
THR C   O    doub N N 300 
THR C   OXT  sing N N 301 
THR CB  OG1  sing N N 302 
THR CB  CG2  sing N N 303 
THR CB  HB   sing N N 304 
THR OG1 HG1  sing N N 305 
THR CG2 HG21 sing N N 306 
THR CG2 HG22 sing N N 307 
THR CG2 HG23 sing N N 308 
THR OXT HXT  sing N N 309 
TRP N   CA   sing N N 310 
TRP N   H    sing N N 311 
TRP N   H2   sing N N 312 
TRP CA  C    sing N N 313 
TRP CA  CB   sing N N 314 
TRP CA  HA   sing N N 315 
TRP C   O    doub N N 316 
TRP C   OXT  sing N N 317 
TRP CB  CG   sing N N 318 
TRP CB  HB2  sing N N 319 
TRP CB  HB3  sing N N 320 
TRP CG  CD1  doub Y N 321 
TRP CG  CD2  sing Y N 322 
TRP CD1 NE1  sing Y N 323 
TRP CD1 HD1  sing N N 324 
TRP CD2 CE2  doub Y N 325 
TRP CD2 CE3  sing Y N 326 
TRP NE1 CE2  sing Y N 327 
TRP NE1 HE1  sing N N 328 
TRP CE2 CZ2  sing Y N 329 
TRP CE3 CZ3  doub Y N 330 
TRP CE3 HE3  sing N N 331 
TRP CZ2 CH2  doub Y N 332 
TRP CZ2 HZ2  sing N N 333 
TRP CZ3 CH2  sing Y N 334 
TRP CZ3 HZ3  sing N N 335 
TRP CH2 HH2  sing N N 336 
TRP OXT HXT  sing N N 337 
TYR N   CA   sing N N 338 
TYR N   H    sing N N 339 
TYR N   H2   sing N N 340 
TYR CA  C    sing N N 341 
TYR CA  CB   sing N N 342 
TYR CA  HA   sing N N 343 
TYR C   O    doub N N 344 
TYR C   OXT  sing N N 345 
TYR CB  CG   sing N N 346 
TYR CB  HB2  sing N N 347 
TYR CB  HB3  sing N N 348 
TYR CG  CD1  doub Y N 349 
TYR CG  CD2  sing Y N 350 
TYR CD1 CE1  sing Y N 351 
TYR CD1 HD1  sing N N 352 
TYR CD2 CE2  doub Y N 353 
TYR CD2 HD2  sing N N 354 
TYR CE1 CZ   doub Y N 355 
TYR CE1 HE1  sing N N 356 
TYR CE2 CZ   sing Y N 357 
TYR CE2 HE2  sing N N 358 
TYR CZ  OH   sing N N 359 
TYR OH  HH   sing N N 360 
TYR OXT HXT  sing N N 361 
VAL N   CA   sing N N 362 
VAL N   H    sing N N 363 
VAL N   H2   sing N N 364 
VAL CA  C    sing N N 365 
VAL CA  CB   sing N N 366 
VAL CA  HA   sing N N 367 
VAL C   O    doub N N 368 
VAL C   OXT  sing N N 369 
VAL CB  CG1  sing N N 370 
VAL CB  CG2  sing N N 371 
VAL CB  HB   sing N N 372 
VAL CG1 HG11 sing N N 373 
VAL CG1 HG12 sing N N 374 
VAL CG1 HG13 sing N N 375 
VAL CG2 HG21 sing N N 376 
VAL CG2 HG22 sing N N 377 
VAL CG2 HG23 sing N N 378 
VAL OXT HXT  sing N N 379 
# 
loop_
_pdbx_entity_nonpoly.entity_id 
_pdbx_entity_nonpoly.name 
_pdbx_entity_nonpoly.comp_id 
2 BENZAMIDINE    BEN 
3 'CHLORIDE ION' CL  
4 water          HOH 
# 
_pdbx_initial_refinement_model.id               1 
_pdbx_initial_refinement_model.entity_id_list   ? 
_pdbx_initial_refinement_model.type             'experimental model' 
_pdbx_initial_refinement_model.source_name      PDB 
_pdbx_initial_refinement_model.accession_code   1FUE 
_pdbx_initial_refinement_model.details          'PDB ENTRY 1FUE' 
# 
